data_6L75
# 
_entry.id   6L75 
# 
_audit_conform.dict_name       mmcif_pdbx.dic 
_audit_conform.dict_version    5.387 
_audit_conform.dict_location   http://mmcif.pdb.org/dictionaries/ascii/mmcif_pdbx.dic 
# 
loop_
_database_2.database_id 
_database_2.database_code 
_database_2.pdbx_database_accession 
_database_2.pdbx_DOI 
PDB   6L75         pdb_00006l75 10.2210/pdb6l75/pdb 
WWPDB D_1300014308 ?            ?                   
# 
loop_
_pdbx_audit_revision_history.ordinal 
_pdbx_audit_revision_history.data_content_type 
_pdbx_audit_revision_history.major_revision 
_pdbx_audit_revision_history.minor_revision 
_pdbx_audit_revision_history.revision_date 
1 'Structure model' 1 0 2021-01-13 
2 'Structure model' 1 1 2021-05-26 
3 'Structure model' 1 2 2021-10-06 
4 'Structure model' 1 3 2024-04-03 
# 
_pdbx_audit_revision_details.ordinal             1 
_pdbx_audit_revision_details.revision_ordinal    1 
_pdbx_audit_revision_details.data_content_type   'Structure model' 
_pdbx_audit_revision_details.provider            repository 
_pdbx_audit_revision_details.type                'Initial release' 
_pdbx_audit_revision_details.description         ? 
_pdbx_audit_revision_details.details             ? 
# 
loop_
_pdbx_audit_revision_group.ordinal 
_pdbx_audit_revision_group.revision_ordinal 
_pdbx_audit_revision_group.data_content_type 
_pdbx_audit_revision_group.group 
1 2 'Structure model' 'Database references'    
2 3 'Structure model' 'Database references'    
3 4 'Structure model' 'Data collection'        
4 4 'Structure model' 'Refinement description' 
# 
loop_
_pdbx_audit_revision_category.ordinal 
_pdbx_audit_revision_category.revision_ordinal 
_pdbx_audit_revision_category.data_content_type 
_pdbx_audit_revision_category.category 
1 2 'Structure model' citation                      
2 2 'Structure model' citation_author               
3 3 'Structure model' citation                      
4 3 'Structure model' citation_author               
5 3 'Structure model' database_2                    
6 4 'Structure model' chem_comp_atom                
7 4 'Structure model' chem_comp_bond                
8 4 'Structure model' pdbx_initial_refinement_model 
# 
loop_
_pdbx_audit_revision_item.ordinal 
_pdbx_audit_revision_item.revision_ordinal 
_pdbx_audit_revision_item.data_content_type 
_pdbx_audit_revision_item.item 
1  2 'Structure model' '_citation.country'                   
2  2 'Structure model' '_citation.journal_abbrev'            
3  2 'Structure model' '_citation.journal_id_ASTM'           
4  2 'Structure model' '_citation.journal_id_CSD'            
5  2 'Structure model' '_citation.journal_id_ISSN'           
6  2 'Structure model' '_citation.pdbx_database_id_DOI'      
7  2 'Structure model' '_citation.pdbx_database_id_PubMed'   
8  2 'Structure model' '_citation.title'                     
9  2 'Structure model' '_citation.year'                      
10 3 'Structure model' '_citation.journal_volume'            
11 3 'Structure model' '_citation.page_first'                
12 3 'Structure model' '_citation.page_last'                 
13 3 'Structure model' '_citation_author.identifier_ORCID'   
14 3 'Structure model' '_database_2.pdbx_DOI'                
15 3 'Structure model' '_database_2.pdbx_database_accession' 
# 
_pdbx_database_status.status_code                     REL 
_pdbx_database_status.status_code_sf                  REL 
_pdbx_database_status.status_code_mr                  ? 
_pdbx_database_status.entry_id                        6L75 
_pdbx_database_status.recvd_initial_deposition_date   2019-10-31 
_pdbx_database_status.SG_entry                        N 
_pdbx_database_status.deposit_site                    PDBJ 
_pdbx_database_status.process_site                    PDBJ 
_pdbx_database_status.status_code_cs                  ? 
_pdbx_database_status.methods_development_category    ? 
_pdbx_database_status.pdb_format_compatible           Y 
_pdbx_database_status.status_code_nmr_data            ? 
# 
loop_
_audit_author.name 
_audit_author.pdbx_ordinal 
_audit_author.identifier_ORCID 
'Hou, M.H.'     1 ? 
'Satange, R.B.' 2 ? 
'Zeng, J.Y.'    3 ? 
# 
_citation.abstract                  ? 
_citation.abstract_id_CAS           ? 
_citation.book_id_ISBN              ? 
_citation.book_publisher            ? 
_citation.book_publisher_city       ? 
_citation.book_title                ? 
_citation.coordinate_linkage        ? 
_citation.country                   UK 
_citation.database_id_Medline       ? 
_citation.details                   ? 
_citation.id                        primary 
_citation.journal_abbrev            'Nucleic Acids Res.' 
_citation.journal_id_ASTM           NARHAD 
_citation.journal_id_CSD            0389 
_citation.journal_id_ISSN           1362-4962 
_citation.journal_full              ? 
_citation.journal_issue             ? 
_citation.journal_volume            49 
_citation.language                  ? 
_citation.page_first                9526 
_citation.page_last                 9538 
_citation.title                     
;Targeting the ALS/FTD-associated A-DNA kink with anthracene-based metal complex causes DNA backbone straightening and groove contraction.
;
_citation.year                      2021 
_citation.database_id_CSD           ? 
_citation.pdbx_database_id_DOI      10.1093/nar/gkab227 
_citation.pdbx_database_id_PubMed   33836081 
_citation.unpublished_flag          ? 
# 
loop_
_citation_author.citation_id 
_citation_author.name 
_citation_author.ordinal 
_citation_author.identifier_ORCID 
primary 'Jhan, C.R.'  1 ?                   
primary 'Satange, R.' 2 ?                   
primary 'Wang, S.C.'  3 ?                   
primary 'Zeng, J.Y.'  4 ?                   
primary 'Horng, Y.C.' 5 ?                   
primary 'Jin, P.'     6 0000-0001-6137-6659 
primary 'Neidle, S.'  7 0000-0003-0622-6548 
primary 'Hou, M.H.'   8 0000-0003-4170-1527 
# 
loop_
_entity.id 
_entity.type 
_entity.src_method 
_entity.pdbx_description 
_entity.formula_weight 
_entity.pdbx_number_of_molecules 
_entity.pdbx_ec 
_entity.pdbx_mutation 
_entity.pdbx_fragment 
_entity.details 
1 polymer syn 
;DNA (5'-D(P*GP*TP*GP*GP*GP*CP*CP*GP*AP*C)-3')
;
3086.016 1   ? ? ? ? 
2 polymer syn 
;DNA (5'-D(P*GP*TP*GP*GP*GP*CP*CP*GP*AP*C)-3')
;
3005.969 1   ? ? ? ? 
3 water   nat water                                           18.015   124 ? ? ? ? 
# 
loop_
_entity_poly.entity_id 
_entity_poly.type 
_entity_poly.nstd_linkage 
_entity_poly.nstd_monomer 
_entity_poly.pdbx_seq_one_letter_code 
_entity_poly.pdbx_seq_one_letter_code_can 
_entity_poly.pdbx_strand_id 
_entity_poly.pdbx_target_identifier 
1 polydeoxyribonucleotide no no '(DG)(DT)(DG)(DG)(DG)(DC)(DC)(DG)(DA)(DC)' GTGGGCCGAC A ? 
2 polydeoxyribonucleotide no no '(DG)(DT)(DC)(DG)(DG)(DC)(DC)(DC)(DA)(DC)' GTCGGCCCAC B ? 
# 
_pdbx_entity_nonpoly.entity_id   3 
_pdbx_entity_nonpoly.name        water 
_pdbx_entity_nonpoly.comp_id     HOH 
# 
loop_
_entity_poly_seq.entity_id 
_entity_poly_seq.num 
_entity_poly_seq.mon_id 
_entity_poly_seq.hetero 
1 1  DG n 
1 2  DT n 
1 3  DG n 
1 4  DG n 
1 5  DG n 
1 6  DC n 
1 7  DC n 
1 8  DG n 
1 9  DA n 
1 10 DC n 
2 1  DG n 
2 2  DT n 
2 3  DC n 
2 4  DG n 
2 5  DG n 
2 6  DC n 
2 7  DC n 
2 8  DC n 
2 9  DA n 
2 10 DC n 
# 
loop_
_pdbx_entity_src_syn.entity_id 
_pdbx_entity_src_syn.pdbx_src_id 
_pdbx_entity_src_syn.pdbx_alt_source_flag 
_pdbx_entity_src_syn.pdbx_beg_seq_num 
_pdbx_entity_src_syn.pdbx_end_seq_num 
_pdbx_entity_src_syn.organism_scientific 
_pdbx_entity_src_syn.organism_common_name 
_pdbx_entity_src_syn.ncbi_taxonomy_id 
_pdbx_entity_src_syn.details 
1 1 sample 1 10 'synthetic construct' ? 32630 ? 
2 1 sample 1 10 'synthetic construct' ? 32630 ? 
# 
loop_
_chem_comp.id 
_chem_comp.type 
_chem_comp.mon_nstd_flag 
_chem_comp.name 
_chem_comp.pdbx_synonyms 
_chem_comp.formula 
_chem_comp.formula_weight 
DA  'DNA linking' y "2'-DEOXYADENOSINE-5'-MONOPHOSPHATE" ? 'C10 H14 N5 O6 P' 331.222 
DC  'DNA linking' y "2'-DEOXYCYTIDINE-5'-MONOPHOSPHATE"  ? 'C9 H14 N3 O7 P'  307.197 
DG  'DNA linking' y "2'-DEOXYGUANOSINE-5'-MONOPHOSPHATE" ? 'C10 H14 N5 O7 P' 347.221 
DT  'DNA linking' y "THYMIDINE-5'-MONOPHOSPHATE"         ? 'C10 H15 N2 O8 P' 322.208 
HOH non-polymer   . WATER                                ? 'H2 O'            18.015  
# 
loop_
_pdbx_poly_seq_scheme.asym_id 
_pdbx_poly_seq_scheme.entity_id 
_pdbx_poly_seq_scheme.seq_id 
_pdbx_poly_seq_scheme.mon_id 
_pdbx_poly_seq_scheme.ndb_seq_num 
_pdbx_poly_seq_scheme.pdb_seq_num 
_pdbx_poly_seq_scheme.auth_seq_num 
_pdbx_poly_seq_scheme.pdb_mon_id 
_pdbx_poly_seq_scheme.auth_mon_id 
_pdbx_poly_seq_scheme.pdb_strand_id 
_pdbx_poly_seq_scheme.pdb_ins_code 
_pdbx_poly_seq_scheme.hetero 
A 1 1  DG 1  1  1  DG DG A . n 
A 1 2  DT 2  2  2  DT DT A . n 
A 1 3  DG 3  3  3  DG DG A . n 
A 1 4  DG 4  4  4  DG DG A . n 
A 1 5  DG 5  5  5  DG DG A . n 
A 1 6  DC 6  6  6  DC DC A . n 
A 1 7  DC 7  7  7  DC DC A . n 
A 1 8  DG 8  8  8  DG DG A . n 
A 1 9  DA 9  9  9  DA DA A . n 
A 1 10 DC 10 10 10 DC DC A . n 
B 2 1  DG 1  1  1  DG DG B . n 
B 2 2  DT 2  2  2  DT DT B . n 
B 2 3  DC 3  3  3  DC DC B . n 
B 2 4  DG 4  4  4  DG DG B . n 
B 2 5  DG 5  5  5  DG DG B . n 
B 2 6  DC 6  6  6  DC DC B . n 
B 2 7  DC 7  7  7  DC DC B . n 
B 2 8  DC 8  8  8  DC DC B . n 
B 2 9  DA 9  9  9  DA DA B . n 
B 2 10 DC 10 10 10 DC DC B . n 
# 
loop_
_pdbx_nonpoly_scheme.asym_id 
_pdbx_nonpoly_scheme.entity_id 
_pdbx_nonpoly_scheme.mon_id 
_pdbx_nonpoly_scheme.ndb_seq_num 
_pdbx_nonpoly_scheme.pdb_seq_num 
_pdbx_nonpoly_scheme.auth_seq_num 
_pdbx_nonpoly_scheme.pdb_mon_id 
_pdbx_nonpoly_scheme.auth_mon_id 
_pdbx_nonpoly_scheme.pdb_strand_id 
_pdbx_nonpoly_scheme.pdb_ins_code 
C 3 HOH 1  101 104 HOH HOH A . 
C 3 HOH 2  102 64  HOH HOH A . 
C 3 HOH 3  103 76  HOH HOH A . 
C 3 HOH 4  104 51  HOH HOH A . 
C 3 HOH 5  105 59  HOH HOH A . 
C 3 HOH 6  106 53  HOH HOH A . 
C 3 HOH 7  107 4   HOH HOH A . 
C 3 HOH 8  108 52  HOH HOH A . 
C 3 HOH 9  109 43  HOH HOH A . 
C 3 HOH 10 110 47  HOH HOH A . 
C 3 HOH 11 111 40  HOH HOH A . 
C 3 HOH 12 112 8   HOH HOH A . 
C 3 HOH 13 113 28  HOH HOH A . 
C 3 HOH 14 114 6   HOH HOH A . 
C 3 HOH 15 115 22  HOH HOH A . 
C 3 HOH 16 116 17  HOH HOH A . 
C 3 HOH 17 117 80  HOH HOH A . 
C 3 HOH 18 118 23  HOH HOH A . 
C 3 HOH 19 119 13  HOH HOH A . 
C 3 HOH 20 120 68  HOH HOH A . 
C 3 HOH 21 121 39  HOH HOH A . 
C 3 HOH 22 122 77  HOH HOH A . 
C 3 HOH 23 123 30  HOH HOH A . 
C 3 HOH 24 124 87  HOH HOH A . 
C 3 HOH 25 125 129 HOH HOH A . 
C 3 HOH 26 126 131 HOH HOH A . 
C 3 HOH 27 127 3   HOH HOH A . 
C 3 HOH 28 128 63  HOH HOH A . 
C 3 HOH 29 129 62  HOH HOH A . 
C 3 HOH 30 130 31  HOH HOH A . 
C 3 HOH 31 131 10  HOH HOH A . 
C 3 HOH 32 132 82  HOH HOH A . 
C 3 HOH 33 133 74  HOH HOH A . 
C 3 HOH 34 134 20  HOH HOH A . 
C 3 HOH 35 135 25  HOH HOH A . 
C 3 HOH 36 136 1   HOH HOH A . 
C 3 HOH 37 137 36  HOH HOH A . 
C 3 HOH 38 138 60  HOH HOH A . 
C 3 HOH 39 139 101 HOH HOH A . 
C 3 HOH 40 140 75  HOH HOH A . 
C 3 HOH 41 141 71  HOH HOH A . 
C 3 HOH 42 142 85  HOH HOH A . 
C 3 HOH 43 143 92  HOH HOH A . 
C 3 HOH 44 144 98  HOH HOH A . 
C 3 HOH 45 145 81  HOH HOH A . 
C 3 HOH 46 146 48  HOH HOH A . 
C 3 HOH 47 147 19  HOH HOH A . 
C 3 HOH 48 148 109 HOH HOH A . 
C 3 HOH 49 149 42  HOH HOH A . 
C 3 HOH 50 150 54  HOH HOH A . 
C 3 HOH 51 151 50  HOH HOH A . 
C 3 HOH 52 152 61  HOH HOH A . 
C 3 HOH 53 153 112 HOH HOH A . 
C 3 HOH 54 154 96  HOH HOH A . 
C 3 HOH 55 155 11  HOH HOH A . 
C 3 HOH 56 156 114 HOH HOH A . 
C 3 HOH 57 157 127 HOH HOH A . 
C 3 HOH 58 158 123 HOH HOH A . 
C 3 HOH 59 159 111 HOH HOH A . 
C 3 HOH 60 160 89  HOH HOH A . 
C 3 HOH 61 161 78  HOH HOH A . 
C 3 HOH 62 162 57  HOH HOH A . 
C 3 HOH 63 163 137 HOH HOH A . 
C 3 HOH 64 164 91  HOH HOH A . 
D 3 HOH 1  101 84  HOH HOH B . 
D 3 HOH 2  102 65  HOH HOH B . 
D 3 HOH 3  103 32  HOH HOH B . 
D 3 HOH 4  104 2   HOH HOH B . 
D 3 HOH 5  105 103 HOH HOH B . 
D 3 HOH 6  106 70  HOH HOH B . 
D 3 HOH 7  107 83  HOH HOH B . 
D 3 HOH 8  108 86  HOH HOH B . 
D 3 HOH 9  109 27  HOH HOH B . 
D 3 HOH 10 110 73  HOH HOH B . 
D 3 HOH 11 111 44  HOH HOH B . 
D 3 HOH 12 112 99  HOH HOH B . 
D 3 HOH 13 113 35  HOH HOH B . 
D 3 HOH 14 114 34  HOH HOH B . 
D 3 HOH 15 115 110 HOH HOH B . 
D 3 HOH 16 116 94  HOH HOH B . 
D 3 HOH 17 117 69  HOH HOH B . 
D 3 HOH 18 118 7   HOH HOH B . 
D 3 HOH 19 119 88  HOH HOH B . 
D 3 HOH 20 120 24  HOH HOH B . 
D 3 HOH 21 121 16  HOH HOH B . 
D 3 HOH 22 122 90  HOH HOH B . 
D 3 HOH 23 123 14  HOH HOH B . 
D 3 HOH 24 124 15  HOH HOH B . 
D 3 HOH 25 125 38  HOH HOH B . 
D 3 HOH 26 126 46  HOH HOH B . 
D 3 HOH 27 127 55  HOH HOH B . 
D 3 HOH 28 128 72  HOH HOH B . 
D 3 HOH 29 129 5   HOH HOH B . 
D 3 HOH 30 130 21  HOH HOH B . 
D 3 HOH 31 131 132 HOH HOH B . 
D 3 HOH 32 132 100 HOH HOH B . 
D 3 HOH 33 133 9   HOH HOH B . 
D 3 HOH 34 134 18  HOH HOH B . 
D 3 HOH 35 135 56  HOH HOH B . 
D 3 HOH 36 136 49  HOH HOH B . 
D 3 HOH 37 137 37  HOH HOH B . 
D 3 HOH 38 138 58  HOH HOH B . 
D 3 HOH 39 139 33  HOH HOH B . 
D 3 HOH 40 140 122 HOH HOH B . 
D 3 HOH 41 141 12  HOH HOH B . 
D 3 HOH 42 142 105 HOH HOH B . 
D 3 HOH 43 143 67  HOH HOH B . 
D 3 HOH 44 144 128 HOH HOH B . 
D 3 HOH 45 145 66  HOH HOH B . 
D 3 HOH 46 146 134 HOH HOH B . 
D 3 HOH 47 147 29  HOH HOH B . 
D 3 HOH 48 148 107 HOH HOH B . 
D 3 HOH 49 149 95  HOH HOH B . 
D 3 HOH 50 150 45  HOH HOH B . 
D 3 HOH 51 151 133 HOH HOH B . 
D 3 HOH 52 152 41  HOH HOH B . 
D 3 HOH 53 153 26  HOH HOH B . 
D 3 HOH 54 154 79  HOH HOH B . 
D 3 HOH 55 155 108 HOH HOH B . 
D 3 HOH 56 156 124 HOH HOH B . 
D 3 HOH 57 157 126 HOH HOH B . 
D 3 HOH 58 158 102 HOH HOH B . 
D 3 HOH 59 159 93  HOH HOH B . 
D 3 HOH 60 160 115 HOH HOH B . 
# 
loop_
_software.citation_id 
_software.classification 
_software.compiler_name 
_software.compiler_version 
_software.contact_author 
_software.contact_author_email 
_software.date 
_software.description 
_software.dependencies 
_software.hardware 
_software.language 
_software.location 
_software.mods 
_software.name 
_software.os 
_software.os_version 
_software.type 
_software.version 
_software.pdbx_ordinal 
? refinement       ? ? ? ? ? ? ? ? ? ? ? PHENIX   ? ? ? 1.14_3260 1 
? 'data scaling'   ? ? ? ? ? ? ? ? ? ? ? HKL-2000 ? ? ? .         2 
? 'data reduction' ? ? ? ? ? ? ? ? ? ? ? HKL-2000 ? ? ? .         3 
? phasing          ? ? ? ? ? ? ? ? ? ? ? PHENIX   ? ? ? .         4 
# 
_cell.angle_alpha                  90.000 
_cell.angle_alpha_esd              ? 
_cell.angle_beta                   90.000 
_cell.angle_beta_esd               ? 
_cell.angle_gamma                  120.000 
_cell.angle_gamma_esd              ? 
_cell.entry_id                     6L75 
_cell.details                      ? 
_cell.formula_units_Z              ? 
_cell.length_a                     38.457 
_cell.length_a_esd                 ? 
_cell.length_b                     38.457 
_cell.length_b_esd                 ? 
_cell.length_c                     79.935 
_cell.length_c_esd                 ? 
_cell.volume                       ? 
_cell.volume_esd                   ? 
_cell.Z_PDB                        6 
_cell.reciprocal_angle_alpha       ? 
_cell.reciprocal_angle_beta        ? 
_cell.reciprocal_angle_gamma       ? 
_cell.reciprocal_angle_alpha_esd   ? 
_cell.reciprocal_angle_beta_esd    ? 
_cell.reciprocal_angle_gamma_esd   ? 
_cell.reciprocal_length_a          ? 
_cell.reciprocal_length_b          ? 
_cell.reciprocal_length_c          ? 
_cell.reciprocal_length_a_esd      ? 
_cell.reciprocal_length_b_esd      ? 
_cell.reciprocal_length_c_esd      ? 
_cell.pdbx_unique_axis             ? 
# 
_symmetry.entry_id                         6L75 
_symmetry.cell_setting                     ? 
_symmetry.Int_Tables_number                152 
_symmetry.space_group_name_Hall            ? 
_symmetry.space_group_name_H-M             'P 31 2 1' 
_symmetry.pdbx_full_space_group_name_H-M   ? 
# 
_exptl.absorpt_coefficient_mu     ? 
_exptl.absorpt_correction_T_max   ? 
_exptl.absorpt_correction_T_min   ? 
_exptl.absorpt_correction_type    ? 
_exptl.absorpt_process_details    ? 
_exptl.entry_id                   6L75 
_exptl.crystals_number            1 
_exptl.details                    ? 
_exptl.method                     'X-RAY DIFFRACTION' 
_exptl.method_details             ? 
# 
_exptl_crystal.colour                      ? 
_exptl_crystal.density_diffrn              ? 
_exptl_crystal.density_Matthews            2.80 
_exptl_crystal.density_method              ? 
_exptl_crystal.density_percent_sol         56.09 
_exptl_crystal.description                 ? 
_exptl_crystal.F_000                       ? 
_exptl_crystal.id                          1 
_exptl_crystal.preparation                 ? 
_exptl_crystal.size_max                    ? 
_exptl_crystal.size_mid                    ? 
_exptl_crystal.size_min                    ? 
_exptl_crystal.size_rad                    ? 
_exptl_crystal.colour_lustre               ? 
_exptl_crystal.colour_modifier             ? 
_exptl_crystal.colour_primary              ? 
_exptl_crystal.density_meas                ? 
_exptl_crystal.density_meas_esd            ? 
_exptl_crystal.density_meas_gt             ? 
_exptl_crystal.density_meas_lt             ? 
_exptl_crystal.density_meas_temp           ? 
_exptl_crystal.density_meas_temp_esd       ? 
_exptl_crystal.density_meas_temp_gt        ? 
_exptl_crystal.density_meas_temp_lt        ? 
_exptl_crystal.pdbx_crystal_image_url      ? 
_exptl_crystal.pdbx_crystal_image_format   ? 
_exptl_crystal.pdbx_mosaicity              ? 
_exptl_crystal.pdbx_mosaicity_esd          ? 
# 
_exptl_crystal_grow.apparatus       ? 
_exptl_crystal_grow.atmosphere      ? 
_exptl_crystal_grow.crystal_id      1 
_exptl_crystal_grow.details         ? 
_exptl_crystal_grow.method          'VAPOR DIFFUSION, SITTING DROP' 
_exptl_crystal_grow.method_ref      ? 
_exptl_crystal_grow.pH              ? 
_exptl_crystal_grow.pressure        ? 
_exptl_crystal_grow.pressure_esd    ? 
_exptl_crystal_grow.seeding         ? 
_exptl_crystal_grow.seeding_ref     ? 
_exptl_crystal_grow.temp            277 
_exptl_crystal_grow.temp_details    ? 
_exptl_crystal_grow.temp_esd        ? 
_exptl_crystal_grow.time            ? 
_exptl_crystal_grow.pdbx_details    '1mM DNA, 100mM Licl, 10mM MnCl2, 50mM MES (pH 6.5), 2.6M Sodium malonate dibasic monohydrate' 
_exptl_crystal_grow.pdbx_pH_range   ? 
# 
_diffrn.ambient_environment              ? 
_diffrn.ambient_temp                     100 
_diffrn.ambient_temp_details             ? 
_diffrn.ambient_temp_esd                 ? 
_diffrn.crystal_id                       1 
_diffrn.crystal_support                  ? 
_diffrn.crystal_treatment                ? 
_diffrn.details                          ? 
_diffrn.id                               1 
_diffrn.ambient_pressure                 ? 
_diffrn.ambient_pressure_esd             ? 
_diffrn.ambient_pressure_gt              ? 
_diffrn.ambient_pressure_lt              ? 
_diffrn.ambient_temp_gt                  ? 
_diffrn.ambient_temp_lt                  ? 
_diffrn.pdbx_serial_crystal_experiment   N 
# 
_diffrn_detector.details                      ? 
_diffrn_detector.detector                     CCD 
_diffrn_detector.diffrn_id                    1 
_diffrn_detector.type                         'RAYONIX MX300HE' 
_diffrn_detector.area_resol_mean              ? 
_diffrn_detector.dtime                        ? 
_diffrn_detector.pdbx_frames_total            ? 
_diffrn_detector.pdbx_collection_time_total   ? 
_diffrn_detector.pdbx_collection_date         2017-11-11 
_diffrn_detector.pdbx_frequency               ? 
# 
_diffrn_radiation.collimation                      ? 
_diffrn_radiation.diffrn_id                        1 
_diffrn_radiation.filter_edge                      ? 
_diffrn_radiation.inhomogeneity                    ? 
_diffrn_radiation.monochromator                    ? 
_diffrn_radiation.polarisn_norm                    ? 
_diffrn_radiation.polarisn_ratio                   ? 
_diffrn_radiation.probe                            ? 
_diffrn_radiation.type                             ? 
_diffrn_radiation.xray_symbol                      ? 
_diffrn_radiation.wavelength_id                    1 
_diffrn_radiation.pdbx_monochromatic_or_laue_m_l   M 
_diffrn_radiation.pdbx_wavelength_list             ? 
_diffrn_radiation.pdbx_wavelength                  ? 
_diffrn_radiation.pdbx_diffrn_protocol             'SINGLE WAVELENGTH' 
_diffrn_radiation.pdbx_analyzer                    ? 
_diffrn_radiation.pdbx_scattering_type             x-ray 
# 
_diffrn_radiation_wavelength.id           1 
_diffrn_radiation_wavelength.wavelength   1.0000 
_diffrn_radiation_wavelength.wt           1.0 
# 
_diffrn_source.current                     ? 
_diffrn_source.details                     ? 
_diffrn_source.diffrn_id                   1 
_diffrn_source.power                       ? 
_diffrn_source.size                        ? 
_diffrn_source.source                      SYNCHROTRON 
_diffrn_source.target                      ? 
_diffrn_source.type                        'NSRRC BEAMLINE BL15A1' 
_diffrn_source.voltage                     ? 
_diffrn_source.take-off_angle              ? 
_diffrn_source.pdbx_wavelength_list        1.0000 
_diffrn_source.pdbx_wavelength             ? 
_diffrn_source.pdbx_synchrotron_beamline   BL15A1 
_diffrn_source.pdbx_synchrotron_site       NSRRC 
# 
_reflns.B_iso_Wilson_estimate            ? 
_reflns.entry_id                         6L75 
_reflns.data_reduction_details           ? 
_reflns.data_reduction_method            ? 
_reflns.d_resolution_high                1.5 
_reflns.d_resolution_low                 30.000 
_reflns.details                          ? 
_reflns.limit_h_max                      ? 
_reflns.limit_h_min                      ? 
_reflns.limit_k_max                      ? 
_reflns.limit_k_min                      ? 
_reflns.limit_l_max                      ? 
_reflns.limit_l_min                      ? 
_reflns.number_all                       ? 
_reflns.number_obs                       9886 
_reflns.observed_criterion               ? 
_reflns.observed_criterion_F_max         ? 
_reflns.observed_criterion_F_min         ? 
_reflns.observed_criterion_I_max         ? 
_reflns.observed_criterion_I_min         ? 
_reflns.observed_criterion_sigma_F       ? 
_reflns.observed_criterion_sigma_I       ? 
_reflns.percent_possible_obs             99.400 
_reflns.R_free_details                   ? 
_reflns.Rmerge_F_all                     ? 
_reflns.Rmerge_F_obs                     ? 
_reflns.Friedel_coverage                 ? 
_reflns.number_gt                        ? 
_reflns.threshold_expression             ? 
_reflns.pdbx_redundancy                  9.800 
_reflns.pdbx_Rmerge_I_obs                0.051 
_reflns.pdbx_Rmerge_I_all                ? 
_reflns.pdbx_Rsym_value                  ? 
_reflns.pdbx_netI_over_av_sigmaI         ? 
_reflns.pdbx_netI_over_sigmaI            15.300 
_reflns.pdbx_res_netI_over_av_sigmaI_2   ? 
_reflns.pdbx_res_netI_over_sigmaI_2      ? 
_reflns.pdbx_chi_squared                 0.979 
_reflns.pdbx_scaling_rejects             ? 
_reflns.pdbx_d_res_high_opt              ? 
_reflns.pdbx_d_res_low_opt               ? 
_reflns.pdbx_d_res_opt_method            ? 
_reflns.phase_calculation_details        ? 
_reflns.pdbx_Rrim_I_all                  0.055 
_reflns.pdbx_Rpim_I_all                  0.018 
_reflns.pdbx_d_opt                       ? 
_reflns.pdbx_number_measured_all         ? 
_reflns.pdbx_diffrn_id                   1 
_reflns.pdbx_ordinal                     1 
_reflns.pdbx_CC_half                     ? 
_reflns.pdbx_CC_star                     ? 
_reflns.pdbx_R_split                     ? 
# 
loop_
_reflns_shell.d_res_high 
_reflns_shell.d_res_low 
_reflns_shell.meanI_over_sigI_all 
_reflns_shell.meanI_over_sigI_obs 
_reflns_shell.number_measured_all 
_reflns_shell.number_measured_obs 
_reflns_shell.number_possible 
_reflns_shell.number_unique_all 
_reflns_shell.number_unique_obs 
_reflns_shell.percent_possible_all 
_reflns_shell.percent_possible_obs 
_reflns_shell.Rmerge_F_all 
_reflns_shell.Rmerge_F_obs 
_reflns_shell.Rmerge_I_all 
_reflns_shell.Rmerge_I_obs 
_reflns_shell.meanI_over_sigI_gt 
_reflns_shell.meanI_over_uI_all 
_reflns_shell.meanI_over_uI_gt 
_reflns_shell.number_measured_gt 
_reflns_shell.number_unique_gt 
_reflns_shell.percent_possible_gt 
_reflns_shell.Rmerge_F_gt 
_reflns_shell.Rmerge_I_gt 
_reflns_shell.pdbx_redundancy 
_reflns_shell.pdbx_Rsym_value 
_reflns_shell.pdbx_chi_squared 
_reflns_shell.pdbx_netI_over_sigmaI_all 
_reflns_shell.pdbx_netI_over_sigmaI_obs 
_reflns_shell.pdbx_Rrim_I_all 
_reflns_shell.pdbx_Rpim_I_all 
_reflns_shell.pdbx_rejects 
_reflns_shell.pdbx_ordinal 
_reflns_shell.pdbx_diffrn_id 
_reflns_shell.pdbx_CC_half 
_reflns_shell.pdbx_CC_star 
_reflns_shell.pdbx_R_split 
1.580 1.640  ? ? ? ? ? ? 964  99.800  ? ? ? ? 0.376 ? ? ? ? ? ? ? ? 10.200 ? 0.638 ? ? 0.396 0.123 ? 1  1 0.972 ? ? 
1.640 1.700  ? ? ? ? ? ? 971  100.000 ? ? ? ? 0.210 ? ? ? ? ? ? ? ? 10.700 ? 0.776 ? ? 0.220 0.067 ? 2  1 0.992 ? ? 
1.700 1.780  ? ? ? ? ? ? 970  100.000 ? ? ? ? 0.175 ? ? ? ? ? ? ? ? 10.700 ? 0.987 ? ? 0.185 0.057 ? 3  1 0.993 ? ? 
1.780 1.870  ? ? ? ? ? ? 971  100.000 ? ? ? ? 0.142 ? ? ? ? ? ? ? ? 10.700 ? 1.062 ? ? 0.149 0.046 ? 4  1 0.996 ? ? 
1.870 1.990  ? ? ? ? ? ? 977  100.000 ? ? ? ? 0.121 ? ? ? ? ? ? ? ? 10.600 ? 1.040 ? ? 0.127 0.039 ? 5  1 0.996 ? ? 
1.990 2.140  ? ? ? ? ? ? 984  100.000 ? ? ? ? 0.096 ? ? ? ? ? ? ? ? 10.100 ? 1.043 ? ? 0.101 0.032 ? 6  1 0.997 ? ? 
2.140 2.360  ? ? ? ? ? ? 995  100.000 ? ? ? ? 0.071 ? ? ? ? ? ? ? ? 9.900  ? 1.027 ? ? 0.075 0.024 ? 7  1 0.998 ? ? 
2.360 2.700  ? ? ? ? ? ? 993  99.700  ? ? ? ? 0.059 ? ? ? ? ? ? ? ? 9.300  ? 1.114 ? ? 0.062 0.020 ? 8  1 0.998 ? ? 
2.700 3.400  ? ? ? ? ? ? 1008 99.000  ? ? ? ? 0.048 ? ? ? ? ? ? ? ? 8.300  ? 1.056 ? ? 0.051 0.018 ? 9  1 0.998 ? ? 
3.400 30.000 ? ? ? ? ? ? 1053 96.300  ? ? ? ? 0.038 ? ? ? ? ? ? ? ? 8.000  ? 1.091 ? ? 0.041 0.014 ? 10 1 0.999 ? ? 
# 
_refine.aniso_B[1][1]                            ? 
_refine.aniso_B[1][2]                            ? 
_refine.aniso_B[1][3]                            ? 
_refine.aniso_B[2][2]                            ? 
_refine.aniso_B[2][3]                            ? 
_refine.aniso_B[3][3]                            ? 
_refine.B_iso_max                                83.260 
_refine.B_iso_mean                               30.0366 
_refine.B_iso_min                                18.540 
_refine.correlation_coeff_Fo_to_Fc               ? 
_refine.correlation_coeff_Fo_to_Fc_free          ? 
_refine.details                                  ? 
_refine.diff_density_max                         ? 
_refine.diff_density_max_esd                     ? 
_refine.diff_density_min                         ? 
_refine.diff_density_min_esd                     ? 
_refine.diff_density_rms                         ? 
_refine.diff_density_rms_esd                     ? 
_refine.entry_id                                 6L75 
_refine.pdbx_refine_id                           'X-RAY DIFFRACTION' 
_refine.ls_abs_structure_details                 ? 
_refine.ls_abs_structure_Flack                   ? 
_refine.ls_abs_structure_Flack_esd               ? 
_refine.ls_abs_structure_Rogers                  ? 
_refine.ls_abs_structure_Rogers_esd              ? 
_refine.ls_d_res_high                            1.5780 
_refine.ls_d_res_low                             20.8060 
_refine.ls_extinction_coef                       ? 
_refine.ls_extinction_coef_esd                   ? 
_refine.ls_extinction_expression                 ? 
_refine.ls_extinction_method                     ? 
_refine.ls_goodness_of_fit_all                   ? 
_refine.ls_goodness_of_fit_all_esd               ? 
_refine.ls_goodness_of_fit_obs                   ? 
_refine.ls_goodness_of_fit_obs_esd               ? 
_refine.ls_hydrogen_treatment                    ? 
_refine.ls_matrix_type                           ? 
_refine.ls_number_constraints                    ? 
_refine.ls_number_parameters                     ? 
_refine.ls_number_reflns_all                     ? 
_refine.ls_number_reflns_obs                     9855 
_refine.ls_number_reflns_R_free                  981 
_refine.ls_number_reflns_R_work                  ? 
_refine.ls_number_restraints                     ? 
_refine.ls_percent_reflns_obs                    99.2500 
_refine.ls_percent_reflns_R_free                 9.9500 
_refine.ls_R_factor_all                          ? 
_refine.ls_R_factor_obs                          0.2019 
_refine.ls_R_factor_R_free                       0.2276 
_refine.ls_R_factor_R_free_error                 ? 
_refine.ls_R_factor_R_free_error_details         ? 
_refine.ls_R_factor_R_work                       0.1991 
_refine.ls_R_Fsqd_factor_obs                     ? 
_refine.ls_R_I_factor_obs                        ? 
_refine.ls_redundancy_reflns_all                 ? 
_refine.ls_redundancy_reflns_obs                 ? 
_refine.ls_restrained_S_all                      ? 
_refine.ls_restrained_S_obs                      ? 
_refine.ls_shift_over_esd_max                    ? 
_refine.ls_shift_over_esd_mean                   ? 
_refine.ls_structure_factor_coef                 ? 
_refine.ls_weighting_details                     ? 
_refine.ls_weighting_scheme                      ? 
_refine.ls_wR_factor_all                         ? 
_refine.ls_wR_factor_obs                         ? 
_refine.ls_wR_factor_R_free                      ? 
_refine.ls_wR_factor_R_work                      ? 
_refine.occupancy_max                            ? 
_refine.occupancy_min                            ? 
_refine.solvent_model_details                    ? 
_refine.solvent_model_param_bsol                 ? 
_refine.solvent_model_param_ksol                 ? 
_refine.pdbx_R_complete                          ? 
_refine.ls_R_factor_gt                           ? 
_refine.ls_goodness_of_fit_gt                    ? 
_refine.ls_goodness_of_fit_ref                   ? 
_refine.ls_shift_over_su_max                     ? 
_refine.ls_shift_over_su_max_lt                  ? 
_refine.ls_shift_over_su_mean                    ? 
_refine.ls_shift_over_su_mean_lt                 ? 
_refine.pdbx_ls_sigma_I                          ? 
_refine.pdbx_ls_sigma_F                          1.380 
_refine.pdbx_ls_sigma_Fsqd                       ? 
_refine.pdbx_data_cutoff_high_absF               ? 
_refine.pdbx_data_cutoff_high_rms_absF           ? 
_refine.pdbx_data_cutoff_low_absF                ? 
_refine.pdbx_isotropic_thermal_model             ? 
_refine.pdbx_ls_cross_valid_method               THROUGHOUT 
_refine.pdbx_method_to_determine_struct          'MOLECULAR REPLACEMENT' 
_refine.pdbx_starting_model                      'A DNA' 
_refine.pdbx_stereochemistry_target_values       ? 
_refine.pdbx_R_Free_selection_details            ? 
_refine.pdbx_stereochem_target_val_spec_case     ? 
_refine.pdbx_overall_ESU_R                       ? 
_refine.pdbx_overall_ESU_R_Free                  ? 
_refine.pdbx_solvent_vdw_probe_radii             1.1100 
_refine.pdbx_solvent_ion_probe_radii             ? 
_refine.pdbx_solvent_shrinkage_radii             0.9000 
_refine.pdbx_real_space_R                        ? 
_refine.pdbx_density_correlation                 ? 
_refine.pdbx_pd_number_of_powder_patterns        ? 
_refine.pdbx_pd_number_of_points                 ? 
_refine.pdbx_pd_meas_number_of_points            ? 
_refine.pdbx_pd_proc_ls_prof_R_factor            ? 
_refine.pdbx_pd_proc_ls_prof_wR_factor           ? 
_refine.pdbx_pd_Marquardt_correlation_coeff      ? 
_refine.pdbx_pd_Fsqrd_R_factor                   ? 
_refine.pdbx_pd_ls_matrix_band_width             ? 
_refine.pdbx_overall_phase_error                 23.9600 
_refine.pdbx_overall_SU_R_free_Cruickshank_DPI   ? 
_refine.pdbx_overall_SU_R_free_Blow_DPI          ? 
_refine.pdbx_overall_SU_R_Blow_DPI               ? 
_refine.pdbx_TLS_residual_ADP_flag               ? 
_refine.pdbx_diffrn_id                           1 
_refine.overall_SU_B                             ? 
_refine.overall_SU_ML                            0.1300 
_refine.overall_SU_R_Cruickshank_DPI             ? 
_refine.overall_SU_R_free                        ? 
_refine.overall_FOM_free_R_set                   ? 
_refine.overall_FOM_work_R_set                   ? 
_refine.pdbx_average_fsc_overall                 ? 
_refine.pdbx_average_fsc_work                    ? 
_refine.pdbx_average_fsc_free                    ? 
# 
_refine_hist.pdbx_refine_id                   'X-RAY DIFFRACTION' 
_refine_hist.cycle_id                         final 
_refine_hist.details                          ? 
_refine_hist.d_res_high                       1.5780 
_refine_hist.d_res_low                        20.8060 
_refine_hist.number_atoms_solvent             124 
_refine_hist.number_atoms_total               534 
_refine_hist.number_reflns_all                ? 
_refine_hist.number_reflns_obs                ? 
_refine_hist.number_reflns_R_free             ? 
_refine_hist.number_reflns_R_work             ? 
_refine_hist.R_factor_all                     ? 
_refine_hist.R_factor_obs                     ? 
_refine_hist.R_factor_R_free                  ? 
_refine_hist.R_factor_R_work                  ? 
_refine_hist.pdbx_number_residues_total       20 
_refine_hist.pdbx_B_iso_mean_ligand           ? 
_refine_hist.pdbx_B_iso_mean_solvent          40.44 
_refine_hist.pdbx_number_atoms_protein        0 
_refine_hist.pdbx_number_atoms_nucleic_acid   410 
_refine_hist.pdbx_number_atoms_ligand         0 
_refine_hist.pdbx_number_atoms_lipid          ? 
_refine_hist.pdbx_number_atoms_carb           ? 
_refine_hist.pdbx_pseudo_atom_details         ? 
# 
loop_
_refine_ls_shell.pdbx_refine_id 
_refine_ls_shell.d_res_high 
_refine_ls_shell.d_res_low 
_refine_ls_shell.number_reflns_all 
_refine_ls_shell.number_reflns_obs 
_refine_ls_shell.number_reflns_R_free 
_refine_ls_shell.number_reflns_R_work 
_refine_ls_shell.percent_reflns_obs 
_refine_ls_shell.percent_reflns_R_free 
_refine_ls_shell.R_factor_all 
_refine_ls_shell.R_factor_obs 
_refine_ls_shell.R_factor_R_free 
_refine_ls_shell.R_factor_R_free_error 
_refine_ls_shell.R_factor_R_work 
_refine_ls_shell.redundancy_reflns_all 
_refine_ls_shell.redundancy_reflns_obs 
_refine_ls_shell.wR_factor_all 
_refine_ls_shell.wR_factor_obs 
_refine_ls_shell.wR_factor_R_free 
_refine_ls_shell.wR_factor_R_work 
_refine_ls_shell.pdbx_R_complete 
_refine_ls_shell.pdbx_total_number_of_bins_used 
_refine_ls_shell.pdbx_phase_error 
_refine_ls_shell.pdbx_fsc_work 
_refine_ls_shell.pdbx_fsc_free 
'X-RAY DIFFRACTION' 1.5781 1.6610 . . 140 1218 98.0000  . . . 0.2135 0.0000 0.1965 . . . . . . . . . . . 
'X-RAY DIFFRACTION' 1.6610 1.7650 . . 138 1252 100.0000 . . . 0.2438 0.0000 0.2061 . . . . . . . . . . . 
'X-RAY DIFFRACTION' 1.7650 1.9012 . . 137 1261 100.0000 . . . 0.3084 0.0000 0.2310 . . . . . . . . . . . 
'X-RAY DIFFRACTION' 1.9012 2.0923 . . 134 1251 100.0000 . . . 0.2679 0.0000 0.2360 . . . . . . . . . . . 
'X-RAY DIFFRACTION' 2.0923 2.3947 . . 141 1283 100.0000 . . . 0.2681 0.0000 0.2206 . . . . . . . . . . . 
'X-RAY DIFFRACTION' 2.3947 3.0156 . . 140 1283 100.0000 . . . 0.2786 0.0000 0.2537 . . . . . . . . . . . 
'X-RAY DIFFRACTION' 3.0156 20.80  . . 151 1326 97.0000  . . . 0.1823 0.0000 0.1610 . . . . . . . . . . . 
# 
_struct.entry_id                     6L75 
_struct.title                        'Crystal structure of d(GTGGGCCGAC)2 DNA duplex' 
_struct.pdbx_model_details           ? 
_struct.pdbx_formula_weight          ? 
_struct.pdbx_formula_weight_method   ? 
_struct.pdbx_model_type_details      ? 
_struct.pdbx_CASP_flag               N 
# 
_struct_keywords.entry_id        6L75 
_struct_keywords.text            'A form DNA, GGGGCC motif, GC rich duplex, G4C2, DNA' 
_struct_keywords.pdbx_keywords   DNA 
# 
loop_
_struct_asym.id 
_struct_asym.pdbx_blank_PDB_chainid_flag 
_struct_asym.pdbx_modified 
_struct_asym.entity_id 
_struct_asym.details 
A N N 1 ? 
B N N 2 ? 
C N N 3 ? 
D N N 3 ? 
# 
loop_
_struct_ref.id 
_struct_ref.db_name 
_struct_ref.db_code 
_struct_ref.pdbx_db_accession 
_struct_ref.pdbx_db_isoform 
_struct_ref.entity_id 
_struct_ref.pdbx_seq_one_letter_code 
_struct_ref.pdbx_align_begin 
1 PDB 6L75 6L75 ? 1 ? 1 
2 PDB 6L75 6L75 ? 2 ? 1 
# 
loop_
_struct_ref_seq.align_id 
_struct_ref_seq.ref_id 
_struct_ref_seq.pdbx_PDB_id_code 
_struct_ref_seq.pdbx_strand_id 
_struct_ref_seq.seq_align_beg 
_struct_ref_seq.pdbx_seq_align_beg_ins_code 
_struct_ref_seq.seq_align_end 
_struct_ref_seq.pdbx_seq_align_end_ins_code 
_struct_ref_seq.pdbx_db_accession 
_struct_ref_seq.db_align_beg 
_struct_ref_seq.pdbx_db_align_beg_ins_code 
_struct_ref_seq.db_align_end 
_struct_ref_seq.pdbx_db_align_end_ins_code 
_struct_ref_seq.pdbx_auth_seq_align_beg 
_struct_ref_seq.pdbx_auth_seq_align_end 
1 1 6L75 A 1 ? 10 ? 6L75 1 ? 10 ? 1 10 
2 2 6L75 B 1 ? 10 ? 6L75 1 ? 10 ? 1 10 
# 
_pdbx_struct_assembly.id                   1 
_pdbx_struct_assembly.details              author_and_software_defined_assembly 
_pdbx_struct_assembly.method_details       PISA 
_pdbx_struct_assembly.oligomeric_details   dimeric 
_pdbx_struct_assembly.oligomeric_count     2 
# 
loop_
_pdbx_struct_assembly_prop.biol_id 
_pdbx_struct_assembly_prop.type 
_pdbx_struct_assembly_prop.value 
_pdbx_struct_assembly_prop.details 
1 'ABSA (A^2)' 960  ? 
1 MORE         -7   ? 
1 'SSA (A^2)'  3790 ? 
# 
_pdbx_struct_assembly_gen.assembly_id       1 
_pdbx_struct_assembly_gen.oper_expression   1 
_pdbx_struct_assembly_gen.asym_id_list      A,B,C,D 
# 
_pdbx_struct_assembly_auth_evidence.id                     1 
_pdbx_struct_assembly_auth_evidence.assembly_id            1 
_pdbx_struct_assembly_auth_evidence.experimental_support   none 
_pdbx_struct_assembly_auth_evidence.details                ? 
# 
_pdbx_struct_oper_list.id                   1 
_pdbx_struct_oper_list.type                 'identity operation' 
_pdbx_struct_oper_list.name                 1_555 
_pdbx_struct_oper_list.symmetry_operation   x,y,z 
_pdbx_struct_oper_list.matrix[1][1]         1.0000000000 
_pdbx_struct_oper_list.matrix[1][2]         0.0000000000 
_pdbx_struct_oper_list.matrix[1][3]         0.0000000000 
_pdbx_struct_oper_list.vector[1]            0.0000000000 
_pdbx_struct_oper_list.matrix[2][1]         0.0000000000 
_pdbx_struct_oper_list.matrix[2][2]         1.0000000000 
_pdbx_struct_oper_list.matrix[2][3]         0.0000000000 
_pdbx_struct_oper_list.vector[2]            0.0000000000 
_pdbx_struct_oper_list.matrix[3][1]         0.0000000000 
_pdbx_struct_oper_list.matrix[3][2]         0.0000000000 
_pdbx_struct_oper_list.matrix[3][3]         1.0000000000 
_pdbx_struct_oper_list.vector[3]            0.0000000000 
# 
loop_
_struct_conn.id 
_struct_conn.conn_type_id 
_struct_conn.pdbx_leaving_atom_flag 
_struct_conn.pdbx_PDB_id 
_struct_conn.ptnr1_label_asym_id 
_struct_conn.ptnr1_label_comp_id 
_struct_conn.ptnr1_label_seq_id 
_struct_conn.ptnr1_label_atom_id 
_struct_conn.pdbx_ptnr1_label_alt_id 
_struct_conn.pdbx_ptnr1_PDB_ins_code 
_struct_conn.pdbx_ptnr1_standard_comp_id 
_struct_conn.ptnr1_symmetry 
_struct_conn.ptnr2_label_asym_id 
_struct_conn.ptnr2_label_comp_id 
_struct_conn.ptnr2_label_seq_id 
_struct_conn.ptnr2_label_atom_id 
_struct_conn.pdbx_ptnr2_label_alt_id 
_struct_conn.pdbx_ptnr2_PDB_ins_code 
_struct_conn.ptnr1_auth_asym_id 
_struct_conn.ptnr1_auth_comp_id 
_struct_conn.ptnr1_auth_seq_id 
_struct_conn.ptnr2_auth_asym_id 
_struct_conn.ptnr2_auth_comp_id 
_struct_conn.ptnr2_auth_seq_id 
_struct_conn.ptnr2_symmetry 
_struct_conn.pdbx_ptnr3_label_atom_id 
_struct_conn.pdbx_ptnr3_label_seq_id 
_struct_conn.pdbx_ptnr3_label_comp_id 
_struct_conn.pdbx_ptnr3_label_asym_id 
_struct_conn.pdbx_ptnr3_label_alt_id 
_struct_conn.pdbx_ptnr3_PDB_ins_code 
_struct_conn.details 
_struct_conn.pdbx_dist_value 
_struct_conn.pdbx_value_order 
_struct_conn.pdbx_role 
hydrog1  hydrog ? ? A DG 1  N1 ? ? ? 1_555 B DC 10 N3 ? ? A DG 1  B DC 10 1_555 ? ? ? ? ? ? WATSON-CRICK ? ? ? 
hydrog2  hydrog ? ? A DG 1  N2 ? ? ? 1_555 B DC 10 O2 ? ? A DG 1  B DC 10 1_555 ? ? ? ? ? ? WATSON-CRICK ? ? ? 
hydrog3  hydrog ? ? A DG 1  O6 ? ? ? 1_555 B DC 10 N4 ? ? A DG 1  B DC 10 1_555 ? ? ? ? ? ? WATSON-CRICK ? ? ? 
hydrog4  hydrog ? ? A DT 2  N3 ? ? ? 1_555 B DA 9  N1 ? ? A DT 2  B DA 9  1_555 ? ? ? ? ? ? WATSON-CRICK ? ? ? 
hydrog5  hydrog ? ? A DT 2  O4 ? ? ? 1_555 B DA 9  N6 ? ? A DT 2  B DA 9  1_555 ? ? ? ? ? ? WATSON-CRICK ? ? ? 
hydrog6  hydrog ? ? A DG 3  N1 ? ? ? 1_555 B DC 8  N3 ? ? A DG 3  B DC 8  1_555 ? ? ? ? ? ? WATSON-CRICK ? ? ? 
hydrog7  hydrog ? ? A DG 3  N2 ? ? ? 1_555 B DC 8  O2 ? ? A DG 3  B DC 8  1_555 ? ? ? ? ? ? WATSON-CRICK ? ? ? 
hydrog8  hydrog ? ? A DG 3  O6 ? ? ? 1_555 B DC 8  N4 ? ? A DG 3  B DC 8  1_555 ? ? ? ? ? ? WATSON-CRICK ? ? ? 
hydrog9  hydrog ? ? A DG 4  N1 ? ? ? 1_555 B DC 7  N3 ? ? A DG 4  B DC 7  1_555 ? ? ? ? ? ? WATSON-CRICK ? ? ? 
hydrog10 hydrog ? ? A DG 4  N2 ? ? ? 1_555 B DC 7  O2 ? ? A DG 4  B DC 7  1_555 ? ? ? ? ? ? WATSON-CRICK ? ? ? 
hydrog11 hydrog ? ? A DG 4  O6 ? ? ? 1_555 B DC 7  N4 ? ? A DG 4  B DC 7  1_555 ? ? ? ? ? ? WATSON-CRICK ? ? ? 
hydrog12 hydrog ? ? A DG 5  N1 ? ? ? 1_555 B DC 6  N3 ? ? A DG 5  B DC 6  1_555 ? ? ? ? ? ? WATSON-CRICK ? ? ? 
hydrog13 hydrog ? ? A DG 5  N2 ? ? ? 1_555 B DC 6  O2 ? ? A DG 5  B DC 6  1_555 ? ? ? ? ? ? WATSON-CRICK ? ? ? 
hydrog14 hydrog ? ? A DG 5  O6 ? ? ? 1_555 B DC 6  N4 ? ? A DG 5  B DC 6  1_555 ? ? ? ? ? ? WATSON-CRICK ? ? ? 
hydrog15 hydrog ? ? A DC 6  N3 ? ? ? 1_555 B DG 5  N1 ? ? A DC 6  B DG 5  1_555 ? ? ? ? ? ? WATSON-CRICK ? ? ? 
hydrog16 hydrog ? ? A DC 6  N4 ? ? ? 1_555 B DG 5  O6 ? ? A DC 6  B DG 5  1_555 ? ? ? ? ? ? WATSON-CRICK ? ? ? 
hydrog17 hydrog ? ? A DC 6  O2 ? ? ? 1_555 B DG 5  N2 ? ? A DC 6  B DG 5  1_555 ? ? ? ? ? ? WATSON-CRICK ? ? ? 
hydrog18 hydrog ? ? A DC 7  N3 ? ? ? 1_555 B DG 4  N1 ? ? A DC 7  B DG 4  1_555 ? ? ? ? ? ? WATSON-CRICK ? ? ? 
hydrog19 hydrog ? ? A DC 7  N4 ? ? ? 1_555 B DG 4  O6 ? ? A DC 7  B DG 4  1_555 ? ? ? ? ? ? WATSON-CRICK ? ? ? 
hydrog20 hydrog ? ? A DC 7  O2 ? ? ? 1_555 B DG 4  N2 ? ? A DC 7  B DG 4  1_555 ? ? ? ? ? ? WATSON-CRICK ? ? ? 
hydrog21 hydrog ? ? A DG 8  N1 ? ? ? 1_555 B DC 3  N3 ? ? A DG 8  B DC 3  1_555 ? ? ? ? ? ? WATSON-CRICK ? ? ? 
hydrog22 hydrog ? ? A DG 8  N2 ? ? ? 1_555 B DC 3  O2 ? ? A DG 8  B DC 3  1_555 ? ? ? ? ? ? WATSON-CRICK ? ? ? 
hydrog23 hydrog ? ? A DG 8  O6 ? ? ? 1_555 B DC 3  N4 ? ? A DG 8  B DC 3  1_555 ? ? ? ? ? ? WATSON-CRICK ? ? ? 
hydrog24 hydrog ? ? A DA 9  N1 ? ? ? 1_555 B DT 2  N3 ? ? A DA 9  B DT 2  1_555 ? ? ? ? ? ? WATSON-CRICK ? ? ? 
hydrog25 hydrog ? ? A DA 9  N6 ? ? ? 1_555 B DT 2  O4 ? ? A DA 9  B DT 2  1_555 ? ? ? ? ? ? WATSON-CRICK ? ? ? 
hydrog26 hydrog ? ? A DC 10 N3 ? ? ? 1_555 B DG 1  N1 ? ? A DC 10 B DG 1  1_555 ? ? ? ? ? ? WATSON-CRICK ? ? ? 
hydrog27 hydrog ? ? A DC 10 N4 ? ? ? 1_555 B DG 1  O6 ? ? A DC 10 B DG 1  1_555 ? ? ? ? ? ? WATSON-CRICK ? ? ? 
hydrog28 hydrog ? ? A DC 10 O2 ? ? ? 1_555 B DG 1  N2 ? ? A DC 10 B DG 1  1_555 ? ? ? ? ? ? WATSON-CRICK ? ? ? 
# 
_struct_conn_type.id          hydrog 
_struct_conn_type.criteria    ? 
_struct_conn_type.reference   ? 
# 
_pdbx_distant_solvent_atoms.id                                1 
_pdbx_distant_solvent_atoms.PDB_model_num                     1 
_pdbx_distant_solvent_atoms.auth_atom_id                      O 
_pdbx_distant_solvent_atoms.label_alt_id                      ? 
_pdbx_distant_solvent_atoms.auth_asym_id                      B 
_pdbx_distant_solvent_atoms.auth_comp_id                      HOH 
_pdbx_distant_solvent_atoms.auth_seq_id                       160 
_pdbx_distant_solvent_atoms.PDB_ins_code                      ? 
_pdbx_distant_solvent_atoms.neighbor_macromolecule_distance   6.44 
_pdbx_distant_solvent_atoms.neighbor_ligand_distance          . 
# 
loop_
_chem_comp_atom.comp_id 
_chem_comp_atom.atom_id 
_chem_comp_atom.type_symbol 
_chem_comp_atom.pdbx_aromatic_flag 
_chem_comp_atom.pdbx_stereo_config 
_chem_comp_atom.pdbx_ordinal 
DA  OP3    O N N 1   
DA  P      P N N 2   
DA  OP1    O N N 3   
DA  OP2    O N N 4   
DA  "O5'"  O N N 5   
DA  "C5'"  C N N 6   
DA  "C4'"  C N R 7   
DA  "O4'"  O N N 8   
DA  "C3'"  C N S 9   
DA  "O3'"  O N N 10  
DA  "C2'"  C N N 11  
DA  "C1'"  C N R 12  
DA  N9     N Y N 13  
DA  C8     C Y N 14  
DA  N7     N Y N 15  
DA  C5     C Y N 16  
DA  C6     C Y N 17  
DA  N6     N N N 18  
DA  N1     N Y N 19  
DA  C2     C Y N 20  
DA  N3     N Y N 21  
DA  C4     C Y N 22  
DA  HOP3   H N N 23  
DA  HOP2   H N N 24  
DA  "H5'"  H N N 25  
DA  "H5''" H N N 26  
DA  "H4'"  H N N 27  
DA  "H3'"  H N N 28  
DA  "HO3'" H N N 29  
DA  "H2'"  H N N 30  
DA  "H2''" H N N 31  
DA  "H1'"  H N N 32  
DA  H8     H N N 33  
DA  H61    H N N 34  
DA  H62    H N N 35  
DA  H2     H N N 36  
DC  OP3    O N N 37  
DC  P      P N N 38  
DC  OP1    O N N 39  
DC  OP2    O N N 40  
DC  "O5'"  O N N 41  
DC  "C5'"  C N N 42  
DC  "C4'"  C N R 43  
DC  "O4'"  O N N 44  
DC  "C3'"  C N S 45  
DC  "O3'"  O N N 46  
DC  "C2'"  C N N 47  
DC  "C1'"  C N R 48  
DC  N1     N N N 49  
DC  C2     C N N 50  
DC  O2     O N N 51  
DC  N3     N N N 52  
DC  C4     C N N 53  
DC  N4     N N N 54  
DC  C5     C N N 55  
DC  C6     C N N 56  
DC  HOP3   H N N 57  
DC  HOP2   H N N 58  
DC  "H5'"  H N N 59  
DC  "H5''" H N N 60  
DC  "H4'"  H N N 61  
DC  "H3'"  H N N 62  
DC  "HO3'" H N N 63  
DC  "H2'"  H N N 64  
DC  "H2''" H N N 65  
DC  "H1'"  H N N 66  
DC  H41    H N N 67  
DC  H42    H N N 68  
DC  H5     H N N 69  
DC  H6     H N N 70  
DG  OP3    O N N 71  
DG  P      P N N 72  
DG  OP1    O N N 73  
DG  OP2    O N N 74  
DG  "O5'"  O N N 75  
DG  "C5'"  C N N 76  
DG  "C4'"  C N R 77  
DG  "O4'"  O N N 78  
DG  "C3'"  C N S 79  
DG  "O3'"  O N N 80  
DG  "C2'"  C N N 81  
DG  "C1'"  C N R 82  
DG  N9     N Y N 83  
DG  C8     C Y N 84  
DG  N7     N Y N 85  
DG  C5     C Y N 86  
DG  C6     C N N 87  
DG  O6     O N N 88  
DG  N1     N N N 89  
DG  C2     C N N 90  
DG  N2     N N N 91  
DG  N3     N N N 92  
DG  C4     C Y N 93  
DG  HOP3   H N N 94  
DG  HOP2   H N N 95  
DG  "H5'"  H N N 96  
DG  "H5''" H N N 97  
DG  "H4'"  H N N 98  
DG  "H3'"  H N N 99  
DG  "HO3'" H N N 100 
DG  "H2'"  H N N 101 
DG  "H2''" H N N 102 
DG  "H1'"  H N N 103 
DG  H8     H N N 104 
DG  H1     H N N 105 
DG  H21    H N N 106 
DG  H22    H N N 107 
DT  OP3    O N N 108 
DT  P      P N N 109 
DT  OP1    O N N 110 
DT  OP2    O N N 111 
DT  "O5'"  O N N 112 
DT  "C5'"  C N N 113 
DT  "C4'"  C N R 114 
DT  "O4'"  O N N 115 
DT  "C3'"  C N S 116 
DT  "O3'"  O N N 117 
DT  "C2'"  C N N 118 
DT  "C1'"  C N R 119 
DT  N1     N N N 120 
DT  C2     C N N 121 
DT  O2     O N N 122 
DT  N3     N N N 123 
DT  C4     C N N 124 
DT  O4     O N N 125 
DT  C5     C N N 126 
DT  C7     C N N 127 
DT  C6     C N N 128 
DT  HOP3   H N N 129 
DT  HOP2   H N N 130 
DT  "H5'"  H N N 131 
DT  "H5''" H N N 132 
DT  "H4'"  H N N 133 
DT  "H3'"  H N N 134 
DT  "HO3'" H N N 135 
DT  "H2'"  H N N 136 
DT  "H2''" H N N 137 
DT  "H1'"  H N N 138 
DT  H3     H N N 139 
DT  H71    H N N 140 
DT  H72    H N N 141 
DT  H73    H N N 142 
DT  H6     H N N 143 
HOH O      O N N 144 
HOH H1     H N N 145 
HOH H2     H N N 146 
# 
loop_
_chem_comp_bond.comp_id 
_chem_comp_bond.atom_id_1 
_chem_comp_bond.atom_id_2 
_chem_comp_bond.value_order 
_chem_comp_bond.pdbx_aromatic_flag 
_chem_comp_bond.pdbx_stereo_config 
_chem_comp_bond.pdbx_ordinal 
DA  OP3   P      sing N N 1   
DA  OP3   HOP3   sing N N 2   
DA  P     OP1    doub N N 3   
DA  P     OP2    sing N N 4   
DA  P     "O5'"  sing N N 5   
DA  OP2   HOP2   sing N N 6   
DA  "O5'" "C5'"  sing N N 7   
DA  "C5'" "C4'"  sing N N 8   
DA  "C5'" "H5'"  sing N N 9   
DA  "C5'" "H5''" sing N N 10  
DA  "C4'" "O4'"  sing N N 11  
DA  "C4'" "C3'"  sing N N 12  
DA  "C4'" "H4'"  sing N N 13  
DA  "O4'" "C1'"  sing N N 14  
DA  "C3'" "O3'"  sing N N 15  
DA  "C3'" "C2'"  sing N N 16  
DA  "C3'" "H3'"  sing N N 17  
DA  "O3'" "HO3'" sing N N 18  
DA  "C2'" "C1'"  sing N N 19  
DA  "C2'" "H2'"  sing N N 20  
DA  "C2'" "H2''" sing N N 21  
DA  "C1'" N9     sing N N 22  
DA  "C1'" "H1'"  sing N N 23  
DA  N9    C8     sing Y N 24  
DA  N9    C4     sing Y N 25  
DA  C8    N7     doub Y N 26  
DA  C8    H8     sing N N 27  
DA  N7    C5     sing Y N 28  
DA  C5    C6     sing Y N 29  
DA  C5    C4     doub Y N 30  
DA  C6    N6     sing N N 31  
DA  C6    N1     doub Y N 32  
DA  N6    H61    sing N N 33  
DA  N6    H62    sing N N 34  
DA  N1    C2     sing Y N 35  
DA  C2    N3     doub Y N 36  
DA  C2    H2     sing N N 37  
DA  N3    C4     sing Y N 38  
DC  OP3   P      sing N N 39  
DC  OP3   HOP3   sing N N 40  
DC  P     OP1    doub N N 41  
DC  P     OP2    sing N N 42  
DC  P     "O5'"  sing N N 43  
DC  OP2   HOP2   sing N N 44  
DC  "O5'" "C5'"  sing N N 45  
DC  "C5'" "C4'"  sing N N 46  
DC  "C5'" "H5'"  sing N N 47  
DC  "C5'" "H5''" sing N N 48  
DC  "C4'" "O4'"  sing N N 49  
DC  "C4'" "C3'"  sing N N 50  
DC  "C4'" "H4'"  sing N N 51  
DC  "O4'" "C1'"  sing N N 52  
DC  "C3'" "O3'"  sing N N 53  
DC  "C3'" "C2'"  sing N N 54  
DC  "C3'" "H3'"  sing N N 55  
DC  "O3'" "HO3'" sing N N 56  
DC  "C2'" "C1'"  sing N N 57  
DC  "C2'" "H2'"  sing N N 58  
DC  "C2'" "H2''" sing N N 59  
DC  "C1'" N1     sing N N 60  
DC  "C1'" "H1'"  sing N N 61  
DC  N1    C2     sing N N 62  
DC  N1    C6     sing N N 63  
DC  C2    O2     doub N N 64  
DC  C2    N3     sing N N 65  
DC  N3    C4     doub N N 66  
DC  C4    N4     sing N N 67  
DC  C4    C5     sing N N 68  
DC  N4    H41    sing N N 69  
DC  N4    H42    sing N N 70  
DC  C5    C6     doub N N 71  
DC  C5    H5     sing N N 72  
DC  C6    H6     sing N N 73  
DG  OP3   P      sing N N 74  
DG  OP3   HOP3   sing N N 75  
DG  P     OP1    doub N N 76  
DG  P     OP2    sing N N 77  
DG  P     "O5'"  sing N N 78  
DG  OP2   HOP2   sing N N 79  
DG  "O5'" "C5'"  sing N N 80  
DG  "C5'" "C4'"  sing N N 81  
DG  "C5'" "H5'"  sing N N 82  
DG  "C5'" "H5''" sing N N 83  
DG  "C4'" "O4'"  sing N N 84  
DG  "C4'" "C3'"  sing N N 85  
DG  "C4'" "H4'"  sing N N 86  
DG  "O4'" "C1'"  sing N N 87  
DG  "C3'" "O3'"  sing N N 88  
DG  "C3'" "C2'"  sing N N 89  
DG  "C3'" "H3'"  sing N N 90  
DG  "O3'" "HO3'" sing N N 91  
DG  "C2'" "C1'"  sing N N 92  
DG  "C2'" "H2'"  sing N N 93  
DG  "C2'" "H2''" sing N N 94  
DG  "C1'" N9     sing N N 95  
DG  "C1'" "H1'"  sing N N 96  
DG  N9    C8     sing Y N 97  
DG  N9    C4     sing Y N 98  
DG  C8    N7     doub Y N 99  
DG  C8    H8     sing N N 100 
DG  N7    C5     sing Y N 101 
DG  C5    C6     sing N N 102 
DG  C5    C4     doub Y N 103 
DG  C6    O6     doub N N 104 
DG  C6    N1     sing N N 105 
DG  N1    C2     sing N N 106 
DG  N1    H1     sing N N 107 
DG  C2    N2     sing N N 108 
DG  C2    N3     doub N N 109 
DG  N2    H21    sing N N 110 
DG  N2    H22    sing N N 111 
DG  N3    C4     sing N N 112 
DT  OP3   P      sing N N 113 
DT  OP3   HOP3   sing N N 114 
DT  P     OP1    doub N N 115 
DT  P     OP2    sing N N 116 
DT  P     "O5'"  sing N N 117 
DT  OP2   HOP2   sing N N 118 
DT  "O5'" "C5'"  sing N N 119 
DT  "C5'" "C4'"  sing N N 120 
DT  "C5'" "H5'"  sing N N 121 
DT  "C5'" "H5''" sing N N 122 
DT  "C4'" "O4'"  sing N N 123 
DT  "C4'" "C3'"  sing N N 124 
DT  "C4'" "H4'"  sing N N 125 
DT  "O4'" "C1'"  sing N N 126 
DT  "C3'" "O3'"  sing N N 127 
DT  "C3'" "C2'"  sing N N 128 
DT  "C3'" "H3'"  sing N N 129 
DT  "O3'" "HO3'" sing N N 130 
DT  "C2'" "C1'"  sing N N 131 
DT  "C2'" "H2'"  sing N N 132 
DT  "C2'" "H2''" sing N N 133 
DT  "C1'" N1     sing N N 134 
DT  "C1'" "H1'"  sing N N 135 
DT  N1    C2     sing N N 136 
DT  N1    C6     sing N N 137 
DT  C2    O2     doub N N 138 
DT  C2    N3     sing N N 139 
DT  N3    C4     sing N N 140 
DT  N3    H3     sing N N 141 
DT  C4    O4     doub N N 142 
DT  C4    C5     sing N N 143 
DT  C5    C7     sing N N 144 
DT  C5    C6     doub N N 145 
DT  C7    H71    sing N N 146 
DT  C7    H72    sing N N 147 
DT  C7    H73    sing N N 148 
DT  C6    H6     sing N N 149 
HOH O     H1     sing N N 150 
HOH O     H2     sing N N 151 
# 
_ndb_struct_conf_na.entry_id   6L75 
_ndb_struct_conf_na.feature    'a-form double helix' 
# 
loop_
_ndb_struct_na_base_pair.model_number 
_ndb_struct_na_base_pair.i_label_asym_id 
_ndb_struct_na_base_pair.i_label_comp_id 
_ndb_struct_na_base_pair.i_label_seq_id 
_ndb_struct_na_base_pair.i_symmetry 
_ndb_struct_na_base_pair.j_label_asym_id 
_ndb_struct_na_base_pair.j_label_comp_id 
_ndb_struct_na_base_pair.j_label_seq_id 
_ndb_struct_na_base_pair.j_symmetry 
_ndb_struct_na_base_pair.shear 
_ndb_struct_na_base_pair.stretch 
_ndb_struct_na_base_pair.stagger 
_ndb_struct_na_base_pair.buckle 
_ndb_struct_na_base_pair.propeller 
_ndb_struct_na_base_pair.opening 
_ndb_struct_na_base_pair.pair_number 
_ndb_struct_na_base_pair.pair_name 
_ndb_struct_na_base_pair.i_auth_asym_id 
_ndb_struct_na_base_pair.i_auth_seq_id 
_ndb_struct_na_base_pair.i_PDB_ins_code 
_ndb_struct_na_base_pair.j_auth_asym_id 
_ndb_struct_na_base_pair.j_auth_seq_id 
_ndb_struct_na_base_pair.j_PDB_ins_code 
_ndb_struct_na_base_pair.hbond_type_28 
_ndb_struct_na_base_pair.hbond_type_12 
1 A DG 1  1_555 B DC 10 1_555 -0.440 -0.178 0.105 -5.462 -9.127  -1.379 1  A_DG1:DC10_B A 1  ? B 10 ? 19 1 
1 A DT 2  1_555 B DA 9  1_555 0.110  -0.209 0.034 6.030  -12.688 4.144  2  A_DT2:DA9_B  A 2  ? B 9  ? 20 1 
1 A DG 3  1_555 B DC 8  1_555 -0.139 -0.283 0.296 3.448  -9.544  1.664  3  A_DG3:DC8_B  A 3  ? B 8  ? 19 1 
1 A DG 4  1_555 B DC 7  1_555 -0.181 -0.105 0.414 8.102  -9.493  2.427  4  A_DG4:DC7_B  A 4  ? B 7  ? 19 1 
1 A DG 5  1_555 B DC 6  1_555 -0.302 -0.218 0.181 4.110  -14.715 -0.277 5  A_DG5:DC6_B  A 5  ? B 6  ? 19 1 
1 A DC 6  1_555 B DG 5  1_555 0.322  -0.203 0.148 -3.834 -14.156 -0.230 6  A_DC6:DG5_B  A 6  ? B 5  ? 19 1 
1 A DC 7  1_555 B DG 4  1_555 0.136  -0.112 0.386 -8.431 -10.110 2.471  7  A_DC7:DG4_B  A 7  ? B 4  ? 19 1 
1 A DG 8  1_555 B DC 3  1_555 -0.105 -0.276 0.168 -8.408 -10.942 0.291  8  A_DG8:DC3_B  A 8  ? B 3  ? 19 1 
1 A DA 9  1_555 B DT 2  1_555 -0.113 -0.202 0.090 -5.949 -11.762 4.117  9  A_DA9:DT2_B  A 9  ? B 2  ? 20 1 
1 A DC 10 1_555 B DG 1  1_555 0.457  -0.182 0.120 5.246  -8.880  -1.722 10 A_DC10:DG1_B A 10 ? B 1  ? 19 1 
# 
loop_
_ndb_struct_na_base_pair_step.model_number 
_ndb_struct_na_base_pair_step.i_label_asym_id_1 
_ndb_struct_na_base_pair_step.i_label_comp_id_1 
_ndb_struct_na_base_pair_step.i_label_seq_id_1 
_ndb_struct_na_base_pair_step.i_symmetry_1 
_ndb_struct_na_base_pair_step.j_label_asym_id_1 
_ndb_struct_na_base_pair_step.j_label_comp_id_1 
_ndb_struct_na_base_pair_step.j_label_seq_id_1 
_ndb_struct_na_base_pair_step.j_symmetry_1 
_ndb_struct_na_base_pair_step.i_label_asym_id_2 
_ndb_struct_na_base_pair_step.i_label_comp_id_2 
_ndb_struct_na_base_pair_step.i_label_seq_id_2 
_ndb_struct_na_base_pair_step.i_symmetry_2 
_ndb_struct_na_base_pair_step.j_label_asym_id_2 
_ndb_struct_na_base_pair_step.j_label_comp_id_2 
_ndb_struct_na_base_pair_step.j_label_seq_id_2 
_ndb_struct_na_base_pair_step.j_symmetry_2 
_ndb_struct_na_base_pair_step.shift 
_ndb_struct_na_base_pair_step.slide 
_ndb_struct_na_base_pair_step.rise 
_ndb_struct_na_base_pair_step.tilt 
_ndb_struct_na_base_pair_step.roll 
_ndb_struct_na_base_pair_step.twist 
_ndb_struct_na_base_pair_step.x_displacement 
_ndb_struct_na_base_pair_step.y_displacement 
_ndb_struct_na_base_pair_step.helical_rise 
_ndb_struct_na_base_pair_step.inclination 
_ndb_struct_na_base_pair_step.tip 
_ndb_struct_na_base_pair_step.helical_twist 
_ndb_struct_na_base_pair_step.step_number 
_ndb_struct_na_base_pair_step.step_name 
_ndb_struct_na_base_pair_step.i_auth_asym_id_1 
_ndb_struct_na_base_pair_step.i_auth_seq_id_1 
_ndb_struct_na_base_pair_step.i_PDB_ins_code_1 
_ndb_struct_na_base_pair_step.j_auth_asym_id_1 
_ndb_struct_na_base_pair_step.j_auth_seq_id_1 
_ndb_struct_na_base_pair_step.j_PDB_ins_code_1 
_ndb_struct_na_base_pair_step.i_auth_asym_id_2 
_ndb_struct_na_base_pair_step.i_auth_seq_id_2 
_ndb_struct_na_base_pair_step.i_PDB_ins_code_2 
_ndb_struct_na_base_pair_step.j_auth_asym_id_2 
_ndb_struct_na_base_pair_step.j_auth_seq_id_2 
_ndb_struct_na_base_pair_step.j_PDB_ins_code_2 
1 A DG 1 1_555 B DC 10 1_555 A DT 2  1_555 B DA 9 1_555 0.355  -0.876 2.991 -0.011 8.704 32.816 -2.733 -0.611 2.677 15.079 0.020  
33.920 1 AA_DG1DT2:DA9DC10_BB A 1 ? B 10 ? A 2  ? B 9 ? 
1 A DT 2 1_555 B DA 9  1_555 A DG 3  1_555 B DC 8 1_555 0.131  -1.256 3.262 -2.376 7.022 34.227 -3.102 -0.561 2.939 11.761 3.980  
34.997 2 AA_DT2DG3:DC8DA9_BB  A 2 ? B 9  ? A 3  ? B 8 ? 
1 A DG 3 1_555 B DC 8  1_555 A DG 4  1_555 B DC 7 1_555 -0.634 -1.954 3.029 -4.636 4.804 26.519 -5.199 0.315  2.709 10.266 9.908  
27.332 3 AA_DG3DG4:DC7DC8_BB  A 3 ? B 8  ? A 4  ? B 7 ? 
1 A DG 4 1_555 B DC 7  1_555 A DG 5  1_555 B DC 6 1_555 -0.784 -1.418 3.227 -3.161 6.612 34.347 -3.301 0.846  2.969 11.041 5.279  
35.097 4 AA_DG4DG5:DC6DC7_BB  A 4 ? B 7  ? A 5  ? B 6 ? 
1 A DG 5 1_555 B DC 6  1_555 A DC 6  1_555 B DG 5 1_555 -0.001 -1.618 3.358 0.195  6.391 37.226 -3.315 0.026  3.049 9.921  -0.303 
37.751 5 AA_DG5DC6:DG5DC6_BB  A 5 ? B 6  ? A 6  ? B 5 ? 
1 A DC 6 1_555 B DG 5  1_555 A DC 7  1_555 B DG 4 1_555 0.793  -1.405 3.241 3.566  7.006 34.077 -3.358 -0.802 2.968 11.760 -5.987 
34.946 6 AA_DC6DC7:DG4DG5_BB  A 6 ? B 5  ? A 7  ? B 4 ? 
1 A DC 7 1_555 B DG 4  1_555 A DG 8  1_555 B DC 3 1_555 0.565  -1.848 3.168 4.440  7.421 25.739 -5.637 -0.190 2.603 16.091 -9.627 
27.130 7 AA_DC7DG8:DC3DG4_BB  A 7 ? B 4  ? A 8  ? B 3 ? 
1 A DG 8 1_555 B DC 3  1_555 A DA 9  1_555 B DT 2 1_555 -0.194 -1.314 3.141 0.416  5.053 35.330 -2.827 0.372  2.929 8.273  -0.681 
35.680 8 AA_DG8DA9:DT2DC3_BB  A 8 ? B 3  ? A 9  ? B 2 ? 
1 A DA 9 1_555 B DT 2  1_555 A DC 10 1_555 B DG 1 1_555 -0.379 -0.905 2.991 0.121  8.586 32.719 -2.779 0.669  2.673 14.923 -0.211 
33.797 9 AA_DA9DC10:DG1DT2_BB A 9 ? B 2  ? A 10 ? B 1 ? 
# 
_pdbx_initial_refinement_model.accession_code   ? 
_pdbx_initial_refinement_model.id               1 
_pdbx_initial_refinement_model.entity_id_list   ? 
_pdbx_initial_refinement_model.type             other 
_pdbx_initial_refinement_model.source_name      ? 
_pdbx_initial_refinement_model.details          'A DNA' 
# 
_atom_sites.entry_id                    6L75 
_atom_sites.Cartn_transf_matrix[1][1]   ? 
_atom_sites.Cartn_transf_matrix[1][2]   ? 
_atom_sites.Cartn_transf_matrix[1][3]   ? 
_atom_sites.Cartn_transf_matrix[2][1]   ? 
_atom_sites.Cartn_transf_matrix[2][2]   ? 
_atom_sites.Cartn_transf_matrix[2][3]   ? 
_atom_sites.Cartn_transf_matrix[3][1]   ? 
_atom_sites.Cartn_transf_matrix[3][2]   ? 
_atom_sites.Cartn_transf_matrix[3][3]   ? 
_atom_sites.Cartn_transf_vector[1]      ? 
_atom_sites.Cartn_transf_vector[2]      ? 
_atom_sites.Cartn_transf_vector[3]      ? 
_atom_sites.fract_transf_matrix[1][1]   0.00061736 
_atom_sites.fract_transf_matrix[1][2]   -0.01778081 
_atom_sites.fract_transf_matrix[1][3]   -0.02418693 
_atom_sites.fract_transf_matrix[2][1]   -0.02362181 
_atom_sites.fract_transf_matrix[2][2]   -0.00099484 
_atom_sites.fract_transf_matrix[2][3]   -0.01850894 
_atom_sites.fract_transf_matrix[3][1]   0.00488760 
_atom_sites.fract_transf_matrix[3][2]   0.00933750 
_atom_sites.fract_transf_matrix[3][3]   -0.00673963 
_atom_sites.fract_transf_vector[1]      -0.176187 
_atom_sites.fract_transf_vector[2]      0.410708 
_atom_sites.fract_transf_vector[3]      -0.084957 
_atom_sites.solution_primary            ? 
_atom_sites.solution_secondary          ? 
_atom_sites.solution_hydrogens          ? 
_atom_sites.special_details             ? 
# 
loop_
_atom_type.symbol 
C 
N 
O 
P 
# 
loop_
_atom_site.group_PDB 
_atom_site.id 
_atom_site.type_symbol 
_atom_site.label_atom_id 
_atom_site.label_alt_id 
_atom_site.label_comp_id 
_atom_site.label_asym_id 
_atom_site.label_entity_id 
_atom_site.label_seq_id 
_atom_site.pdbx_PDB_ins_code 
_atom_site.Cartn_x 
_atom_site.Cartn_y 
_atom_site.Cartn_z 
_atom_site.occupancy 
_atom_site.B_iso_or_equiv 
_atom_site.pdbx_formal_charge 
_atom_site.auth_seq_id 
_atom_site.auth_comp_id 
_atom_site.auth_asym_id 
_atom_site.auth_atom_id 
_atom_site.pdbx_PDB_model_num 
ATOM   1   P P     . DG  A 1 1  ? -10.054 5.418   4.483   1.00 73.10 ? 1   DG  A P     1 
ATOM   2   O OP1   . DG  A 1 1  ? -9.084  6.524   4.646   1.00 65.89 ? 1   DG  A OP1   1 
ATOM   3   O OP2   . DG  A 1 1  ? -10.743 5.219   3.188   1.00 79.37 ? 1   DG  A OP2   1 
ATOM   4   O "O5'" . DG  A 1 1  ? -11.172 5.527   5.623   1.00 44.44 ? 1   DG  A "O5'" 1 
ATOM   5   C "C5'" . DG  A 1 1  ? -10.989 6.415   6.719   1.00 33.43 ? 1   DG  A "C5'" 1 
ATOM   6   C "C4'" . DG  A 1 1  ? -10.687 5.649   7.996   1.00 24.88 ? 1   DG  A "C4'" 1 
ATOM   7   O "O4'" . DG  A 1 1  ? -11.656 4.585   8.161   1.00 25.95 ? 1   DG  A "O4'" 1 
ATOM   8   C "C3'" . DG  A 1 1  ? -9.332  4.964   8.034   1.00 21.76 ? 1   DG  A "C3'" 1 
ATOM   9   O "O3'" . DG  A 1 1  ? -8.355  5.861   8.540   1.00 26.57 ? 1   DG  A "O3'" 1 
ATOM   10  C "C2'" . DG  A 1 1  ? -9.582  3.812   9.000   1.00 21.56 ? 1   DG  A "C2'" 1 
ATOM   11  C "C1'" . DG  A 1 1  ? -11.016 3.419   8.652   1.00 22.31 ? 1   DG  A "C1'" 1 
ATOM   12  N N9    . DG  A 1 1  ? -11.108 2.381   7.630   1.00 22.74 ? 1   DG  A N9    1 
ATOM   13  C C8    . DG  A 1 1  ? -11.381 2.560   6.295   1.00 28.47 ? 1   DG  A C8    1 
ATOM   14  N N7    . DG  A 1 1  ? -11.405 1.447   5.616   1.00 25.37 ? 1   DG  A N7    1 
ATOM   15  C C5    . DG  A 1 1  ? -11.135 0.466   6.560   1.00 21.44 ? 1   DG  A C5    1 
ATOM   16  C C6    . DG  A 1 1  ? -11.031 -0.936  6.411   1.00 23.24 ? 1   DG  A C6    1 
ATOM   17  O O6    . DG  A 1 1  ? -11.168 -1.609  5.380   1.00 23.30 ? 1   DG  A O6    1 
ATOM   18  N N1    . DG  A 1 1  ? -10.743 -1.563  7.621   1.00 21.51 ? 1   DG  A N1    1 
ATOM   19  C C2    . DG  A 1 1  ? -10.574 -0.916  8.821   1.00 24.02 ? 1   DG  A C2    1 
ATOM   20  N N2    . DG  A 1 1  ? -10.299 -1.693  9.881   1.00 23.27 ? 1   DG  A N2    1 
ATOM   21  N N3    . DG  A 1 1  ? -10.670 0.398   8.976   1.00 23.00 ? 1   DG  A N3    1 
ATOM   22  C C4    . DG  A 1 1  ? -10.950 1.024   7.806   1.00 22.49 ? 1   DG  A C4    1 
ATOM   23  P P     . DT  A 1 2  ? -6.852  5.826   7.973   1.00 27.58 ? 2   DT  A P     1 
ATOM   24  O OP1   . DT  A 1 2  ? -6.121  6.952   8.599   1.00 33.37 ? 2   DT  A OP1   1 
ATOM   25  O OP2   . DT  A 1 2  ? -6.914  5.716   6.501   1.00 26.78 ? 2   DT  A OP2   1 
ATOM   26  O "O5'" . DT  A 1 2  ? -6.261  4.449   8.530   1.00 26.68 ? 2   DT  A "O5'" 1 
ATOM   27  C "C5'" . DT  A 1 2  ? -6.012  4.294   9.920   1.00 26.19 ? 2   DT  A "C5'" 1 
ATOM   28  C "C4'" . DT  A 1 2  ? -5.782  2.834   10.269  1.00 24.36 ? 2   DT  A "C4'" 1 
ATOM   29  O "O4'" . DT  A 1 2  ? -6.964  2.064   9.945   1.00 26.03 ? 2   DT  A "O4'" 1 
ATOM   30  C "C3'" . DT  A 1 2  ? -4.675  2.150   9.491   1.00 25.32 ? 2   DT  A "C3'" 1 
ATOM   31  O "O3'" . DT  A 1 2  ? -3.414  2.434   10.067  1.00 29.70 ? 2   DT  A "O3'" 1 
ATOM   32  C "C2'" . DT  A 1 2  ? -5.054  0.686   9.666   1.00 27.56 ? 2   DT  A "C2'" 1 
ATOM   33  C "C1'" . DT  A 1 2  ? -6.578  0.750   9.564   1.00 23.82 ? 2   DT  A "C1'" 1 
ATOM   34  N N1    . DT  A 1 2  ? -7.076  0.476   8.189   1.00 27.66 ? 2   DT  A N1    1 
ATOM   35  C C2    . DT  A 1 2  ? -7.260  -0.828  7.799   1.00 29.57 ? 2   DT  A C2    1 
ATOM   36  O O2    . DT  A 1 2  ? -7.050  -1.777  8.531   1.00 29.41 ? 2   DT  A O2    1 
ATOM   37  N N3    . DT  A 1 2  ? -7.709  -0.984  6.515   1.00 25.76 ? 2   DT  A N3    1 
ATOM   38  C C4    . DT  A 1 2  ? -7.979  0.015   5.599   1.00 27.08 ? 2   DT  A C4    1 
ATOM   39  O O4    . DT  A 1 2  ? -8.381  -0.225  4.465   1.00 26.98 ? 2   DT  A O4    1 
ATOM   40  C C5    . DT  A 1 2  ? -7.758  1.362   6.070   1.00 27.36 ? 2   DT  A C5    1 
ATOM   41  C C7    . DT  A 1 2  ? -8.018  2.529   5.165   1.00 27.76 ? 2   DT  A C7    1 
ATOM   42  C C6    . DT  A 1 2  ? -7.321  1.527   7.326   1.00 26.88 ? 2   DT  A C6    1 
ATOM   43  P P     . DG  A 1 3  ? -2.088  2.359   9.165   1.00 28.70 ? 3   DG  A P     1 
ATOM   44  O OP1   . DG  A 1 3  ? -0.982  2.935   9.962   1.00 32.44 ? 3   DG  A OP1   1 
ATOM   45  O OP2   . DG  A 1 3  ? -2.408  2.929   7.837   1.00 29.64 ? 3   DG  A OP2   1 
ATOM   46  O "O5'" . DG  A 1 3  ? -1.838  0.790   8.968   1.00 28.08 ? 3   DG  A "O5'" 1 
ATOM   47  C "C5'" . DG  A 1 3  ? -1.517  -0.029  10.086  1.00 30.13 ? 3   DG  A "C5'" 1 
ATOM   48  C "C4'" . DG  A 1 3  ? -1.580  -1.501  9.718   1.00 25.84 ? 3   DG  A "C4'" 1 
ATOM   49  O "O4'" . DG  A 1 3  ? -2.935  -1.852  9.340   1.00 28.93 ? 3   DG  A "O4'" 1 
ATOM   50  C "C3'" . DG  A 1 3  ? -0.745  -1.903  8.517   1.00 30.16 ? 3   DG  A "C3'" 1 
ATOM   51  O "O3'" . DG  A 1 3  ? 0.599   -2.136  8.904   1.00 34.07 ? 3   DG  A "O3'" 1 
ATOM   52  C "C2'" . DG  A 1 3  ? -1.435  -3.192  8.091   1.00 33.35 ? 3   DG  A "C2'" 1 
ATOM   53  C "C1'" . DG  A 1 3  ? -2.903  -2.831  8.311   1.00 27.40 ? 3   DG  A "C1'" 1 
ATOM   54  N N9    . DG  A 1 3  ? -3.542  -2.279  7.120   1.00 28.70 ? 3   DG  A N9    1 
ATOM   55  C C8    . DG  A 1 3  ? -3.783  -0.954  6.849   1.00 31.11 ? 3   DG  A C8    1 
ATOM   56  N N7    . DG  A 1 3  ? -4.366  -0.756  5.699   1.00 32.55 ? 3   DG  A N7    1 
ATOM   57  C C5    . DG  A 1 3  ? -4.519  -2.034  5.172   1.00 28.89 ? 3   DG  A C5    1 
ATOM   58  C C6    . DG  A 1 3  ? -5.088  -2.450  3.945   1.00 37.39 ? 3   DG  A C6    1 
ATOM   59  O O6    . DG  A 1 3  ? -5.587  -1.748  3.055   1.00 35.77 ? 3   DG  A O6    1 
ATOM   60  N N1    . DG  A 1 3  ? -5.042  -3.835  3.799   1.00 37.13 ? 3   DG  A N1    1 
ATOM   61  C C2    . DG  A 1 3  ? -4.510  -4.706  4.720   1.00 30.87 ? 3   DG  A C2    1 
ATOM   62  N N2    . DG  A 1 3  ? -4.556  -6.009  4.402   1.00 24.12 ? 3   DG  A N2    1 
ATOM   63  N N3    . DG  A 1 3  ? -3.975  -4.329  5.878   1.00 27.94 ? 3   DG  A N3    1 
ATOM   64  C C4    . DG  A 1 3  ? -4.014  -2.981  6.034   1.00 25.63 ? 3   DG  A C4    1 
ATOM   65  P P     . DG  A 1 4  ? 1.777   -2.010  7.818   1.00 37.98 ? 4   DG  A P     1 
ATOM   66  O OP1   . DG  A 1 4  ? 3.063   -2.094  8.546   1.00 38.68 ? 4   DG  A OP1   1 
ATOM   67  O OP2   . DG  A 1 4  ? 1.483   -0.833  6.970   1.00 46.88 ? 4   DG  A OP2   1 
ATOM   68  O "O5'" . DG  A 1 4  ? 1.611   -3.320  6.911   1.00 30.10 ? 4   DG  A "O5'" 1 
ATOM   69  C "C5'" . DG  A 1 4  ? 1.844   -4.605  7.476   1.00 30.54 ? 4   DG  A "C5'" 1 
ATOM   70  C "C4'" . DG  A 1 4  ? 1.410   -5.708  6.527   1.00 29.42 ? 4   DG  A "C4'" 1 
ATOM   71  O "O4'" . DG  A 1 4  ? -0.001  -5.574  6.235   1.00 27.68 ? 4   DG  A "O4'" 1 
ATOM   72  C "C3'" . DG  A 1 4  ? 2.076   -5.690  5.166   1.00 30.59 ? 4   DG  A "C3'" 1 
ATOM   73  O "O3'" . DG  A 1 4  ? 3.337   -6.339  5.226   1.00 33.16 ? 4   DG  A "O3'" 1 
ATOM   74  C "C2'" . DG  A 1 4  ? 1.082   -6.486  4.331   1.00 29.86 ? 4   DG  A "C2'" 1 
ATOM   75  C "C1'" . DG  A 1 4  ? -0.253  -6.020  4.913   1.00 28.85 ? 4   DG  A "C1'" 1 
ATOM   76  N N9    . DG  A 1 4  ? -0.872  -4.931  4.158   1.00 26.48 ? 4   DG  A N9    1 
ATOM   77  C C8    . DG  A 1 4  ? -0.950  -3.607  4.522   1.00 27.21 ? 4   DG  A C8    1 
ATOM   78  N N7    . DG  A 1 4  ? -1.570  -2.864  3.645   1.00 27.79 ? 4   DG  A N7    1 
ATOM   79  C C5    . DG  A 1 4  ? -1.926  -3.752  2.637   1.00 22.59 ? 4   DG  A C5    1 
ATOM   80  C C6    . DG  A 1 4  ? -2.620  -3.526  1.423   1.00 24.27 ? 4   DG  A C6    1 
ATOM   81  O O6    . DG  A 1 4  ? -3.075  -2.461  0.985   1.00 24.63 ? 4   DG  A O6    1 
ATOM   82  N N1    . DG  A 1 4  ? -2.770  -4.699  0.690   1.00 20.96 ? 4   DG  A N1    1 
ATOM   83  C C2    . DG  A 1 4  ? -2.309  -5.935  1.080   1.00 21.05 ? 4   DG  A C2    1 
ATOM   84  N N2    . DG  A 1 4  ? -2.549  -6.951  0.239   1.00 21.21 ? 4   DG  A N2    1 
ATOM   85  N N3    . DG  A 1 4  ? -1.660  -6.161  2.215   1.00 25.22 ? 4   DG  A N3    1 
ATOM   86  C C4    . DG  A 1 4  ? -1.504  -5.028  2.940   1.00 23.09 ? 4   DG  A C4    1 
ATOM   87  P P     . DG  A 1 5  ? 4.477   -5.979  4.151   1.00 34.60 ? 5   DG  A P     1 
ATOM   88  O OP1   . DG  A 1 5  ? 5.749   -6.550  4.645   1.00 43.11 ? 5   DG  A OP1   1 
ATOM   89  O OP2   . DG  A 1 5  ? 4.382   -4.532  3.860   1.00 38.34 ? 5   DG  A OP2   1 
ATOM   90  O "O5'" . DG  A 1 5  ? 4.028   -6.767  2.834   1.00 36.39 ? 5   DG  A "O5'" 1 
ATOM   91  C "C5'" . DG  A 1 5  ? 4.093   -8.186  2.797   1.00 30.51 ? 5   DG  A "C5'" 1 
ATOM   92  C "C4'" . DG  A 1 5  ? 3.519   -8.719  1.498   1.00 25.11 ? 5   DG  A "C4'" 1 
ATOM   93  O "O4'" . DG  A 1 5  ? 2.102   -8.421  1.435   1.00 26.50 ? 5   DG  A "O4'" 1 
ATOM   94  C "C3'" . DG  A 1 5  ? 4.099   -8.101  0.237   1.00 24.24 ? 5   DG  A "C3'" 1 
ATOM   95  O "O3'" . DG  A 1 5  ? 5.273   -8.791  -0.149  1.00 27.61 ? 5   DG  A "O3'" 1 
ATOM   96  C "C2'" . DG  A 1 5  ? 2.973   -8.321  -0.762  1.00 27.24 ? 5   DG  A "C2'" 1 
ATOM   97  C "C1'" . DG  A 1 5  ? 1.747   -8.065  0.107   1.00 25.83 ? 5   DG  A "C1'" 1 
ATOM   98  N N9    . DG  A 1 5  ? 1.314   -6.674  0.102   1.00 24.05 ? 5   DG  A N9    1 
ATOM   99  C C8    . DG  A 1 5  ? 1.499   -5.743  1.095   1.00 23.52 ? 5   DG  A C8    1 
ATOM   100 N N7    . DG  A 1 5  ? 0.999   -4.573  0.811   1.00 25.31 ? 5   DG  A N7    1 
ATOM   101 C C5    . DG  A 1 5  ? 0.448   -4.736  -0.451  1.00 19.25 ? 5   DG  A C5    1 
ATOM   102 C C6    . DG  A 1 5  ? -0.233  -3.810  -1.276  1.00 18.74 ? 5   DG  A C6    1 
ATOM   103 O O6    . DG  A 1 5  ? -0.494  -2.622  -1.043  1.00 22.32 ? 5   DG  A O6    1 
ATOM   104 N N1    . DG  A 1 5  ? -0.626  -4.387  -2.482  1.00 22.59 ? 5   DG  A N1    1 
ATOM   105 C C2    . DG  A 1 5  ? -0.388  -5.691  -2.845  1.00 22.54 ? 5   DG  A C2    1 
ATOM   106 N N2    . DG  A 1 5  ? -0.842  -6.064  -4.051  1.00 20.99 ? 5   DG  A N2    1 
ATOM   107 N N3    . DG  A 1 5  ? 0.248   -6.569  -2.081  1.00 21.82 ? 5   DG  A N3    1 
ATOM   108 C C4    . DG  A 1 5  ? 0.636   -6.024  -0.904  1.00 19.77 ? 5   DG  A C4    1 
ATOM   109 P P     . DC  A 1 6  ? 6.442   -8.011  -0.928  1.00 27.92 ? 6   DC  A P     1 
ATOM   110 O OP1   . DC  A 1 6  ? 7.534   -8.982  -1.165  1.00 32.71 ? 6   DC  A OP1   1 
ATOM   111 O OP2   . DC  A 1 6  ? 6.718   -6.745  -0.216  1.00 29.45 ? 6   DC  A OP2   1 
ATOM   112 O "O5'" . DC  A 1 6  ? 5.779   -7.622  -2.330  1.00 25.15 ? 6   DC  A "O5'" 1 
ATOM   113 C "C5'" . DC  A 1 6  ? 5.477   -8.630  -3.276  1.00 27.34 ? 6   DC  A "C5'" 1 
ATOM   114 C "C4'" . DC  A 1 6  ? 4.778   -8.042  -4.486  1.00 21.19 ? 6   DC  A "C4'" 1 
ATOM   115 O "O4'" . DC  A 1 6  ? 3.476   -7.525  -4.106  1.00 21.73 ? 6   DC  A "O4'" 1 
ATOM   116 C "C3'" . DC  A 1 6  ? 5.462   -6.844  -5.106  1.00 23.72 ? 6   DC  A "C3'" 1 
ATOM   117 O "O3'" . DC  A 1 6  ? 6.539   -7.249  -5.922  1.00 26.16 ? 6   DC  A "O3'" 1 
ATOM   118 C "C2'" . DC  A 1 6  ? 4.318   -6.265  -5.922  1.00 25.05 ? 6   DC  A "C2'" 1 
ATOM   119 C "C1'" . DC  A 1 6  ? 3.164   -6.409  -4.933  1.00 23.24 ? 6   DC  A "C1'" 1 
ATOM   120 N N1    . DC  A 1 6  ? 2.985   -5.203  -4.075  1.00 21.57 ? 6   DC  A N1    1 
ATOM   121 C C2    . DC  A 1 6  ? 2.331   -4.082  -4.596  1.00 21.37 ? 6   DC  A C2    1 
ATOM   122 O O2    . DC  A 1 6  ? 1.905   -4.120  -5.758  1.00 22.41 ? 6   DC  A O2    1 
ATOM   123 N N3    . DC  A 1 6  ? 2.177   -2.988  -3.813  1.00 18.64 ? 6   DC  A N3    1 
ATOM   124 C C4    . DC  A 1 6  ? 2.653   -2.987  -2.567  1.00 21.77 ? 6   DC  A C4    1 
ATOM   125 N N4    . DC  A 1 6  ? 2.475   -1.884  -1.832  1.00 21.78 ? 6   DC  A N4    1 
ATOM   126 C C5    . DC  A 1 6  ? 3.328   -4.117  -2.017  1.00 20.19 ? 6   DC  A C5    1 
ATOM   127 C C6    . DC  A 1 6  ? 3.474   -5.191  -2.801  1.00 19.94 ? 6   DC  A C6    1 
ATOM   128 P P     . DC  A 1 7  ? 7.791   -6.263  -6.127  1.00 25.97 ? 7   DC  A P     1 
ATOM   129 O OP1   . DC  A 1 7  ? 8.787   -6.982  -6.951  1.00 30.54 ? 7   DC  A OP1   1 
ATOM   130 O OP2   . DC  A 1 7  ? 8.176   -5.716  -4.809  1.00 26.23 ? 7   DC  A OP2   1 
ATOM   131 O "O5'" . DC  A 1 7  ? 7.189   -5.046  -6.973  1.00 23.26 ? 7   DC  A "O5'" 1 
ATOM   132 C "C5'" . DC  A 1 7  ? 6.704   -5.265  -8.283  1.00 23.29 ? 7   DC  A "C5'" 1 
ATOM   133 C "C4'" . DC  A 1 7  ? 6.014   -4.023  -8.813  1.00 21.17 ? 7   DC  A "C4'" 1 
ATOM   134 O "O4'" . DC  A 1 7  ? 4.922   -3.658  -7.937  1.00 22.64 ? 7   DC  A "O4'" 1 
ATOM   135 C "C3'" . DC  A 1 7  ? 6.882   -2.785  -8.872  1.00 21.64 ? 7   DC  A "C3'" 1 
ATOM   136 O "O3'" . DC  A 1 7  ? 7.654   -2.794  -10.065 1.00 25.28 ? 7   DC  A "O3'" 1 
ATOM   137 C "C2'" . DC  A 1 7  ? 5.832   -1.676  -8.882  1.00 21.71 ? 7   DC  A "C2'" 1 
ATOM   138 C "C1'" . DC  A 1 7  ? 4.757   -2.247  -7.952  1.00 21.36 ? 7   DC  A "C1'" 1 
ATOM   139 N N1    . DC  A 1 7  ? 4.841   -1.740  -6.552  1.00 21.99 ? 7   DC  A N1    1 
ATOM   140 C C2    . DC  A 1 7  ? 4.280   -0.499  -6.233  1.00 21.85 ? 7   DC  A C2    1 
ATOM   141 O O2    . DC  A 1 7  ? 3.732   0.162   -7.125  1.00 21.72 ? 7   DC  A O2    1 
ATOM   142 N N3    . DC  A 1 7  ? 4.358   -0.052  -4.957  1.00 20.07 ? 7   DC  A N3    1 
ATOM   143 C C4    . DC  A 1 7  ? 4.964   -0.790  -4.025  1.00 19.32 ? 7   DC  A C4    1 
ATOM   144 N N4    . DC  A 1 7  ? 5.018   -0.303  -2.783  1.00 22.59 ? 7   DC  A N4    1 
ATOM   145 C C5    . DC  A 1 7  ? 5.540   -2.060  -4.329  1.00 20.92 ? 7   DC  A C5    1 
ATOM   146 C C6    . DC  A 1 7  ? 5.456   -2.492  -5.593  1.00 22.39 ? 7   DC  A C6    1 
ATOM   147 P P     . DG  A 1 8  ? 8.916   -1.813  -10.223 1.00 23.97 ? 8   DG  A P     1 
ATOM   148 O OP1   . DG  A 1 8  ? 9.555   -2.123  -11.521 1.00 24.62 ? 8   DG  A OP1   1 
ATOM   149 O OP2   . DG  A 1 8  ? 9.722   -1.873  -8.984  1.00 26.40 ? 8   DG  A OP2   1 
ATOM   150 O "O5'" . DG  A 1 8  ? 8.247   -0.367  -10.325 1.00 22.84 ? 8   DG  A "O5'" 1 
ATOM   151 C "C5'" . DG  A 1 8  ? 8.819   0.741   -9.659  1.00 26.10 ? 8   DG  A "C5'" 1 
ATOM   152 C "C4'" . DG  A 1 8  ? 7.810   1.870   -9.579  1.00 26.66 ? 8   DG  A "C4'" 1 
ATOM   153 O "O4'" . DG  A 1 8  ? 6.763   1.517   -8.646  1.00 23.95 ? 8   DG  A "O4'" 1 
ATOM   154 C "C3'" . DG  A 1 8  ? 8.353   3.191   -9.072  1.00 22.83 ? 8   DG  A "C3'" 1 
ATOM   155 O "O3'" . DG  A 1 8  ? 8.914   3.918   -10.148 1.00 23.67 ? 8   DG  A "O3'" 1 
ATOM   156 C "C2'" . DG  A 1 8  ? 7.087   3.862   -8.553  1.00 21.92 ? 8   DG  A "C2'" 1 
ATOM   157 C "C1'" . DG  A 1 8  ? 6.321   2.679   -7.965  1.00 24.41 ? 8   DG  A "C1'" 1 
ATOM   158 N N9    . DG  A 1 8  ? 6.547   2.494   -6.537  1.00 23.85 ? 8   DG  A N9    1 
ATOM   159 C C8    . DG  A 1 8  ? 7.202   1.450   -5.927  1.00 22.01 ? 8   DG  A C8    1 
ATOM   160 N N7    . DG  A 1 8  ? 7.248   1.557   -4.628  1.00 23.93 ? 8   DG  A N7    1 
ATOM   161 C C5    . DG  A 1 8  ? 6.581   2.747   -4.362  1.00 23.01 ? 8   DG  A C5    1 
ATOM   162 C C6    . DG  A 1 8  ? 6.312   3.386   -3.129  1.00 34.36 ? 8   DG  A C6    1 
ATOM   163 O O6    . DG  A 1 8  ? 6.623   3.012   -1.988  1.00 34.76 ? 8   DG  A O6    1 
ATOM   164 N N1    . DG  A 1 8  ? 5.609   4.577   -3.306  1.00 34.75 ? 8   DG  A N1    1 
ATOM   165 C C2    . DG  A 1 8  ? 5.216   5.084   -4.524  1.00 30.07 ? 8   DG  A C2    1 
ATOM   166 N N2    . DG  A 1 8  ? 4.546   6.247   -4.497  1.00 22.61 ? 8   DG  A N2    1 
ATOM   167 N N3    . DG  A 1 8  ? 5.461   4.494   -5.686  1.00 21.61 ? 8   DG  A N3    1 
ATOM   168 C C4    . DG  A 1 8  ? 6.144   3.334   -5.528  1.00 23.93 ? 8   DG  A C4    1 
ATOM   169 P P     . DA  A 1 9  ? 10.083  4.984   -9.887  1.00 25.79 ? 9   DA  A P     1 
ATOM   170 O OP1   . DA  A 1 9  ? 10.521  5.468   -11.216 1.00 29.54 ? 9   DA  A OP1   1 
ATOM   171 O OP2   . DA  A 1 9  ? 11.067  4.384   -8.958  1.00 28.90 ? 9   DA  A OP2   1 
ATOM   172 O "O5'" . DA  A 1 9  ? 9.353   6.176   -9.112  1.00 26.20 ? 9   DA  A "O5'" 1 
ATOM   173 C "C5'" . DA  A 1 9  ? 8.376   6.960   -9.780  1.00 26.70 ? 9   DA  A "C5'" 1 
ATOM   174 C "C4'" . DA  A 1 9  ? 7.874   8.068   -8.876  1.00 27.05 ? 9   DA  A "C4'" 1 
ATOM   175 O "O4'" . DA  A 1 9  ? 7.050   7.505   -7.829  1.00 25.77 ? 9   DA  A "O4'" 1 
ATOM   176 C "C3'" . DA  A 1 9  ? 8.963   8.833   -8.147  1.00 26.76 ? 9   DA  A "C3'" 1 
ATOM   177 O "O3'" . DA  A 1 9  ? 9.435   9.887   -8.964  1.00 28.06 ? 9   DA  A "O3'" 1 
ATOM   178 C "C2'" . DA  A 1 9  ? 8.218   9.361   -6.927  1.00 26.19 ? 9   DA  A "C2'" 1 
ATOM   179 C "C1'" . DA  A 1 9  ? 7.274   8.203   -6.614  1.00 26.58 ? 9   DA  A "C1'" 1 
ATOM   180 N N9    . DA  A 1 9  ? 7.803   7.262   -5.634  1.00 24.45 ? 9   DA  A N9    1 
ATOM   181 C C8    . DA  A 1 9  ? 8.481   6.100   -5.884  1.00 24.87 ? 9   DA  A C8    1 
ATOM   182 N N7    . DA  A 1 9  ? 8.827   5.445   -4.800  1.00 22.93 ? 9   DA  A N7    1 
ATOM   183 C C5    . DA  A 1 9  ? 8.341   6.233   -3.768  1.00 24.89 ? 9   DA  A C5    1 
ATOM   184 C C6    . DA  A 1 9  ? 8.377   6.092   -2.367  1.00 24.43 ? 9   DA  A C6    1 
ATOM   185 N N6    . DA  A 1 9  ? 8.958   5.062   -1.745  1.00 24.55 ? 9   DA  A N6    1 
ATOM   186 N N1    . DA  A 1 9  ? 7.798   7.060   -1.626  1.00 27.85 ? 9   DA  A N1    1 
ATOM   187 C C2    . DA  A 1 9  ? 7.219   8.092   -2.250  1.00 25.77 ? 9   DA  A C2    1 
ATOM   188 N N3    . DA  A 1 9  ? 7.120   8.332   -3.557  1.00 23.33 ? 9   DA  A N3    1 
ATOM   189 C C4    . DA  A 1 9  ? 7.706   7.354   -4.266  1.00 23.20 ? 9   DA  A C4    1 
ATOM   190 P P     . DC  A 1 10 ? 10.964  10.367  -8.853  1.00 28.30 ? 10  DC  A P     1 
ATOM   191 O OP1   . DC  A 1 10 ? 11.229  11.267  -9.999  1.00 33.71 ? 10  DC  A OP1   1 
ATOM   192 O OP2   . DC  A 1 10 ? 11.813  9.173   -8.650  1.00 31.49 ? 10  DC  A OP2   1 
ATOM   193 O "O5'" . DC  A 1 10 ? 11.002  11.212  -7.500  1.00 26.51 ? 10  DC  A "O5'" 1 
ATOM   194 C "C5'" . DC  A 1 10 ? 10.262  12.418  -7.398  1.00 27.05 ? 10  DC  A "C5'" 1 
ATOM   195 C "C4'" . DC  A 1 10 ? 10.181  12.878  -5.955  1.00 23.78 ? 10  DC  A "C4'" 1 
ATOM   196 O "O4'" . DC  A 1 10 ? 9.440   11.904  -5.181  1.00 24.52 ? 10  DC  A "O4'" 1 
ATOM   197 C "C3'" . DC  A 1 10 ? 11.514  12.982  -5.242  1.00 24.23 ? 10  DC  A "C3'" 1 
ATOM   198 O "O3'" . DC  A 1 10 ? 12.137  14.224  -5.536  1.00 26.68 ? 10  DC  A "O3'" 1 
ATOM   199 C "C2'" . DC  A 1 10 ? 11.081  12.900  -3.784  1.00 24.26 ? 10  DC  A "C2'" 1 
ATOM   200 C "C1'" . DC  A 1 10 ? 9.938   11.884  -3.852  1.00 25.94 ? 10  DC  A "C1'" 1 
ATOM   201 N N1    . DC  A 1 10 ? 10.360  10.494  -3.517  1.00 23.40 ? 10  DC  A N1    1 
ATOM   202 C C2    . DC  A 1 10 ? 10.304  10.064  -2.190  1.00 27.08 ? 10  DC  A C2    1 
ATOM   203 O O2    . DC  A 1 10 ? 9.898   10.846  -1.322  1.00 26.47 ? 10  DC  A O2    1 
ATOM   204 N N3    . DC  A 1 10 ? 10.692  8.800   -1.892  1.00 24.85 ? 10  DC  A N3    1 
ATOM   205 C C4    . DC  A 1 10 ? 11.123  7.988   -2.860  1.00 23.67 ? 10  DC  A C4    1 
ATOM   206 N N4    . DC  A 1 10 ? 11.494  6.750   -2.517  1.00 22.60 ? 10  DC  A N4    1 
ATOM   207 C C5    . DC  A 1 10 ? 11.190  8.410   -4.220  1.00 26.07 ? 10  DC  A C5    1 
ATOM   208 C C6    . DC  A 1 10 ? 10.805  9.660   -4.500  1.00 23.71 ? 10  DC  A C6    1 
ATOM   209 P P     . DG  B 2 1  ? 9.119   2.868   7.687   1.00 77.81 ? 1   DG  B P     1 
ATOM   210 O OP1   . DG  B 2 1  ? 8.145   2.588   6.608   1.00 74.62 ? 1   DG  B OP1   1 
ATOM   211 O OP2   . DG  B 2 1  ? 9.978   1.781   8.208   1.00 83.26 ? 1   DG  B OP2   1 
ATOM   212 O "O5'" . DG  B 2 1  ? 10.069  4.080   7.247   1.00 47.69 ? 1   DG  B "O5'" 1 
ATOM   213 C "C5'" . DG  B 2 1  ? 10.618  4.943   8.238   1.00 34.98 ? 1   DG  B "C5'" 1 
ATOM   214 C "C4'" . DG  B 2 1  ? 10.295  6.396   7.933   1.00 25.43 ? 1   DG  B "C4'" 1 
ATOM   215 O "O4'" . DG  B 2 1  ? 11.283  6.931   7.020   1.00 26.10 ? 1   DG  B "O4'" 1 
ATOM   216 C "C3'" . DG  B 2 1  ? 8.952   6.630   7.261   1.00 21.43 ? 1   DG  B "C3'" 1 
ATOM   217 O "O3'" . DG  B 2 1  ? 7.946   6.812   8.247   1.00 25.49 ? 1   DG  B "O3'" 1 
ATOM   218 C "C2'" . DG  B 2 1  ? 9.202   7.914   6.480   1.00 20.92 ? 1   DG  B "C2'" 1 
ATOM   219 C "C1'" . DG  B 2 1  ? 10.651  7.732   6.038   1.00 23.99 ? 1   DG  B "C1'" 1 
ATOM   220 N N9    . DG  B 2 1  ? 10.796  7.070   4.745   1.00 21.95 ? 1   DG  B N9    1 
ATOM   221 C C8    . DG  B 2 1  ? 11.108  5.750   4.525   1.00 25.74 ? 1   DG  B C8    1 
ATOM   222 N N7    . DG  B 2 1  ? 11.178  5.436   3.263   1.00 25.62 ? 1   DG  B N7    1 
ATOM   223 C C5    . DG  B 2 1  ? 10.898  6.625   2.601   1.00 22.84 ? 1   DG  B C5    1 
ATOM   224 C C6    . DG  B 2 1  ? 10.830  6.901   1.216   1.00 21.82 ? 1   DG  B C6    1 
ATOM   225 O O6    . DG  B 2 1  ? 11.011  6.125   0.270   1.00 22.08 ? 1   DG  B O6    1 
ATOM   226 N N1    . DG  B 2 1  ? 10.515  8.236   0.972   1.00 20.55 ? 1   DG  B N1    1 
ATOM   227 C C2    . DG  B 2 1  ? 10.296  9.183   1.944   1.00 24.08 ? 1   DG  B C2    1 
ATOM   228 N N2    . DG  B 2 1  ? 10.004  10.420  1.513   1.00 24.25 ? 1   DG  B N2    1 
ATOM   229 N N3    . DG  B 2 1  ? 10.357  8.937   3.246   1.00 23.80 ? 1   DG  B N3    1 
ATOM   230 C C4    . DG  B 2 1  ? 10.660  7.640   3.500   1.00 21.74 ? 1   DG  B C4    1 
ATOM   231 P P     . DT  B 2 2  ? 6.457   6.262   7.999   1.00 26.89 ? 2   DT  B P     1 
ATOM   232 O OP1   . DT  B 2 2  ? 5.682   6.518   9.234   1.00 31.08 ? 2   DT  B OP1   1 
ATOM   233 O OP2   . DT  B 2 2  ? 6.558   4.888   7.458   1.00 26.88 ? 2   DT  B OP2   1 
ATOM   234 O "O5'" . DT  B 2 2  ? 5.892   7.191   6.827   1.00 25.04 ? 2   DT  B "O5'" 1 
ATOM   235 C "C5'" . DT  B 2 2  ? 5.601   8.554   7.083   1.00 25.49 ? 2   DT  B "C5'" 1 
ATOM   236 C "C4'" . DT  B 2 2  ? 5.385   9.311   5.787   1.00 23.14 ? 2   DT  B "C4'" 1 
ATOM   237 O "O4'" . DT  B 2 2  ? 6.591   9.258   4.989   1.00 25.00 ? 2   DT  B "O4'" 1 
ATOM   238 C "C3'" . DT  B 2 2  ? 4.320   8.738   4.877   1.00 23.90 ? 2   DT  B "C3'" 1 
ATOM   239 O "O3'" . DT  B 2 2  ? 3.036   9.173   5.282   1.00 29.01 ? 2   DT  B "O3'" 1 
ATOM   240 C "C2'" . DT  B 2 2  ? 4.718   9.343   3.539   1.00 27.82 ? 2   DT  B "C2'" 1 
ATOM   241 C "C1'" . DT  B 2 2  ? 6.242   9.270   3.612   1.00 24.25 ? 2   DT  B "C1'" 1 
ATOM   242 N N1    . DT  B 2 2  ? 6.793   8.052   2.957   1.00 28.17 ? 2   DT  B N1    1 
ATOM   243 C C2    . DT  B 2 2  ? 7.008   8.071   1.600   1.00 27.77 ? 2   DT  B C2    1 
ATOM   244 O O2    . DT  B 2 2  ? 6.786   9.046   0.905   1.00 28.84 ? 2   DT  B O2    1 
ATOM   245 N N3    . DT  B 2 2  ? 7.505   6.906   1.083   1.00 25.68 ? 2   DT  B N3    1 
ATOM   246 C C4    . DT  B 2 2  ? 7.793   5.743   1.772   1.00 24.10 ? 2   DT  B C4    1 
ATOM   247 O O4    . DT  B 2 2  ? 8.238   4.744   1.215   1.00 26.07 ? 2   DT  B O4    1 
ATOM   248 C C5    . DT  B 2 2  ? 7.537   5.787   3.192   1.00 26.25 ? 2   DT  B C5    1 
ATOM   249 C C7    . DT  B 2 2  ? 7.813   4.584   4.043   1.00 26.71 ? 2   DT  B C7    1 
ATOM   250 C C6    . DT  B 2 2  ? 7.052   6.924   3.711   1.00 26.33 ? 2   DT  B C6    1 
ATOM   251 P P     . DC  B 2 3  ? 1.739   8.309   4.894   1.00 28.94 ? 3   DC  B P     1 
ATOM   252 O OP1   . DC  B 2 3  ? 0.592   8.893   5.623   1.00 31.75 ? 3   DC  B OP1   1 
ATOM   253 O OP2   . DC  B 2 3  ? 2.072   6.878   5.081   1.00 29.26 ? 3   DC  B OP2   1 
ATOM   254 O "O5'" . DC  B 2 3  ? 1.557   8.562   3.324   1.00 28.07 ? 3   DC  B "O5'" 1 
ATOM   255 C "C5'" . DC  B 2 3  ? 1.228   9.859   2.842   1.00 31.60 ? 3   DC  B "C5'" 1 
ATOM   256 C "C4'" . DC  B 2 3  ? 1.363   9.926   1.330   1.00 27.37 ? 3   DC  B "C4'" 1 
ATOM   257 O "O4'" . DC  B 2 3  ? 2.733   9.649   0.948   1.00 29.88 ? 3   DC  B "O4'" 1 
ATOM   258 C "C3'" . DC  B 2 3  ? 0.553   8.900   0.564   1.00 29.52 ? 3   DC  B "C3'" 1 
ATOM   259 O "O3'" . DC  B 2 3  ? -0.786  9.341   0.402   1.00 32.95 ? 3   DC  B "O3'" 1 
ATOM   260 C "C2'" . DC  B 2 3  ? 1.297   8.861   -0.765  1.00 35.81 ? 3   DC  B "C2'" 1 
ATOM   261 C "C1'" . DC  B 2 3  ? 2.751   8.979   -0.305  1.00 28.86 ? 3   DC  B "C1'" 1 
ATOM   262 N N1    . DC  B 2 3  ? 3.429   7.655   -0.141  1.00 31.01 ? 3   DC  B N1    1 
ATOM   263 C C2    . DC  B 2 3  ? 3.979   7.016   -1.260  1.00 25.78 ? 3   DC  B C2    1 
ATOM   264 O O2    . DC  B 2 3  ? 3.898   7.560   -2.367  1.00 30.19 ? 3   DC  B O2    1 
ATOM   265 N N3    . DC  B 2 3  ? 4.586   5.814   -1.097  1.00 30.24 ? 3   DC  B N3    1 
ATOM   266 C C4    . DC  B 2 3  ? 4.653   5.259   0.113   1.00 33.26 ? 3   DC  B C4    1 
ATOM   267 N N4    . DC  B 2 3  ? 5.262   4.073   0.222   1.00 38.31 ? 3   DC  B N4    1 
ATOM   268 C C5    . DC  B 2 3  ? 4.096   5.891   1.263   1.00 25.48 ? 3   DC  B C5    1 
ATOM   269 C C6    . DC  B 2 3  ? 3.499   7.075   1.092   1.00 29.14 ? 3   DC  B C6    1 
ATOM   270 P P     . DG  B 2 4  ? -1.960  8.264   0.181   1.00 38.99 ? 4   DG  B P     1 
ATOM   271 O OP1   . DG  B 2 4  ? -3.249  8.982   0.284   1.00 39.93 ? 4   DG  B OP1   1 
ATOM   272 O OP2   . DG  B 2 4  ? -1.685  7.110   1.066   1.00 45.41 ? 4   DG  B OP2   1 
ATOM   273 O "O5'" . DG  B 2 4  ? -1.757  7.779   -1.332  1.00 31.23 ? 4   DG  B "O5'" 1 
ATOM   274 C "C5'" . DG  B 2 4  ? -1.943  8.699   -2.400  1.00 31.15 ? 4   DG  B "C5'" 1 
ATOM   275 C "C4'" . DG  B 2 4  ? -1.462  8.114   -3.718  1.00 30.17 ? 4   DG  B "C4'" 1 
ATOM   276 O "O4'" . DG  B 2 4  ? -0.049  7.818   -3.636  1.00 28.81 ? 4   DG  B "O4'" 1 
ATOM   277 C "C3'" . DG  B 2 4  ? -2.099  6.796   -4.112  1.00 30.62 ? 4   DG  B "C3'" 1 
ATOM   278 O "O3'" . DG  B 2 4  ? -3.347  7.023   -4.746  1.00 34.90 ? 4   DG  B "O3'" 1 
ATOM   279 C "C2'" . DG  B 2 4  ? -1.070  6.245   -5.089  1.00 32.73 ? 4   DG  B "C2'" 1 
ATOM   280 C "C1'" . DG  B 2 4  ? 0.242   6.686   -4.441  1.00 30.44 ? 4   DG  B "C1'" 1 
ATOM   281 N N9    . DG  B 2 4  ? 0.859   5.660   -3.603  1.00 25.95 ? 4   DG  B N9    1 
ATOM   282 C C8    . DG  B 2 4  ? 0.882   5.610   -2.229  1.00 27.64 ? 4   DG  B C8    1 
ATOM   283 N N7    . DG  B 2 4  ? 1.516   4.573   -1.757  1.00 28.75 ? 4   DG  B N7    1 
ATOM   284 C C5    . DG  B 2 4  ? 1.942   3.889   -2.889  1.00 22.53 ? 4   DG  B C5    1 
ATOM   285 C C6    . DG  B 2 4  ? 2.682   2.687   -3.008  1.00 25.22 ? 4   DG  B C6    1 
ATOM   286 O O6    . DG  B 2 4  ? 3.124   1.963   -2.104  1.00 24.87 ? 4   DG  B O6    1 
ATOM   287 N N1    . DG  B 2 4  ? 2.899   2.347   -4.341  1.00 21.27 ? 4   DG  B N1    1 
ATOM   288 C C2    . DG  B 2 4  ? 2.458   3.074   -5.420  1.00 21.16 ? 4   DG  B C2    1 
ATOM   289 N N2    . DG  B 2 4  ? 2.763   2.586   -6.631  1.00 21.88 ? 4   DG  B N2    1 
ATOM   290 N N3    . DG  B 2 4  ? 1.766   4.201   -5.322  1.00 24.68 ? 4   DG  B N3    1 
ATOM   291 C C4    . DG  B 2 4  ? 1.545   4.547   -4.033  1.00 23.64 ? 4   DG  B C4    1 
ATOM   292 P P     . DG  B 2 5  ? -4.452  5.856   -4.783  1.00 34.75 ? 5   DG  B P     1 
ATOM   293 O OP1   . DG  B 2 5  ? -5.721  6.465   -5.242  1.00 42.17 ? 5   DG  B OP1   1 
ATOM   294 O OP2   . DG  B 2 5  ? -4.403  5.139   -3.490  1.00 40.27 ? 5   DG  B OP2   1 
ATOM   295 O "O5'" . DG  B 2 5  ? -3.920  4.856   -5.912  1.00 35.62 ? 5   DG  B "O5'" 1 
ATOM   296 C "C5'" . DG  B 2 5  ? -3.969  5.238   -7.280  1.00 30.67 ? 5   DG  B "C5'" 1 
ATOM   297 C "C4'" . DG  B 2 5  ? -3.348  4.169   -8.161  1.00 26.86 ? 5   DG  B "C4'" 1 
ATOM   298 O "O4'" . DG  B 2 5  ? -1.936  4.055   -7.859  1.00 26.79 ? 5   DG  B "O4'" 1 
ATOM   299 C "C3'" . DG  B 2 5  ? -3.902  2.769   -7.959  1.00 25.00 ? 5   DG  B "C3'" 1 
ATOM   300 O "O3'" . DG  B 2 5  ? -5.048  2.575   -8.763  1.00 27.57 ? 5   DG  B "O3'" 1 
ATOM   301 C "C2'" . DG  B 2 5  ? -2.742  1.907   -8.432  1.00 27.39 ? 5   DG  B "C2'" 1 
ATOM   302 C "C1'" . DG  B 2 5  ? -1.549  2.689   -7.899  1.00 25.27 ? 5   DG  B "C1'" 1 
ATOM   303 N N9    . DG  B 2 5  ? -1.140  2.283   -6.559  1.00 23.58 ? 5   DG  B N9    1 
ATOM   304 C C8    . DG  B 2 5  ? -1.370  2.954   -5.382  1.00 22.31 ? 5   DG  B C8    1 
ATOM   305 N N7    . DG  B 2 5  ? -0.882  2.349   -4.335  1.00 25.53 ? 5   DG  B N7    1 
ATOM   306 C C5    . DG  B 2 5  ? -0.294  1.202   -4.849  1.00 19.48 ? 5   DG  B C5    1 
ATOM   307 C C6    . DG  B 2 5  ? 0.394   0.158   -4.190  1.00 18.54 ? 5   DG  B C6    1 
ATOM   308 O O6    . DG  B 2 5  ? 0.630   0.037   -2.980  1.00 21.26 ? 5   DG  B O6    1 
ATOM   309 N N1    . DG  B 2 5  ? 0.829   -0.817  -5.086  1.00 22.04 ? 5   DG  B N1    1 
ATOM   310 C C2    . DG  B 2 5  ? 0.624   -0.785  -6.445  1.00 21.68 ? 5   DG  B C2    1 
ATOM   311 N N2    . DG  B 2 5  ? 1.117   -1.817  -7.145  1.00 20.68 ? 5   DG  B N2    1 
ATOM   312 N N3    . DG  B 2 5  ? -0.017  0.191   -7.075  1.00 20.90 ? 5   DG  B N3    1 
ATOM   313 C C4    . DG  B 2 5  ? -0.447  1.146   -6.217  1.00 21.14 ? 5   DG  B C4    1 
ATOM   314 P P     . DC  B 2 6  ? -6.204  1.568   -8.281  1.00 27.25 ? 6   DC  B P     1 
ATOM   315 O OP1   . DC  B 2 6  ? -7.273  1.599   -9.303  1.00 32.24 ? 6   DC  B OP1   1 
ATOM   316 O OP2   . DC  B 2 6  ? -6.520  1.870   -6.868  1.00 28.21 ? 6   DC  B OP2   1 
ATOM   317 O "O5'" . DC  B 2 6  ? -5.504  0.131   -8.308  1.00 26.07 ? 6   DC  B "O5'" 1 
ATOM   318 C "C5'" . DC  B 2 6  ? -5.142  -0.460  -9.543  1.00 28.23 ? 6   DC  B "C5'" 1 
ATOM   319 C "C4'" . DC  B 2 6  ? -4.412  -1.772  -9.322  1.00 22.72 ? 6   DC  B "C4'" 1 
ATOM   320 O "O4'" . DC  B 2 6  ? -3.138  -1.529  -8.675  1.00 21.36 ? 6   DC  B "O4'" 1 
ATOM   321 C "C3'" . DC  B 2 6  ? -5.099  -2.745  -8.389  1.00 24.20 ? 6   DC  B "C3'" 1 
ATOM   322 O "O3'" . DC  B 2 6  ? -6.137  -3.432  -9.053  1.00 26.45 ? 6   DC  B "O3'" 1 
ATOM   323 C "C2'" . DC  B 2 6  ? -3.938  -3.663  -8.046  1.00 24.18 ? 6   DC  B "C2'" 1 
ATOM   324 C "C1'" . DC  B 2 6  ? -2.821  -2.644  -7.846  1.00 22.76 ? 6   DC  B "C1'" 1 
ATOM   325 N N1    . DC  B 2 6  ? -2.703  -2.185  -6.432  1.00 21.21 ? 6   DC  B N1    1 
ATOM   326 C C2    . DC  B 2 6  ? -2.064  -3.005  -5.495  1.00 20.27 ? 6   DC  B C2    1 
ATOM   327 O O2    . DC  B 2 6  ? -1.602  -4.092  -5.863  1.00 23.02 ? 6   DC  B O2    1 
ATOM   328 N N3    . DC  B 2 6  ? -1.965  -2.583  -4.211  1.00 19.51 ? 6   DC  B N3    1 
ATOM   329 C C4    . DC  B 2 6  ? -2.480  -1.405  -3.855  1.00 20.73 ? 6   DC  B C4    1 
ATOM   330 N N4    . DC  B 2 6  ? -2.355  -1.031  -2.578  1.00 20.89 ? 6   DC  B N4    1 
ATOM   331 C C5    . DC  B 2 6  ? -3.140  -0.556  -4.792  1.00 19.84 ? 6   DC  B C5    1 
ATOM   332 C C6    . DC  B 2 6  ? -3.231  -0.983  -6.056  1.00 20.38 ? 6   DC  B C6    1 
ATOM   333 P P     . DC  B 2 7  ? -7.409  -3.941  -8.214  1.00 25.72 ? 7   DC  B P     1 
ATOM   334 O OP1   . DC  B 2 7  ? -8.371  -4.526  -9.173  1.00 29.56 ? 7   DC  B OP1   1 
ATOM   335 O OP2   . DC  B 2 7  ? -7.832  -2.850  -7.312  1.00 25.45 ? 7   DC  B OP2   1 
ATOM   336 O "O5'" . DC  B 2 7  ? -6.819  -5.100  -7.283  1.00 23.56 ? 7   DC  B "O5'" 1 
ATOM   337 C "C5'" . DC  B 2 7  ? -6.292  -6.276  -7.863  1.00 23.58 ? 7   DC  B "C5'" 1 
ATOM   338 C "C4'" . DC  B 2 7  ? -5.609  -7.132  -6.813  1.00 22.16 ? 7   DC  B "C4'" 1 
ATOM   339 O "O4'" . DC  B 2 7  ? -4.558  -6.373  -6.174  1.00 22.60 ? 7   DC  B "O4'" 1 
ATOM   340 C "C3'" . DC  B 2 7  ? -6.498  -7.578  -5.673  1.00 21.25 ? 7   DC  B "C3'" 1 
ATOM   341 O "O3'" . DC  B 2 7  ? -7.223  -8.737  -6.056  1.00 23.61 ? 7   DC  B "O3'" 1 
ATOM   342 C "C2'" . DC  B 2 7  ? -5.473  -7.884  -4.586  1.00 21.73 ? 7   DC  B "C2'" 1 
ATOM   343 C "C1'" . DC  B 2 7  ? -4.418  -6.800  -4.828  1.00 20.90 ? 7   DC  B "C1'" 1 
ATOM   344 N N1    . DC  B 2 7  ? -4.560  -5.614  -3.932  1.00 21.42 ? 7   DC  B N1    1 
ATOM   345 C C2    . DC  B 2 7  ? -4.049  -5.665  -2.631  1.00 20.31 ? 7   DC  B C2    1 
ATOM   346 O O2    . DC  B 2 7  ? -3.494  -6.701  -2.240  1.00 20.60 ? 7   DC  B O2    1 
ATOM   347 N N3    . DC  B 2 7  ? -4.179  -4.578  -1.832  1.00 20.49 ? 7   DC  B N3    1 
ATOM   348 C C4    . DC  B 2 7  ? -4.790  -3.483  -2.285  1.00 18.99 ? 7   DC  B C4    1 
ATOM   349 N N4    . DC  B 2 7  ? -4.898  -2.440  -1.457  1.00 21.55 ? 7   DC  B N4    1 
ATOM   350 C C5    . DC  B 2 7  ? -5.316  -3.409  -3.610  1.00 19.15 ? 7   DC  B C5    1 
ATOM   351 C C6    . DC  B 2 7  ? -5.181  -4.487  -4.391  1.00 20.91 ? 7   DC  B C6    1 
ATOM   352 P P     . DC  B 2 8  ? -8.497  -9.217  -5.202  1.00 24.01 ? 8   DC  B P     1 
ATOM   353 O OP1   . DC  B 2 8  ? -9.062  -10.400 -5.890  1.00 25.71 ? 8   DC  B OP1   1 
ATOM   354 O OP2   . DC  B 2 8  ? -9.363  -8.044  -4.946  1.00 25.21 ? 8   DC  B OP2   1 
ATOM   355 O "O5'" . DC  B 2 8  ? -7.855  -9.701  -3.820  1.00 23.54 ? 8   DC  B "O5'" 1 
ATOM   356 C "C5'" . DC  B 2 8  ? -8.450  -9.344  -2.582  1.00 25.27 ? 8   DC  B "C5'" 1 
ATOM   357 C "C4'" . DC  B 2 8  ? -7.482  -9.607  -1.441  1.00 27.50 ? 8   DC  B "C4'" 1 
ATOM   358 O "O4'" . DC  B 2 8  ? -6.457  -8.585  -1.428  1.00 24.95 ? 8   DC  B "O4'" 1 
ATOM   359 C "C3'" . DC  B 2 8  ? -8.092  -9.567  -0.053  1.00 21.96 ? 8   DC  B "C3'" 1 
ATOM   360 O "O3'" . DC  B 2 8  ? -8.623  -10.838 0.268   1.00 23.34 ? 8   DC  B "O3'" 1 
ATOM   361 C "C2'" . DC  B 2 8  ? -6.880  -9.240  0.811   1.00 22.77 ? 8   DC  B "C2'" 1 
ATOM   362 C "C1'" . DC  B 2 8  ? -6.090  -8.290  -0.089  1.00 25.32 ? 8   DC  B "C1'" 1 
ATOM   363 N N1    . DC  B 2 8  ? -6.368  -6.846  0.177   1.00 23.45 ? 8   DC  B N1    1 
ATOM   364 C C2    . DC  B 2 8  ? -5.897  -6.250  1.356   1.00 24.83 ? 8   DC  B C2    1 
ATOM   365 O O2    . DC  B 2 8  ? -5.260  -6.932  2.168   1.00 26.37 ? 8   DC  B O2    1 
ATOM   366 N N3    . DC  B 2 8  ? -6.157  -4.938  1.577   1.00 29.06 ? 8   DC  B N3    1 
ATOM   367 C C4    . DC  B 2 8  ? -6.847  -4.233  0.682   1.00 26.45 ? 8   DC  B C4    1 
ATOM   368 N N4    . DC  B 2 8  ? -7.076  -2.942  0.947   1.00 29.69 ? 8   DC  B N4    1 
ATOM   369 C C5    . DC  B 2 8  ? -7.333  -4.818  -0.524  1.00 20.73 ? 8   DC  B C5    1 
ATOM   370 C C6    . DC  B 2 8  ? -7.071  -6.113  -0.736  1.00 23.09 ? 8   DC  B C6    1 
ATOM   371 P P     . DA  B 2 9  ? -9.840  -10.973 1.309   1.00 25.02 ? 9   DA  B P     1 
ATOM   372 O OP1   . DA  B 2 9  ? -10.215 -12.405 1.342   1.00 27.58 ? 9   DA  B OP1   1 
ATOM   373 O OP2   . DA  B 2 9  ? -10.854 -9.951  0.972   1.00 29.82 ? 9   DA  B OP2   1 
ATOM   374 O "O5'" . DA  B 2 9  ? -9.194  -10.574 2.713   1.00 25.19 ? 9   DA  B "O5'" 1 
ATOM   375 C "C5'" . DA  B 2 9  ? -8.207  -11.406 3.303   1.00 25.91 ? 9   DA  B "C5'" 1 
ATOM   376 C "C4'" . DA  B 2 9  ? -7.756  -10.836 4.633   1.00 26.02 ? 9   DA  B "C4'" 1 
ATOM   377 O "O4'" . DA  B 2 9  ? -6.972  -9.641  4.409   1.00 25.78 ? 9   DA  B "O4'" 1 
ATOM   378 C "C3'" . DA  B 2 9  ? -8.881  -10.393 5.544   1.00 26.39 ? 9   DA  B "C3'" 1 
ATOM   379 O "O3'" . DA  B 2 9  ? -9.348  -11.493 6.297   1.00 26.44 ? 9   DA  B "O3'" 1 
ATOM   380 C "C2'" . DA  B 2 9  ? -8.186  -9.364  6.427   1.00 23.86 ? 9   DA  B "C2'" 1 
ATOM   381 C "C1'" . DA  B 2 9  ? -7.236  -8.698  5.435   1.00 24.50 ? 9   DA  B "C1'" 1 
ATOM   382 N N9    . DA  B 2 9  ? -7.779  -7.493  4.821   1.00 24.64 ? 9   DA  B N9    1 
ATOM   383 C C8    . DA  B 2 9  ? -8.433  -7.400  3.623   1.00 25.75 ? 9   DA  B C8    1 
ATOM   384 N N7    . DA  B 2 9  ? -8.799  -6.177  3.314   1.00 22.43 ? 9   DA  B N7    1 
ATOM   385 C C5    . DA  B 2 9  ? -8.353  -5.418  4.383   1.00 22.57 ? 9   DA  B C5    1 
ATOM   386 C C6    . DA  B 2 9  ? -8.425  -4.039  4.667   1.00 24.78 ? 9   DA  B C6    1 
ATOM   387 N N6    . DA  B 2 9  ? -9.009  -3.152  3.856   1.00 26.04 ? 9   DA  B N6    1 
ATOM   388 N N1    . DA  B 2 9  ? -7.879  -3.608  5.822   1.00 28.14 ? 9   DA  B N1    1 
ATOM   389 C C2    . DA  B 2 9  ? -7.298  -4.500  6.634   1.00 25.35 ? 9   DA  B C2    1 
ATOM   390 N N3    . DA  B 2 9  ? -7.166  -5.817  6.475   1.00 23.51 ? 9   DA  B N3    1 
ATOM   391 C C4    . DA  B 2 9  ? -7.719  -6.214  5.318   1.00 23.63 ? 9   DA  B C4    1 
ATOM   392 P P     . DC  B 2 10 ? -10.889 -11.568 6.740   1.00 28.12 ? 10  DC  B P     1 
ATOM   393 O OP1   . DC  B 2 10 ? -11.134 -12.934 7.256   1.00 33.18 ? 10  DC  B OP1   1 
ATOM   394 O OP2   . DC  B 2 10 ? -11.724 -11.043 5.637   1.00 30.19 ? 10  DC  B OP2   1 
ATOM   395 O "O5'" . DC  B 2 10 ? -10.989 -10.527 7.945   1.00 24.77 ? 10  DC  B "O5'" 1 
ATOM   396 C "C5'" . DC  B 2 10 ? -10.289 -10.778 9.153   1.00 25.99 ? 10  DC  B "C5'" 1 
ATOM   397 C "C4'" . DC  B 2 10 ? -10.271 -9.542  10.027  1.00 24.16 ? 10  DC  B "C4'" 1 
ATOM   398 O "O4'" . DC  B 2 10 ? -9.540  -8.488  9.356   1.00 25.75 ? 10  DC  B "O4'" 1 
ATOM   399 C "C3'" . DC  B 2 10 ? -11.632 -8.934  10.302  1.00 24.66 ? 10  DC  B "C3'" 1 
ATOM   400 O "O3'" . DC  B 2 10 ? -12.266 -9.607  11.380  1.00 27.04 ? 10  DC  B "O3'" 1 
ATOM   401 C "C2'" . DC  B 2 10 ? -11.255 -7.504  10.672  1.00 24.81 ? 10  DC  B "C2'" 1 
ATOM   402 C "C1'" . DC  B 2 10 ? -10.090 -7.230  9.717   1.00 27.27 ? 10  DC  B "C1'" 1 
ATOM   403 N N1    . DC  B 2 10 ? -10.494 -6.508  8.476   1.00 23.82 ? 10  DC  B N1    1 
ATOM   404 C C2    . DC  B 2 10 ? -10.463 -5.113  8.455   1.00 27.26 ? 10  DC  B C2    1 
ATOM   405 O O2    . DC  B 2 10 ? -10.098 -4.505  9.468   1.00 26.94 ? 10  DC  B O2    1 
ATOM   406 N N3    . DC  B 2 10 ? -10.831 -4.464  7.323   1.00 24.93 ? 10  DC  B N3    1 
ATOM   407 C C4    . DC  B 2 10 ? -11.218 -5.159  6.252   1.00 24.20 ? 10  DC  B C4    1 
ATOM   408 N N4    . DC  B 2 10 ? -11.573 -4.477  5.158   1.00 24.28 ? 10  DC  B N4    1 
ATOM   409 C C5    . DC  B 2 10 ? -11.260 -6.585  6.255   1.00 23.60 ? 10  DC  B C5    1 
ATOM   410 C C6    . DC  B 2 10 ? -10.892 -7.212  7.377   1.00 23.45 ? 10  DC  B C6    1 
HETATM 411 O O     . HOH C 3 .  ? -3.793  7.451   8.974   1.00 45.91 ? 101 HOH A O     1 
HETATM 412 O O     . HOH C 3 .  ? -2.936  -0.050  1.397   1.00 33.24 ? 102 HOH A O     1 
HETATM 413 O O     . HOH C 3 .  ? -8.389  8.778   3.817   1.00 39.19 ? 103 HOH A O     1 
HETATM 414 O O     . HOH C 3 .  ? 1.777   1.672   6.566   1.00 44.50 ? 104 HOH A O     1 
HETATM 415 O O     . HOH C 3 .  ? 9.548   -7.475  -9.342  1.00 38.46 ? 105 HOH A O     1 
HETATM 416 O O     . HOH C 3 .  ? 11.343  -3.813  -8.589  1.00 39.54 ? 106 HOH A O     1 
HETATM 417 O O     . HOH C 3 .  ? 9.277   -1.062  -6.596  1.00 29.23 ? 107 HOH A O     1 
HETATM 418 O O     . HOH C 3 .  ? 1.570   2.538   9.617   1.00 42.10 ? 108 HOH A O     1 
HETATM 419 O O     . HOH C 3 .  ? -1.566  -8.582  3.209   1.00 34.35 ? 109 HOH A O     1 
HETATM 420 O O     . HOH C 3 .  ? -6.266  9.480   7.889   1.00 33.85 ? 110 HOH A O     1 
HETATM 421 O O     . HOH C 3 .  ? 2.049   -0.824  4.371   1.00 41.07 ? 111 HOH A O     1 
HETATM 422 O O     . HOH C 3 .  ? -0.769  2.697   12.632  1.00 31.85 ? 112 HOH A O     1 
HETATM 423 O O     . HOH C 3 .  ? 6.026   10.727  -4.110  1.00 40.54 ? 113 HOH A O     1 
HETATM 424 O O     . HOH C 3 .  ? 9.352   -3.270  -4.535  1.00 33.73 ? 114 HOH A O     1 
HETATM 425 O O     . HOH C 3 .  ? -5.889  -3.109  10.622  1.00 35.60 ? 115 HOH A O     1 
HETATM 426 O O     . HOH C 3 .  ? -11.947 -1.203  2.781   1.00 33.91 ? 116 HOH A O     1 
HETATM 427 O O     . HOH C 3 .  ? 13.713  11.385  -11.197 1.00 44.23 ? 117 HOH A O     1 
HETATM 428 O O     . HOH C 3 .  ? 1.880   -4.897  -8.410  1.00 35.90 ? 118 HOH A O     1 
HETATM 429 O O     . HOH C 3 .  ? 13.830  13.859  -7.693  1.00 29.22 ? 119 HOH A O     1 
HETATM 430 O O     . HOH C 3 .  ? 12.164  -2.978  -11.952 1.00 38.58 ? 120 HOH A O     1 
HETATM 431 O O     . HOH C 3 .  ? 10.521  3.258   -4.522  1.00 38.69 ? 121 HOH A O     1 
HETATM 432 O O     . HOH C 3 .  ? 11.353  -5.898  -6.996  1.00 46.84 ? 122 HOH A O     1 
HETATM 433 O O     . HOH C 3 .  ? -0.881  1.626   5.895   1.00 37.65 ? 123 HOH A O     1 
HETATM 434 O O     . HOH C 3 .  ? -0.091  -0.910  1.136   1.00 42.79 ? 124 HOH A O     1 
HETATM 435 O O     . HOH C 3 .  ? 8.741   -5.902  1.549   1.00 44.00 ? 125 HOH A O     1 
HETATM 436 O O     . HOH C 3 .  ? 10.563  -6.399  -3.471  1.00 49.70 ? 126 HOH A O     1 
HETATM 437 O O     . HOH C 3 .  ? 5.518   -4.461  0.949   1.00 28.78 ? 127 HOH A O     1 
HETATM 438 O O     . HOH C 3 .  ? 3.787   -1.449  0.652   1.00 33.28 ? 128 HOH A O     1 
HETATM 439 O O     . HOH C 3 .  ? -1.517  -0.020  3.761   1.00 38.49 ? 129 HOH A O     1 
HETATM 440 O O     . HOH C 3 .  ? 2.340   -2.808  2.601   1.00 38.81 ? 130 HOH A O     1 
HETATM 441 O O     . HOH C 3 .  ? 12.080  6.677   -7.268  1.00 38.39 ? 131 HOH A O     1 
HETATM 442 O O     . HOH C 3 .  ? -8.285  4.347   1.932   1.00 49.50 ? 132 HOH A O     1 
HETATM 443 O O     . HOH C 3 .  ? -12.109 1.934   2.842   1.00 40.83 ? 133 HOH A O     1 
HETATM 444 O O     . HOH C 3 .  ? 7.334   -4.698  -2.186  1.00 28.96 ? 134 HOH A O     1 
HETATM 445 O O     . HOH C 3 .  ? 12.806  4.957   -4.412  1.00 39.08 ? 135 HOH A O     1 
HETATM 446 O O     . HOH C 3 .  ? 4.173   5.637   -8.044  1.00 26.58 ? 136 HOH A O     1 
HETATM 447 O O     . HOH C 3 .  ? -3.074  -6.385  7.757   1.00 41.25 ? 137 HOH A O     1 
HETATM 448 O O     . HOH C 3 .  ? 8.742   -0.102  -2.726  1.00 41.42 ? 138 HOH A O     1 
HETATM 449 O O     . HOH C 3 .  ? 8.844   13.353  -0.218  1.00 47.81 ? 139 HOH A O     1 
HETATM 450 O O     . HOH C 3 .  ? -4.867  7.425   5.177   1.00 44.57 ? 140 HOH A O     1 
HETATM 451 O O     . HOH C 3 .  ? 6.895   13.438  -5.413  1.00 40.35 ? 141 HOH A O     1 
HETATM 452 O O     . HOH C 3 .  ? 5.660   -3.125  7.426   1.00 48.28 ? 142 HOH A O     1 
HETATM 453 O O     . HOH C 3 .  ? 6.577   -2.175  -0.999  1.00 32.88 ? 143 HOH A O     1 
HETATM 454 O O     . HOH C 3 .  ? -4.408  3.853   5.588   1.00 39.02 ? 144 HOH A O     1 
HETATM 455 O O     . HOH C 3 .  ? -3.373  -8.502  5.978   1.00 39.67 ? 145 HOH A O     1 
HETATM 456 O O     . HOH C 3 .  ? 7.612   -11.705 -2.815  1.00 45.23 ? 146 HOH A O     1 
HETATM 457 O O     . HOH C 3 .  ? 4.718   7.490   -10.040 1.00 33.75 ? 147 HOH A O     1 
HETATM 458 O O     . HOH C 3 .  ? 8.462   13.085  -10.475 1.00 49.23 ? 148 HOH A O     1 
HETATM 459 O O     . HOH C 3 .  ? 10.404  2.074   -2.165  1.00 41.95 ? 149 HOH A O     1 
HETATM 460 O O     . HOH C 3 .  ? -8.578  9.990   5.989   1.00 41.87 ? 150 HOH A O     1 
HETATM 461 O O     . HOH C 3 .  ? 10.412  -5.761  -10.913 1.00 35.60 ? 151 HOH A O     1 
HETATM 462 O O     . HOH C 3 .  ? -12.407 8.955   4.488   1.00 33.62 ? 152 HOH A O     1 
HETATM 463 O O     . HOH C 3 .  ? 2.189   -9.925  6.113   1.00 52.31 ? 153 HOH A O     1 
HETATM 464 O O     . HOH C 3 .  ? 12.424  -7.999  -8.310  1.00 52.22 ? 154 HOH A O     1 
HETATM 465 O O     . HOH C 3 .  ? 10.975  1.005   -6.083  1.00 37.76 ? 155 HOH A O     1 
HETATM 466 O O     . HOH C 3 .  ? -0.382  3.602   4.263   1.00 35.24 ? 156 HOH A O     1 
HETATM 467 O O     . HOH C 3 .  ? 9.423   -12.696 -0.066  1.00 55.27 ? 157 HOH A O     1 
HETATM 468 O O     . HOH C 3 .  ? 7.490   9.479   -12.791 1.00 46.54 ? 158 HOH A O     1 
HETATM 469 O O     . HOH C 3 .  ? 3.624   -8.673  8.848   1.00 50.80 ? 159 HOH A O     1 
HETATM 470 O O     . HOH C 3 .  ? 11.920  -4.212  -14.608 1.00 47.81 ? 160 HOH A O     1 
HETATM 471 O O     . HOH C 3 .  ? 10.975  6.552   -15.532 1.00 48.22 ? 161 HOH A O     1 
HETATM 472 O O     . HOH C 3 .  ? 9.762   -3.521  -1.154  1.00 42.50 ? 162 HOH A O     1 
HETATM 473 O O     . HOH C 3 .  ? 1.091   1.203   2.747   1.00 51.92 ? 163 HOH A O     1 
HETATM 474 O O     . HOH C 3 .  ? 13.002  -5.785  -4.192  1.00 46.52 ? 164 HOH A O     1 
HETATM 475 O O     . HOH D 3 .  ? 3.036   1.559   0.291   1.00 34.84 ? 101 HOH B O     1 
HETATM 476 O O     . HOH D 3 .  ? -8.946  -6.711  -10.396 1.00 37.09 ? 102 HOH B O     1 
HETATM 477 O O     . HOH D 3 .  ? 3.099   9.472   -3.907  1.00 37.83 ? 103 HOH B O     1 
HETATM 478 O O     . HOH D 3 .  ? -8.987  -6.006  -3.381  1.00 28.60 ? 104 HOH B O     1 
HETATM 479 O O     . HOH D 3 .  ? -4.107  -9.217  2.674   1.00 28.03 ? 105 HOH B O     1 
HETATM 480 O O     . HOH D 3 .  ? -1.925  8.490   5.041   1.00 40.87 ? 106 HOH B O     1 
HETATM 481 O O     . HOH D 3 .  ? -2.112  6.035   3.418   1.00 46.55 ? 107 HOH B O     1 
HETATM 482 O O     . HOH D 3 .  ? 0.082   1.697   -1.006  1.00 35.81 ? 108 HOH B O     1 
HETATM 483 O O     . HOH D 3 .  ? 5.837   5.107   11.460  1.00 32.49 ? 109 HOH B O     1 
HETATM 484 O O     . HOH D 3 .  ? 6.104   11.456  0.026   1.00 35.82 ? 110 HOH B O     1 
HETATM 485 O O     . HOH D 3 .  ? -6.200  -7.004  8.670   1.00 40.01 ? 111 HOH B O     1 
HETATM 486 O O     . HOH D 3 .  ? -10.608 -14.546 9.336   1.00 45.07 ? 112 HOH B O     1 
HETATM 487 O O     . HOH D 3 .  ? 1.535   5.688   -7.551  1.00 35.76 ? 113 HOH B O     1 
HETATM 488 O O     . HOH D 3 .  ? -2.300  4.607   0.290   1.00 45.38 ? 114 HOH B O     1 
HETATM 489 O O     . HOH D 3 .  ? -11.988 -8.703  -1.132  1.00 48.19 ? 115 HOH B O     1 
HETATM 490 O O     . HOH D 3 .  ? -11.193 -7.176  -6.736  1.00 42.68 ? 116 HOH B O     1 
HETATM 491 O O     . HOH D 3 .  ? 11.959  2.031   10.032  1.00 37.49 ? 117 HOH B O     1 
HETATM 492 O O     . HOH D 3 .  ? -13.825 -11.585 10.344  1.00 26.62 ? 118 HOH B O     1 
HETATM 493 O O     . HOH D 3 .  ? 0.289   11.550  6.141   1.00 32.03 ? 119 HOH B O     1 
HETATM 494 O O     . HOH D 3 .  ? -10.423 -5.282  1.256   1.00 35.30 ? 120 HOH B O     1 
HETATM 495 O O     . HOH D 3 .  ? -2.213  3.505   -2.190  1.00 37.36 ? 121 HOH B O     1 
HETATM 496 O O     . HOH D 3 .  ? -9.699  -12.801 -4.628  1.00 43.37 ? 122 HOH B O     1 
HETATM 497 O O     . HOH D 3 .  ? 11.870  3.489   -0.026  1.00 32.68 ? 123 HOH B O     1 
HETATM 498 O O     . HOH D 3 .  ? -3.766  1.153   -1.559  1.00 33.55 ? 124 HOH B O     1 
HETATM 499 O O     . HOH D 3 .  ? 0.760   5.329   3.163   1.00 37.38 ? 125 HOH B O     1 
HETATM 500 O O     . HOH D 3 .  ? -11.657 -10.658 -6.996  1.00 38.01 ? 126 HOH B O     1 
HETATM 501 O O     . HOH D 3 .  ? -10.287 -1.429  -7.348  1.00 38.53 ? 127 HOH B O     1 
HETATM 502 O O     . HOH D 3 .  ? 1.375   3.833   0.988   1.00 35.78 ? 128 HOH B O     1 
HETATM 503 O O     . HOH D 3 .  ? -5.358  2.361   -4.312  1.00 29.47 ? 129 HOH B O     1 
HETATM 504 O O     . HOH D 3 .  ? -1.445  -6.419  -7.527  1.00 33.79 ? 130 HOH B O     1 
HETATM 505 O O     . HOH D 3 .  ? -13.514 -12.534 3.944   1.00 48.15 ? 131 HOH B O     1 
HETATM 506 O O     . HOH D 3 .  ? -13.844 -13.681 6.500   1.00 41.99 ? 132 HOH B O     1 
HETATM 507 O O     . HOH D 3 .  ? -11.941 -8.989  3.501   1.00 36.55 ? 133 HOH B O     1 
HETATM 508 O O     . HOH D 3 .  ? -7.177  -0.587  -5.441  1.00 27.39 ? 134 HOH B O     1 
HETATM 509 O O     . HOH D 3 .  ? -5.337  4.576   -0.784  1.00 50.20 ? 135 HOH B O     1 
HETATM 510 O O     . HOH D 3 .  ? 4.491   3.141   8.611   1.00 45.02 ? 136 HOH B O     1 
HETATM 511 O O     . HOH D 3 .  ? -12.755 -5.876  2.850   1.00 38.45 ? 137 HOH B O     1 
HETATM 512 O O     . HOH D 3 .  ? 12.131  2.649   3.044   1.00 46.47 ? 138 HOH B O     1 
HETATM 513 O O     . HOH D 3 .  ? 4.003   4.613   5.185   1.00 45.93 ? 139 HOH B O     1 
HETATM 514 O O     . HOH D 3 .  ? -8.720  3.082   -5.254  1.00 49.38 ? 140 HOH B O     1 
HETATM 515 O O     . HOH D 3 .  ? -9.081  -3.438  -4.645  1.00 34.44 ? 141 HOH B O     1 
HETATM 516 O O     . HOH D 3 .  ? -6.380  -0.189  -2.808  1.00 34.02 ? 142 HOH B O     1 
HETATM 517 O O     . HOH D 3 .  ? -7.274  1.106   -12.294 1.00 51.29 ? 143 HOH B O     1 
HETATM 518 O O     . HOH D 3 .  ? 0.009   7.893   8.533   1.00 52.63 ? 144 HOH B O     1 
HETATM 519 O O     . HOH D 3 .  ? -10.310 -2.769  1.019   1.00 39.21 ? 145 HOH B O     1 
HETATM 520 O O     . HOH D 3 .  ? -12.362 -8.940  -4.351  1.00 53.14 ? 146 HOH B O     1 
HETATM 521 O O     . HOH D 3 .  ? -4.410  -11.759 3.812   1.00 33.89 ? 147 HOH B O     1 
HETATM 522 O O     . HOH D 3 .  ? -6.724  -14.127 6.735   1.00 46.87 ? 148 HOH B O     1 
HETATM 523 O O     . HOH D 3 .  ? 8.034   -1.183  6.676   1.00 53.15 ? 149 HOH B O     1 
HETATM 524 O O     . HOH D 3 .  ? -9.974  -8.657  -9.207  1.00 35.37 ? 150 HOH B O     1 
HETATM 525 O O     . HOH D 3 .  ? -8.564  -0.584  -1.759  1.00 49.92 ? 151 HOH B O     1 
HETATM 526 O O     . HOH D 3 .  ? 8.118   3.208   11.413  1.00 42.73 ? 152 HOH B O     1 
HETATM 527 O O     . HOH D 3 .  ? -10.672 -6.130  -1.409  1.00 40.25 ? 153 HOH B O     1 
HETATM 528 O O     . HOH D 3 .  ? 3.065   4.105   11.525  1.00 41.73 ? 154 HOH B O     1 
HETATM 529 O O     . HOH D 3 .  ? -7.536  -14.972 4.687   1.00 44.62 ? 155 HOH B O     1 
HETATM 530 O O     . HOH D 3 .  ? 5.556   1.480   10.037  1.00 44.01 ? 156 HOH B O     1 
HETATM 531 O O     . HOH D 3 .  ? -1.994  2.627   2.465   1.00 50.60 ? 157 HOH B O     1 
HETATM 532 O O     . HOH D 3 .  ? -14.006 -15.201 1.049   1.00 45.07 ? 158 HOH B O     1 
HETATM 533 O O     . HOH D 3 .  ? -8.144  2.291   -1.655  1.00 43.49 ? 159 HOH B O     1 
HETATM 534 O O     . HOH D 3 .  ? -14.619 -4.852  -7.665  1.00 51.54 ? 160 HOH B O     1 
# 
loop_
_atom_site_anisotrop.id 
_atom_site_anisotrop.type_symbol 
_atom_site_anisotrop.pdbx_label_atom_id 
_atom_site_anisotrop.pdbx_label_alt_id 
_atom_site_anisotrop.pdbx_label_comp_id 
_atom_site_anisotrop.pdbx_label_asym_id 
_atom_site_anisotrop.pdbx_label_seq_id 
_atom_site_anisotrop.pdbx_PDB_ins_code 
_atom_site_anisotrop.U[1][1] 
_atom_site_anisotrop.U[2][2] 
_atom_site_anisotrop.U[3][3] 
_atom_site_anisotrop.U[1][2] 
_atom_site_anisotrop.U[1][3] 
_atom_site_anisotrop.U[2][3] 
_atom_site_anisotrop.pdbx_auth_seq_id 
_atom_site_anisotrop.pdbx_auth_comp_id 
_atom_site_anisotrop.pdbx_auth_asym_id 
_atom_site_anisotrop.pdbx_auth_atom_id 
1   P P     . DG A 1  ? 0.9452 0.8821 0.9500 0.0131  0.0341  -0.0223 1  DG A P     
2   O OP1   . DG A 1  ? 0.8553 0.7921 0.8562 0.0061  0.0325  -0.0259 1  DG A OP1   
3   O OP2   . DG A 1  ? 1.0248 0.9561 1.0347 0.0140  0.0335  -0.0176 1  DG A OP2   
4   O "O5'" . DG A 1  ? 0.5847 0.5144 0.5896 0.0185  0.0368  -0.0246 1  DG A "O5'" 
5   C "C5'" . DG A 1  ? 0.4475 0.3742 0.4483 0.0165  0.0373  -0.0296 1  DG A "C5'" 
6   C "C4'" . DG A 1  ? 0.3373 0.2731 0.3351 0.0205  0.0391  -0.0320 1  DG A "C4'" 
7   O "O4'" . DG A 1  ? 0.3496 0.2857 0.3506 0.0278  0.0412  -0.0295 1  DG A "O4'" 
8   C "C3'" . DG A 1  ? 0.2937 0.2440 0.2888 0.0185  0.0380  -0.0322 1  DG A "C3'" 
9   O "O3'" . DG A 1  ? 0.3557 0.3078 0.3462 0.0127  0.0368  -0.0363 1  DG A "O3'" 
10  C "C2'" . DG A 1  ? 0.2890 0.2466 0.2836 0.0251  0.0402  -0.0324 1  DG A "C2'" 
11  C "C1'" . DG A 1  ? 0.2997 0.2490 0.2990 0.0308  0.0419  -0.0293 1  DG A "C1'" 
12  N N9    . DG A 1  ? 0.3022 0.2564 0.3054 0.0330  0.0414  -0.0243 1  DG A N9    
13  C C8    . DG A 1  ? 0.3751 0.3244 0.3821 0.0311  0.0399  -0.0206 1  DG A C8    
14  N N7    . DG A 1  ? 0.3329 0.2884 0.3427 0.0341  0.0398  -0.0165 1  DG A N7    
15  C C5    . DG A 1  ? 0.2804 0.2458 0.2883 0.0383  0.0413  -0.0176 1  DG A C5    
16  C C6    . DG A 1  ? 0.2994 0.2748 0.3089 0.0428  0.0420  -0.0145 1  DG A C6    
17  O O6    . DG A 1  ? 0.2982 0.2757 0.3113 0.0439  0.0413  -0.0102 1  DG A O6    
18  N N1    . DG A 1  ? 0.2759 0.2591 0.2822 0.0462  0.0435  -0.0171 1  DG A N1    
19  C C2    . DG A 1  ? 0.3096 0.2913 0.3119 0.0452  0.0444  -0.0219 1  DG A C2    
20  N N2    . DG A 1  ? 0.2982 0.2883 0.2978 0.0490  0.0459  -0.0237 1  DG A N2    
21  N N3    . DG A 1  ? 0.3001 0.2727 0.3010 0.0411  0.0439  -0.0248 1  DG A N3    
22  C C4    . DG A 1  ? 0.2954 0.2600 0.2992 0.0378  0.0423  -0.0223 1  DG A C4    
23  P P     . DT A 2  ? 0.3657 0.3284 0.3540 0.0068  0.0343  -0.0363 2  DT A P     
24  O OP1   . DT A 2  ? 0.4411 0.4022 0.4247 0.0013  0.0335  -0.0410 2  DT A OP1   
25  O OP2   . DT A 2  ? 0.3550 0.3157 0.3470 0.0048  0.0327  -0.0319 2  DT A OP2   
26  O "O5'" . DT A 2  ? 0.3500 0.3269 0.3369 0.0108  0.0352  -0.0359 2  DT A "O5'" 
27  C "C5'" . DT A 2  ? 0.3435 0.3250 0.3265 0.0129  0.0367  -0.0398 2  DT A "C5'" 
28  C "C4'" . DT A 2  ? 0.3163 0.3098 0.2995 0.0181  0.0377  -0.0382 2  DT A "C4'" 
29  O "O4'" . DT A 2  ? 0.3373 0.3268 0.3248 0.0243  0.0393  -0.0346 2  DT A "O4'" 
30  C "C3'" . DT A 2  ? 0.3245 0.3297 0.3076 0.0156  0.0358  -0.0360 2  DT A "C3'" 
31  O "O3'" . DT A 2  ? 0.3790 0.3923 0.3572 0.0113  0.0348  -0.0395 2  DT A "O3'" 
32  C "C2'" . DT A 2  ? 0.3499 0.3623 0.3349 0.0225  0.0374  -0.0333 2  DT A "C2'" 
33  C "C1'" . DT A 2  ? 0.3052 0.3059 0.2941 0.0271  0.0392  -0.0315 2  DT A "C1'" 
34  N N1    . DT A 2  ? 0.3534 0.3505 0.3472 0.0274  0.0383  -0.0265 2  DT A N1    
35  C C2    . DT A 2  ? 0.3743 0.3783 0.3710 0.0322  0.0389  -0.0227 2  DT A C2    
36  O O2    . DT A 2  ? 0.3699 0.3826 0.3650 0.0362  0.0401  -0.0231 2  DT A O2    
37  N N3    . DT A 2  ? 0.3260 0.3260 0.3269 0.0320  0.0380  -0.0182 2  DT A N3    
38  C C4    . DT A 2  ? 0.3453 0.3354 0.3482 0.0277  0.0365  -0.0172 2  DT A C4    
39  O O4    . DT A 2  ? 0.3436 0.3309 0.3506 0.0280  0.0358  -0.0132 2  DT A O4    
40  C C5    . DT A 2  ? 0.3521 0.3355 0.3521 0.0229  0.0360  -0.0214 2  DT A C5    
41  C C7    . DT A 2  ? 0.3604 0.3327 0.3618 0.0180  0.0345  -0.0208 2  DT A C7    
42  C C6    . DT A 2  ? 0.3462 0.3333 0.3417 0.0229  0.0369  -0.0257 2  DT A C6    
43  P P     . DG A 3  ? 0.3636 0.3860 0.3410 0.0055  0.0321  -0.0384 3  DG A P     
44  O OP1   . DG A 3  ? 0.4108 0.4385 0.3832 0.0012  0.0313  -0.0430 3  DG A OP1   
45  O OP2   . DG A 3  ? 0.3769 0.3914 0.3579 0.0022  0.0306  -0.0353 3  DG A OP2   
46  O "O5'" . DG A 3  ? 0.3513 0.3857 0.3302 0.0102  0.0325  -0.0351 3  DG A "O5'" 
47  C "C5'" . DG A 3  ? 0.3749 0.4187 0.3511 0.0141  0.0339  -0.0371 3  DG A "C5'" 
48  C "C4'" . DG A 3  ? 0.3169 0.3694 0.2956 0.0190  0.0344  -0.0332 3  DG A "C4'" 
49  O "O4'" . DG A 3  ? 0.3572 0.4016 0.3404 0.0242  0.0359  -0.0299 3  DG A "O4'" 
50  C "C3'" . DG A 3  ? 0.3686 0.4285 0.3487 0.0156  0.0322  -0.0300 3  DG A "C3'" 
51  O "O3'" . DG A 3  ? 0.4155 0.4873 0.3917 0.0128  0.0310  -0.0322 3  DG A "O3'" 
52  C "C2'" . DG A 3  ? 0.4067 0.4695 0.3908 0.0220  0.0333  -0.0255 3  DG A "C2'" 
53  C "C1'" . DG A 3  ? 0.3349 0.3847 0.3213 0.0259  0.0353  -0.0252 3  DG A "C1'" 
54  N N9    . DG A 3  ? 0.3533 0.3933 0.3439 0.0239  0.0343  -0.0221 3  DG A N9    
55  C C8    . DG A 3  ? 0.3875 0.4166 0.3781 0.0193  0.0335  -0.0235 3  DG A C8    
56  N N7    . DG A 3  ? 0.4068 0.4285 0.4014 0.0186  0.0327  -0.0200 3  DG A N7    
57  C C5    . DG A 3  ? 0.3572 0.3858 0.3548 0.0229  0.0330  -0.0159 3  DG A C5    
58  C C6    . DG A 3  ? 0.4643 0.4897 0.4666 0.0242  0.0325  -0.0110 3  DG A C6    
59  O O6    . DG A 3  ? 0.4460 0.4620 0.4511 0.0218  0.0316  -0.0092 3  DG A O6    
60  N N1    . DG A 3  ? 0.4572 0.4922 0.4613 0.0289  0.0331  -0.0079 3  DG A N1    
61  C C2    . DG A 3  ? 0.3753 0.4211 0.3764 0.0319  0.0341  -0.0094 3  DG A C2    
62  N N2    . DG A 3  ? 0.2864 0.3403 0.2897 0.0363  0.0346  -0.0060 3  DG A N2    
63  N N3    . DG A 3  ? 0.3387 0.3875 0.3354 0.0308  0.0346  -0.0141 3  DG A N3    
64  C C4    . DG A 3  ? 0.3129 0.3528 0.3081 0.0262  0.0340  -0.0171 3  DG A C4    
65  P P     . DG A 4  ? 0.4629 0.5411 0.4390 0.0065  0.0282  -0.0307 4  DG A P     
66  O OP1   . DG A 4  ? 0.4696 0.5589 0.4410 0.0038  0.0275  -0.0342 4  DG A OP1   
67  O OP2   . DG A 4  ? 0.5788 0.6460 0.5566 0.0016  0.0269  -0.0302 4  DG A OP2   
68  O "O5'" . DG A 4  ? 0.3597 0.4443 0.3398 0.0102  0.0281  -0.0255 4  DG A "O5'" 
69  C "C5'" . DG A 4  ? 0.3617 0.4574 0.3410 0.0152  0.0292  -0.0250 4  DG A "C5'" 
70  C "C4'" . DG A 4  ? 0.3452 0.4437 0.3289 0.0191  0.0293  -0.0196 4  DG A "C4'" 
71  O "O4'" . DG A 4  ? 0.3258 0.4126 0.3132 0.0227  0.0306  -0.0173 4  DG A "O4'" 
72  C "C3'" . DG A 4  ? 0.3584 0.4600 0.3440 0.0144  0.0269  -0.0165 4  DG A "C3'" 
73  O "O3'" . DG A 4  ? 0.3872 0.5025 0.3703 0.0128  0.0257  -0.0170 4  DG A "O3'" 
74  C "C2'" . DG A 4  ? 0.3485 0.4469 0.3391 0.0192  0.0277  -0.0113 4  DG A "C2'" 
75  C "C1'" . DG A 4  ? 0.3394 0.4256 0.3313 0.0229  0.0297  -0.0124 4  DG A "C1'" 
76  N N9    . DG A 4  ? 0.3128 0.3863 0.3070 0.0196  0.0290  -0.0116 4  DG A N9    
77  C C8    . DG A 4  ? 0.3256 0.3902 0.3180 0.0156  0.0288  -0.0151 4  DG A C8    
78  N N7    . DG A 4  ? 0.3357 0.3894 0.3309 0.0134  0.0280  -0.0133 4  DG A N7    
79  C C5    . DG A 4  ? 0.2678 0.3235 0.2671 0.0162  0.0278  -0.0083 4  DG A C5    
80  C C6    . DG A 4  ? 0.2904 0.3378 0.2941 0.0156  0.0271  -0.0044 4  DG A C6    
81  O O6    . DG A 4  ? 0.2983 0.3345 0.3031 0.0124  0.0265  -0.0047 4  DG A O6    
82  N N1    . DG A 4  ? 0.2454 0.2986 0.2525 0.0191  0.0271  0.0001  4  DG A N1    
83  C C2    . DG A 4  ? 0.2428 0.3081 0.2489 0.0228  0.0277  0.0009  4  DG A C2    
84  N N2    . DG A 4  ? 0.2423 0.3115 0.2521 0.0259  0.0276  0.0055  4  DG A N2    
85  N N3    . DG A 4  ? 0.2944 0.3675 0.2964 0.0234  0.0284  -0.0027 4  DG A N3    
86  C C4    . DG A 4  ? 0.2703 0.3380 0.2691 0.0200  0.0284  -0.0072 4  DG A C4    
87  P P     . DG A 5  ? 0.4040 0.5240 0.3868 0.0057  0.0229  -0.0160 5  DG A P     
88  O OP1   . DG A 5  ? 0.5082 0.6421 0.4875 0.0045  0.0221  -0.0179 5  DG A OP1   
89  O OP2   . DG A 5  ? 0.4549 0.5642 0.4375 0.0001  0.0219  -0.0178 5  DG A OP2   
90  O "O5'" . DG A 5  ? 0.4249 0.5451 0.4128 0.0078  0.0224  -0.0101 5  DG A "O5'" 
91  C "C5'" . DG A 5  ? 0.3467 0.4767 0.3359 0.0128  0.0230  -0.0074 5  DG A "C5'" 
92  C "C4'" . DG A 5  ? 0.2774 0.4052 0.2716 0.0144  0.0225  -0.0018 5  DG A "C4'" 
93  O "O4'" . DG A 5  ? 0.2982 0.4133 0.2955 0.0179  0.0241  -0.0006 5  DG A "O4'" 
94  C "C3'" . DG A 5  ? 0.2664 0.3926 0.2619 0.0079  0.0201  -0.0002 5  DG A "C3'" 
95  O "O3'" . DG A 5  ? 0.3053 0.4442 0.2996 0.0059  0.0185  0.0008  5  DG A "O3'" 
96  C "C2'" . DG A 5  ? 0.3054 0.4233 0.3062 0.0108  0.0204  0.0046  5  DG A "C2'" 
97  C "C1'" . DG A 5  ? 0.2906 0.3990 0.2918 0.0154  0.0229  0.0030  5  DG A "C1'" 
98  N N9    . DG A 5  ? 0.2724 0.3681 0.2733 0.0117  0.0226  0.0009  5  DG A N9    
99  C C8    . DG A 5  ? 0.2682 0.3603 0.2652 0.0094  0.0230  -0.0040 5  DG A C8    
100 N N7    . DG A 5  ? 0.2946 0.3747 0.2923 0.0062  0.0226  -0.0048 5  DG A N7    
101 C C5    . DG A 5  ? 0.2179 0.2933 0.2202 0.0065  0.0219  -0.0002 5  DG A C5    
102 C C6    . DG A 5  ? 0.2148 0.2777 0.2197 0.0039  0.0212  0.0011  5  DG A C6    
103 O O6    . DG A 5  ? 0.2637 0.3170 0.2674 0.0008  0.0211  -0.0016 5  DG A O6    
104 N N1    . DG A 5  ? 0.2623 0.3245 0.2717 0.0052  0.0206  0.0061  5  DG A N1    
105 C C2    . DG A 5  ? 0.2578 0.3300 0.2688 0.0086  0.0206  0.0094  5  DG A C2    
106 N N2    . DG A 5  ? 0.2377 0.3072 0.2529 0.0094  0.0200  0.0141  5  DG A N2    
107 N N3    . DG A 5  ? 0.2455 0.3295 0.2540 0.0111  0.0213  0.0081  5  DG A N3    
108 C C4    . DG A 5  ? 0.2206 0.3055 0.2249 0.0098  0.0218  0.0033  5  DG A C4    
109 P P     . DC A 6  ? 0.3089 0.4503 0.3018 -0.0023 0.0158  0.0001  6  DC A P     
110 O OP1   . DC A 6  ? 0.3650 0.5208 0.3571 -0.0028 0.0147  0.0013  6  DC A OP1   
111 O OP2   . DC A 6  ? 0.3312 0.4672 0.3207 -0.0067 0.0157  -0.0047 6  DC A OP2   
112 O "O5'" . DC A 6  ? 0.2754 0.4072 0.2729 -0.0041 0.0149  0.0042  6  DC A "O5'" 
113 C "C5'" . DC A 6  ? 0.3008 0.4358 0.3022 -0.0009 0.0147  0.0093  6  DC A "C5'" 
114 C "C4'" . DC A 6  ? 0.2253 0.3493 0.2307 -0.0029 0.0139  0.0125  6  DC A "C4'" 
115 O "O4'" . DC A 6  ? 0.2358 0.3472 0.2426 0.0002  0.0156  0.0120  6  DC A "O4'" 
116 C "C3'" . DC A 6  ? 0.2590 0.3791 0.2631 -0.0108 0.0118  0.0111  6  DC A "C3'" 
117 O "O3'" . DC A 6  ? 0.2868 0.4164 0.2909 -0.0144 0.0098  0.0129  6  DC A "O3'" 
118 C "C2'" . DC A 6  ? 0.2791 0.3854 0.2871 -0.0105 0.0119  0.0138  6  DC A "C2'" 
119 C "C1'" . DC A 6  ? 0.2581 0.3583 0.2665 -0.0043 0.0145  0.0126  6  DC A "C1'" 
120 N N1    . DC A 6  ? 0.2406 0.3327 0.2462 -0.0067 0.0150  0.0080  6  DC A N1    
121 C C2    . DC A 6  ? 0.2421 0.3208 0.2492 -0.0096 0.0146  0.0080  6  DC A C2    
122 O O2    . DC A 6  ? 0.2555 0.3296 0.2664 -0.0101 0.0137  0.0121  6  DC A O2    
123 N N3    . DC A 6  ? 0.2107 0.2822 0.2152 -0.0118 0.0150  0.0039  6  DC A N3    
124 C C4    . DC A 6  ? 0.2499 0.3268 0.2504 -0.0112 0.0159  -0.0002 6  DC A C4    
125 N N4    . DC A 6  ? 0.2534 0.3227 0.2515 -0.0134 0.0163  -0.0042 6  DC A N4    
126 C C5    . DC A 6  ? 0.2261 0.3164 0.2248 -0.0083 0.0162  -0.0004 6  DC A C5    
127 C C6    . DC A 6  ? 0.2196 0.3171 0.2210 -0.0062 0.0158  0.0037  6  DC A C6    
128 P P     . DC A 7  ? 0.2846 0.4166 0.2854 -0.0227 0.0076  0.0100  7  DC A P     
129 O OP1   . DC A 7  ? 0.3387 0.4817 0.3400 -0.0248 0.0059  0.0125  7  DC A OP1   
130 O OP2   . DC A 7  ? 0.2890 0.4223 0.2853 -0.0237 0.0083  0.0046  7  DC A OP2   
131 O "O5'" . DC A 7  ? 0.2544 0.3722 0.2572 -0.0267 0.0068  0.0108  7  DC A "O5'" 
132 C "C5'" . DC A 7  ? 0.2547 0.3683 0.2619 -0.0266 0.0060  0.0156  7  DC A "C5'" 
133 C "C4'" . DC A 7  ? 0.2322 0.3313 0.2407 -0.0298 0.0055  0.0156  7  DC A "C4'" 
134 O "O4'" . DC A 7  ? 0.2539 0.3437 0.2625 -0.0259 0.0075  0.0137  7  DC A "O4'" 
135 C "C3'" . DC A 7  ? 0.2400 0.3369 0.2453 -0.0376 0.0038  0.0122  7  DC A "C3'" 
136 O "O3'" . DC A 7  ? 0.2845 0.3853 0.2908 -0.0423 0.0016  0.0147  7  DC A "O3'" 
137 C "C2'" . DC A 7  ? 0.2456 0.3271 0.2519 -0.0381 0.0044  0.0114  7  DC A "C2'" 
138 C "C1'" . DC A 7  ? 0.2417 0.3206 0.2491 -0.0306 0.0070  0.0112  7  DC A "C1'" 
139 N N1    . DC A 7  ? 0.2514 0.3296 0.2547 -0.0304 0.0082  0.0061  7  DC A N1    
140 C C2    . DC A 7  ? 0.2538 0.3199 0.2563 -0.0325 0.0085  0.0035  7  DC A C2    
141 O O2    . DC A 7  ? 0.2548 0.3108 0.2598 -0.0347 0.0077  0.0054  7  DC A O2    
142 N N3    . DC A 7  ? 0.2327 0.2984 0.2315 -0.0322 0.0095  -0.0012 7  DC A N3    
143 C C4    . DC A 7  ? 0.2204 0.2971 0.2165 -0.0298 0.0103  -0.0031 7  DC A C4    
144 N N4    . DC A 7  ? 0.2632 0.3391 0.2560 -0.0296 0.0114  -0.0077 7  DC A N4    
145 C C5    . DC A 7  ? 0.2361 0.3255 0.2331 -0.0276 0.0100  -0.0005 7  DC A C5    
146 C C6    . DC A 7  ? 0.2535 0.3432 0.2541 -0.0279 0.0089  0.0041  7  DC A C6    
147 P P     . DG A 8  ? 0.2683 0.3715 0.2710 -0.0506 -0.0004 0.0116  8  DG A P     
148 O OP1   . DG A 8  ? 0.2744 0.3823 0.2789 -0.0540 -0.0024 0.0151  8  DG A OP1   
149 O OP2   . DG A 8  ? 0.2976 0.4094 0.2959 -0.0509 0.0001  0.0071  8  DG A OP2   
150 O "O5'" . DG A 8  ? 0.2590 0.3470 0.2617 -0.0539 -0.0005 0.0099  8  DG A "O5'" 
151 C "C5'" . DG A 8  ? 0.3024 0.3883 0.3010 -0.0589 -0.0010 0.0051  8  DG A "C5'" 
152 C "C4'" . DG A 8  ? 0.3144 0.3850 0.3136 -0.0595 -0.0005 0.0039  8  DG A "C4'" 
153 O "O4'" . DG A 8  ? 0.2811 0.3480 0.2810 -0.0530 0.0019  0.0033  8  DG A "O4'" 
154 C "C3'" . DG A 8  ? 0.2686 0.3349 0.2639 -0.0655 -0.0012 -0.0008 8  DG A "C3'" 
155 O "O3'" . DG A 8  ? 0.2801 0.3437 0.2756 -0.0720 -0.0033 0.0001  8  DG A "O3'" 
156 C "C2'" . DG A 8  ? 0.2612 0.3143 0.2573 -0.0627 0.0004  -0.0020 8  DG A "C2'" 
157 C "C1'" . DG A 8  ? 0.2910 0.3476 0.2890 -0.0545 0.0025  -0.0004 8  DG A "C1'" 
158 N N9    . DG A 8  ? 0.2832 0.3452 0.2778 -0.0521 0.0040  -0.0044 8  DG A N9    
159 C C8    . DG A 8  ? 0.2560 0.3312 0.2491 -0.0493 0.0044  -0.0049 8  DG A C8    
160 N N7    . DG A 8  ? 0.2808 0.3578 0.2707 -0.0475 0.0058  -0.0088 8  DG A N7    
161 C C5    . DG A 8  ? 0.2737 0.3378 0.2629 -0.0492 0.0061  -0.0111 8  DG A C5    
162 C C6    . DG A 8  ? 0.4198 0.4797 0.4062 -0.0485 0.0075  -0.0154 8  DG A C6    
163 O O6    . DG A 8  ? 0.4235 0.4901 0.4072 -0.0461 0.0086  -0.0183 8  DG A O6    
164 N N1    . DG A 8  ? 0.4292 0.4753 0.4160 -0.0508 0.0074  -0.0164 8  DG A N1    
165 C C2    . DG A 8  ? 0.3716 0.4093 0.3616 -0.0536 0.0062  -0.0135 8  DG A C2    
166 N N2    . DG A 8  ? 0.2814 0.3060 0.2714 -0.0556 0.0063  -0.0150 8  DG A N2    
167 N N3    . DG A 8  ? 0.2622 0.3038 0.2549 -0.0542 0.0050  -0.0093 8  DG A N3    
168 C C4    . DG A 8  ? 0.2873 0.3424 0.2796 -0.0520 0.0051  -0.0084 8  DG A C4    
169 P P     . DA A 9  ? 0.3077 0.3733 0.2988 -0.0797 -0.0048 -0.0042 9  DA A P     
170 O OP1   . DA A 9  ? 0.3556 0.4187 0.3479 -0.0855 -0.0069 -0.0019 9  DA A OP1   
171 O OP2   . DA A 9  ? 0.3439 0.4226 0.3315 -0.0792 -0.0046 -0.0070 9  DA A OP2   
172 O "O5'" . DA A 9  ? 0.3177 0.3708 0.3071 -0.0802 -0.0038 -0.0078 9  DA A "O5'" 
173 C "C5'" . DA A 9  ? 0.3278 0.3668 0.3197 -0.0810 -0.0040 -0.0062 9  DA A "C5'" 
174 C "C4'" . DA A 9  ? 0.3363 0.3654 0.3259 -0.0818 -0.0031 -0.0103 9  DA A "C4'" 
175 O "O4'" . DA A 9  ? 0.3201 0.3489 0.3101 -0.0749 -0.0008 -0.0111 9  DA A "O4'" 
176 C "C3'" . DA A 9  ? 0.3330 0.3663 0.3175 -0.0872 -0.0039 -0.0152 9  DA A "C3'" 
177 O "O3'" . DA A 9  ? 0.3513 0.3794 0.3352 -0.0943 -0.0058 -0.0156 9  DA A "O3'" 
178 C "C2'" . DA A 9  ? 0.3286 0.3549 0.3115 -0.0844 -0.0020 -0.0187 9  DA A "C2'" 
179 C "C1'" . DA A 9  ? 0.3321 0.3600 0.3181 -0.0761 0.0000  -0.0162 9  DA A "C1'" 
180 N N9    . DA A 9  ? 0.3018 0.3418 0.2856 -0.0727 0.0009  -0.0178 9  DA A N9    
181 C C8    . DA A 9  ? 0.3025 0.3554 0.2870 -0.0711 0.0006  -0.0156 9  DA A C8    
182 N N7    . DA A 9  ? 0.2758 0.3375 0.2579 -0.0679 0.0017  -0.0179 9  DA A N7    
183 C C5    . DA A 9  ? 0.3039 0.3582 0.2837 -0.0673 0.0029  -0.0217 9  DA A C5    
184 C C6    . DA A 9  ? 0.2977 0.3557 0.2747 -0.0643 0.0045  -0.0255 9  DA A C6    
185 N N6    . DA A 9  ? 0.2956 0.3660 0.2711 -0.0614 0.0051  -0.0260 9  DA A N6    
186 N N1    . DA A 9  ? 0.3448 0.3930 0.3202 -0.0647 0.0054  -0.0287 9  DA A N1    
187 C C2    . DA A 9  ? 0.3223 0.3580 0.2990 -0.0676 0.0048  -0.0282 9  DA A C2    
188 N N3    . DA A 9  ? 0.2920 0.3231 0.2715 -0.0706 0.0034  -0.0249 9  DA A N3    
189 C C4    . DA A 9  ? 0.2865 0.3275 0.2676 -0.0702 0.0025  -0.0217 9  DA A C4    
190 P P     . DC A 10 ? 0.3530 0.3894 0.3327 -0.1013 -0.0075 -0.0188 10 DC A P     
191 O OP1   . DC A 10 ? 0.4236 0.4535 0.4038 -0.1076 -0.0095 -0.0177 10 DC A OP1   
192 O OP2   . DC A 10 ? 0.3886 0.4402 0.3677 -0.0994 -0.0075 -0.0182 10 DC A OP2   
193 O "O5'" . DC A 10 ? 0.3328 0.3661 0.3085 -0.1021 -0.0066 -0.0243 10 DC A "O5'" 
194 C "C5'" . DC A 10 ? 0.3444 0.3638 0.3196 -0.1039 -0.0063 -0.0260 10 DC A "C5'" 
195 C "C4'" . DC A 10 ? 0.3045 0.3227 0.2763 -0.1027 -0.0051 -0.0309 10 DC A "C4'" 
196 O "O4'" . DC A 10 ? 0.3125 0.3334 0.2857 -0.0950 -0.0028 -0.0302 10 DC A "O4'" 
197 C "C3'" . DC A 10 ? 0.3082 0.3370 0.2755 -0.1064 -0.0057 -0.0347 10 DC A "C3'" 
198 O "O3'" . DC A 10 ? 0.3415 0.3659 0.3065 -0.1139 -0.0073 -0.0372 10 DC A "O3'" 
199 C "C2'" . DC A 10 ? 0.3093 0.3379 0.2745 -0.1020 -0.0037 -0.0381 10 DC A "C2'" 
200 C "C1'" . DC A 10 ? 0.3298 0.3568 0.2991 -0.0943 -0.0020 -0.0345 10 DC A "C1'" 
201 N N1    . DC A 10 ? 0.2930 0.3336 0.2626 -0.0898 -0.0013 -0.0333 10 DC A N1    
202 C C2    . DC A 10 ? 0.3388 0.3840 0.3060 -0.0856 0.0004  -0.0361 10 DC A C2    
203 O O2    . DC A 10 ? 0.3341 0.3723 0.2993 -0.0856 0.0013  -0.0395 10 DC A O2    
204 N N3    . DC A 10 ? 0.3065 0.3639 0.2739 -0.0817 0.0010  -0.0349 10 DC A N3    
205 C C4    . DC A 10 ? 0.2882 0.3530 0.2580 -0.0819 -0.0001 -0.0312 10 DC A C4    
206 N N4    . DC A 10 ? 0.2707 0.3473 0.2405 -0.0779 0.0005  -0.0303 10 DC A N4    
207 C C5    . DC A 10 ? 0.3195 0.3795 0.2915 -0.0861 -0.0018 -0.0283 10 DC A C5    
208 C C6    . DC A 10 ? 0.2938 0.3417 0.2656 -0.0901 -0.0024 -0.0294 10 DC A C6    
209 P P     . DG B 1  ? 1.0226 1.0231 0.9109 -0.0152 -0.0199 -0.0231 1  DG B P     
210 O OP1   . DG B 1  ? 0.9765 0.9779 0.8810 -0.0151 -0.0203 -0.0228 1  DG B OP1   
211 O OP2   . DG B 1  ? 1.0977 1.0968 0.9691 -0.0150 -0.0186 -0.0181 1  DG B OP2   
212 O "O5'" . DG B 1  ? 0.6404 0.6427 0.5291 -0.0147 -0.0283 -0.0239 1  DG B "O5'" 
213 C "C5'" . DG B 1  ? 0.4823 0.4845 0.3623 -0.0150 -0.0279 -0.0272 1  DG B "C5'" 
214 C "C4'" . DG B 1  ? 0.3570 0.3606 0.2488 -0.0151 -0.0312 -0.0325 1  DG B "C4'" 
215 O "O4'" . DG B 1  ? 0.3645 0.3699 0.2572 -0.0143 -0.0403 -0.0300 1  DG B "O4'" 
216 C "C3'" . DG B 1  ? 0.2999 0.3042 0.2103 -0.0154 -0.0294 -0.0356 1  DG B "C3'" 
217 O "O3'" . DG B 1  ? 0.3509 0.3541 0.2633 -0.0163 -0.0214 -0.0407 1  DG B "O3'" 
218 C "C2'" . DG B 1  ? 0.2895 0.2958 0.2095 -0.0150 -0.0367 -0.0378 1  DG B "C2'" 
219 C "C1'" . DG B 1  ? 0.3316 0.3386 0.2413 -0.0142 -0.0440 -0.0326 1  DG B "C1'" 
220 N N9    . DG B 1  ? 0.3036 0.3112 0.2191 -0.0135 -0.0489 -0.0276 1  DG B N9    
221 C C8    . DG B 1  ? 0.3543 0.3611 0.2627 -0.0131 -0.0483 -0.0219 1  DG B C8    
222 N N7    . DG B 1  ? 0.3499 0.3576 0.2660 -0.0124 -0.0535 -0.0183 1  DG B N7    
223 C C5    . DG B 1  ? 0.3098 0.3191 0.2389 -0.0123 -0.0579 -0.0219 1  DG B C5    
224 C C6    . DG B 1  ? 0.2922 0.3030 0.2339 -0.0118 -0.0645 -0.0205 1  DG B C6    
225 O O6    . DG B 1  ? 0.2947 0.3055 0.2385 -0.0111 -0.0677 -0.0156 1  DG B O6    
226 N N1    . DG B 1  ? 0.2722 0.2841 0.2245 -0.0118 -0.0673 -0.0254 1  DG B N1    
227 C C2    . DG B 1  ? 0.3174 0.3291 0.2685 -0.0125 -0.0641 -0.0311 1  DG B C2    
228 N N2    . DG B 1  ? 0.3151 0.3284 0.2778 -0.0125 -0.0676 -0.0352 1  DG B N2    
229 N N3    . DG B 1  ? 0.3180 0.3286 0.2575 -0.0131 -0.0580 -0.0324 1  DG B N3    
230 C C4    . DG B 1  ? 0.2959 0.3053 0.2249 -0.0130 -0.0552 -0.0276 1  DG B C4    
231 P P     . DT B 2  ? 0.3644 0.3673 0.2900 -0.0168 -0.0154 -0.0423 2  DT B P     
232 O OP1   . DT B 2  ? 0.4185 0.4200 0.3424 -0.0177 -0.0071 -0.0474 2  DT B OP1   
233 O OP2   . DT B 2  ? 0.3655 0.3677 0.2882 -0.0164 -0.0152 -0.0364 2  DT B OP2   
234 O "O5'" . DT B 2  ? 0.3341 0.3391 0.2783 -0.0166 -0.0205 -0.0448 2  DT B "O5'" 
235 C "C5'" . DT B 2  ? 0.3373 0.3431 0.2881 -0.0169 -0.0212 -0.0507 2  DT B "C5'" 
236 C "C4'" . DT B 2  ? 0.3017 0.3094 0.2681 -0.0164 -0.0279 -0.0515 2  DT B "C4'" 
237 O "O4'" . DT B 2  ? 0.3266 0.3353 0.2881 -0.0155 -0.0362 -0.0467 2  DT B "O4'" 
238 C "C3'" . DT B 2  ? 0.3064 0.3145 0.2872 -0.0164 -0.0267 -0.0507 2  DT B "C3'" 
239 O "O3'" . DT B 2  ? 0.3677 0.3755 0.3591 -0.0172 -0.0208 -0.0564 2  DT B "O3'" 
240 C "C2'" . DT B 2  ? 0.3523 0.3622 0.3427 -0.0156 -0.0357 -0.0493 2  DT B "C2'" 
241 C "C1'" . DT B 2  ? 0.3121 0.3220 0.2874 -0.0150 -0.0411 -0.0451 2  DT B "C1'" 
242 N N1    . DT B 2  ? 0.3636 0.3732 0.3336 -0.0144 -0.0436 -0.0383 2  DT B N1    
243 C C2    . DT B 2  ? 0.3553 0.3660 0.3337 -0.0136 -0.0507 -0.0353 2  DT B C2    
244 O O2    . DT B 2  ? 0.3646 0.3766 0.3547 -0.0134 -0.0551 -0.0380 2  DT B O2    
245 N N3    . DT B 2  ? 0.3309 0.3411 0.3036 -0.0131 -0.0524 -0.0291 2  DT B N3    
246 C C4    . DT B 2  ? 0.3158 0.3246 0.2754 -0.0132 -0.0478 -0.0256 2  DT B C4    
247 O O4    . DT B 2  ? 0.3422 0.3506 0.2975 -0.0127 -0.0499 -0.0200 2  DT B O4    
248 C C5    . DT B 2  ? 0.3462 0.3537 0.2974 -0.0140 -0.0405 -0.0290 2  DT B C5    
249 C C7    . DT B 2  ? 0.3575 0.3631 0.2941 -0.0142 -0.0351 -0.0257 2  DT B C7    
250 C C6    . DT B 2  ? 0.3453 0.3532 0.3020 -0.0146 -0.0387 -0.0351 2  DT B C6    
251 P P     . DC B 3  ? 0.3632 0.3705 0.3659 -0.0175 -0.0156 -0.0562 3  DC B P     
252 O OP1   . DC B 3  ? 0.3963 0.4034 0.4067 -0.0183 -0.0090 -0.0626 3  DC B OP1   
253 O OP2   . DC B 3  ? 0.3713 0.3773 0.3631 -0.0174 -0.0129 -0.0508 3  DC B OP2   
254 O "O5'" . DC B 3  ? 0.3465 0.3557 0.3644 -0.0168 -0.0228 -0.0547 3  DC B "O5'" 
255 C "C5'" . DC B 3  ? 0.3865 0.3971 0.4169 -0.0167 -0.0266 -0.0591 3  DC B "C5'" 
256 C "C4'" . DC B 3  ? 0.3290 0.3410 0.3701 -0.0160 -0.0343 -0.0562 3  DC B "C4'" 
257 O "O4'" . DC B 3  ? 0.3644 0.3765 0.3943 -0.0152 -0.0407 -0.0510 3  DC B "O4'" 
258 C "C3'" . DC B 3  ? 0.3534 0.3650 0.4032 -0.0158 -0.0326 -0.0536 3  DC B "C3'" 
259 O "O3'" . DC B 3  ? 0.3914 0.4034 0.4571 -0.0164 -0.0293 -0.0584 3  DC B "O3'" 
260 C "C2'" . DC B 3  ? 0.4317 0.4443 0.4845 -0.0148 -0.0415 -0.0490 3  DC B "C2'" 
261 C "C1'" . DC B 3  ? 0.3493 0.3617 0.3856 -0.0145 -0.0452 -0.0464 3  DC B "C1'" 
262 N N1    . DC B 3  ? 0.3813 0.3927 0.4042 -0.0142 -0.0442 -0.0403 3  DC B N1    
263 C C2    . DC B 3  ? 0.3148 0.3264 0.3382 -0.0134 -0.0500 -0.0346 3  DC B C2    
264 O O2    . DC B 3  ? 0.3665 0.3793 0.4014 -0.0129 -0.0560 -0.0347 3  DC B O2    
265 N N3    . DC B 3  ? 0.3757 0.3863 0.3868 -0.0132 -0.0489 -0.0292 3  DC B N3    
266 C C4    . DC B 3  ? 0.4186 0.4278 0.4174 -0.0137 -0.0424 -0.0293 3  DC B C4    
267 N N4    . DC B 3  ? 0.4868 0.4949 0.4738 -0.0135 -0.0416 -0.0238 3  DC B N4    
268 C C5    . DC B 3  ? 0.3205 0.3293 0.3185 -0.0146 -0.0364 -0.0350 3  DC B C5    
269 C C6    . DC B 3  ? 0.3624 0.3723 0.3725 -0.0148 -0.0375 -0.0404 3  DC B C6    
270 P P     . DG B 4  ? 0.4655 0.4767 0.5392 -0.0166 -0.0235 -0.0574 4  DG B P     
271 O OP1   . DG B 4  ? 0.4723 0.4840 0.5606 -0.0173 -0.0197 -0.0636 4  DG B OP1   
272 O OP2   . DG B 4  ? 0.5521 0.5618 0.6114 -0.0170 -0.0178 -0.0543 4  DG B OP2   
273 O "O5'" . DG B 4  ? 0.3645 0.3765 0.4456 -0.0158 -0.0303 -0.0525 4  DG B "O5'" 
274 C "C5'" . DG B 4  ? 0.3585 0.3719 0.4533 -0.0153 -0.0367 -0.0542 4  DG B "C5'" 
275 C "C4'" . DG B 4  ? 0.3449 0.3587 0.4426 -0.0144 -0.0435 -0.0486 4  DG B "C4'" 
276 O "O4'" . DG B 4  ? 0.3330 0.3465 0.4153 -0.0139 -0.0477 -0.0439 4  DG B "O4'" 
277 C "C3'" . DG B 4  ? 0.3499 0.3627 0.4507 -0.0144 -0.0401 -0.0451 4  DG B "C3'" 
278 O "O3'" . DG B 4  ? 0.3981 0.4114 0.5164 -0.0147 -0.0390 -0.0481 4  DG B "O3'" 
279 C "C2'" . DG B 4  ? 0.3783 0.3913 0.4740 -0.0135 -0.0474 -0.0387 4  DG B "C2'" 
280 C "C1'" . DG B 4  ? 0.3543 0.3674 0.4348 -0.0133 -0.0502 -0.0377 4  DG B "C1'" 
281 N N9    . DG B 4  ? 0.3034 0.3152 0.3673 -0.0134 -0.0463 -0.0341 4  DG B N9    
282 C C8    . DG B 4  ? 0.3286 0.3396 0.3819 -0.0141 -0.0398 -0.0363 4  DG B C8    
283 N N7    . DG B 4  ? 0.3479 0.3577 0.3870 -0.0141 -0.0377 -0.0319 4  DG B N7    
284 C C5    . DG B 4  ? 0.2686 0.2785 0.3091 -0.0133 -0.0431 -0.0264 4  DG B C5    
285 C C6    . DG B 4  ? 0.3067 0.3158 0.3358 -0.0128 -0.0438 -0.0201 4  DG B C6    
286 O O6    . DG B 4  ? 0.3075 0.3152 0.3223 -0.0131 -0.0397 -0.0181 4  DG B O6    
287 N N1    . DG B 4  ? 0.2545 0.2639 0.2899 -0.0121 -0.0502 -0.0159 4  DG B N1    
288 C C2    . DG B 4  ? 0.2475 0.2581 0.2983 -0.0117 -0.0551 -0.0176 4  DG B C2    
289 N N2    . DG B 4  ? 0.2553 0.2662 0.3100 -0.0109 -0.0608 -0.0129 4  DG B N2    
290 N N3    . DG B 4  ? 0.2881 0.2997 0.3498 -0.0121 -0.0545 -0.0235 4  DG B N3    
291 C C4    . DG B 4  ? 0.2772 0.2883 0.3329 -0.0128 -0.0484 -0.0277 4  DG B C4    
292 P P     . DG B 5  ? 0.3947 0.4071 0.5187 -0.0150 -0.0326 -0.0469 5  DG B P     
293 O OP1   . DG B 5  ? 0.4823 0.4955 0.6247 -0.0154 -0.0314 -0.0517 5  DG B OP1   
294 O OP2   . DG B 5  ? 0.4694 0.4805 0.5801 -0.0157 -0.0250 -0.0467 5  DG B OP2   
295 O "O5'" . DG B 5  ? 0.4061 0.4183 0.5289 -0.0142 -0.0378 -0.0401 5  DG B "O5'" 
296 C "C5'" . DG B 5  ? 0.3391 0.3522 0.4741 -0.0136 -0.0450 -0.0390 5  DG B "C5'" 
297 C "C4'" . DG B 5  ? 0.2925 0.3050 0.4231 -0.0127 -0.0491 -0.0321 5  DG B "C4'" 
298 O "O4'" . DG B 5  ? 0.2970 0.3093 0.4116 -0.0123 -0.0526 -0.0285 5  DG B "O4'" 
299 C "C3'" . DG B 5  ? 0.2701 0.2813 0.3984 -0.0131 -0.0432 -0.0292 5  DG B "C3'" 
300 O "O3'" . DG B 5  ? 0.2974 0.3087 0.4416 -0.0132 -0.0424 -0.0302 5  DG B "O3'" 
301 C "C2'" . DG B 5  ? 0.3044 0.3151 0.4212 -0.0124 -0.0478 -0.0222 5  DG B "C2'" 
302 C "C1'" . DG B 5  ? 0.2813 0.2925 0.3862 -0.0121 -0.0512 -0.0226 5  DG B "C1'" 
303 N N9    . DG B 5  ? 0.2654 0.2756 0.3549 -0.0126 -0.0455 -0.0226 5  DG B N9    
304 C C8    . DG B 5  ? 0.2505 0.2608 0.3365 -0.0134 -0.0406 -0.0276 5  DG B C8    
305 N N7    . DG B 5  ? 0.2967 0.3059 0.3676 -0.0137 -0.0361 -0.0261 5  DG B N7    
306 C C5    . DG B 5  ? 0.2226 0.2310 0.2865 -0.0131 -0.0382 -0.0197 5  DG B C5    
307 C C6    . DG B 5  ? 0.2164 0.2236 0.2644 -0.0131 -0.0354 -0.0154 5  DG B C6    
308 O O6    . DG B 5  ? 0.2551 0.2615 0.2911 -0.0137 -0.0303 -0.0165 5  DG B O6    
309 N N1    . DG B 5  ? 0.2615 0.2684 0.3075 -0.0124 -0.0391 -0.0092 5  DG B N1    
310 C C2    . DG B 5  ? 0.2527 0.2602 0.3108 -0.0118 -0.0448 -0.0074 5  DG B C2    
311 N N2    . DG B 5  ? 0.2416 0.2487 0.2954 -0.0112 -0.0476 -0.0013 5  DG B N2    
312 N N3    . DG B 5  ? 0.2374 0.2461 0.3106 -0.0118 -0.0475 -0.0113 5  DG B N3    
313 C C4    . DG B 5  ? 0.2396 0.2488 0.3149 -0.0125 -0.0440 -0.0174 5  DG B C4    
314 P P     . DC B 6  ? 0.2925 0.3028 0.4400 -0.0139 -0.0338 -0.0307 6  DC B P     
315 O OP1   . DC B 6  ? 0.3496 0.3603 0.5150 -0.0138 -0.0349 -0.0319 6  DC B OP1   
316 O OP2   . DC B 6  ? 0.3067 0.3167 0.4483 -0.0148 -0.0264 -0.0352 6  DC B OP2   
317 O "O5'" . DC B 6  ? 0.2824 0.2915 0.4168 -0.0136 -0.0333 -0.0238 6  DC B "O5'" 
318 C "C5'" . DC B 6  ? 0.3088 0.3177 0.4460 -0.0127 -0.0393 -0.0185 6  DC B "C5'" 
319 C "C4'" . DC B 6  ? 0.2443 0.2520 0.3669 -0.0125 -0.0380 -0.0124 6  DC B "C4'" 
320 O "O4'" . DC B 6  ? 0.2324 0.2401 0.3391 -0.0123 -0.0401 -0.0110 6  DC B "O4'" 
321 C "C3'" . DC B 6  ? 0.2649 0.2714 0.3830 -0.0133 -0.0290 -0.0127 6  DC B "C3'" 
322 O "O3'" . DC B 6  ? 0.2897 0.2959 0.4195 -0.0135 -0.0269 -0.0120 6  DC B "O3'" 
323 C "C2'" . DC B 6  ? 0.2711 0.2766 0.3711 -0.0130 -0.0295 -0.0070 6  DC B "C2'" 
324 C "C1'" . DC B 6  ? 0.2553 0.2617 0.3478 -0.0126 -0.0348 -0.0078 6  DC B "C1'" 
325 N N1    . DC B 6  ? 0.2389 0.2451 0.3220 -0.0133 -0.0295 -0.0116 6  DC B N1    
326 C C2    . DC B 6  ? 0.2328 0.2379 0.2993 -0.0135 -0.0256 -0.0088 6  DC B C2    
327 O O2    . DC B 6  ? 0.2702 0.2744 0.3300 -0.0131 -0.0267 -0.0031 6  DC B O2    
328 N N3    . DC B 6  ? 0.2262 0.2308 0.2842 -0.0142 -0.0207 -0.0123 6  DC B N3    
329 C C4    . DC B 6  ? 0.2389 0.2444 0.3044 -0.0146 -0.0197 -0.0184 6  DC B C4    
330 N N4    . DC B 6  ? 0.2441 0.2491 0.3005 -0.0152 -0.0149 -0.0217 6  DC B N4    
331 C C5    . DC B 6  ? 0.2215 0.2283 0.3042 -0.0144 -0.0236 -0.0214 6  DC B C5    
332 C C6    . DC B 6  ? 0.2255 0.2326 0.3164 -0.0138 -0.0284 -0.0179 6  DC B C6    
333 P P     . DC B 7  ? 0.2794 0.2847 0.4132 -0.0145 -0.0171 -0.0152 7  DC B P     
334 O OP1   . DC B 7  ? 0.3235 0.3286 0.4710 -0.0144 -0.0170 -0.0140 7  DC B OP1   
335 O OP2   . DC B 7  ? 0.2749 0.2808 0.4112 -0.0152 -0.0135 -0.0217 7  DC B OP2   
336 O "O5'" . DC B 7  ? 0.2585 0.2624 0.3744 -0.0147 -0.0122 -0.0113 7  DC B "O5'" 
337 C "C5'" . DC B 7  ? 0.2612 0.2641 0.3708 -0.0142 -0.0143 -0.0047 7  DC B "C5'" 
338 C "C4'" . DC B 7  ? 0.2497 0.2513 0.3409 -0.0144 -0.0099 -0.0018 7  DC B "C4'" 
339 O "O4'" . DC B 7  ? 0.2590 0.2610 0.3389 -0.0142 -0.0123 -0.0028 7  DC B "O4'" 
340 C "C3'" . DC B 7  ? 0.2392 0.2397 0.3286 -0.0155 -0.0001 -0.0048 7  DC B "C3'" 
341 O "O3'" . DC B 7  ? 0.2678 0.2675 0.3617 -0.0156 0.0032  -0.0021 7  DC B "O3'" 
342 C "C2'" . DC B 7  ? 0.2520 0.2517 0.3220 -0.0156 0.0021  -0.0030 7  DC B "C2'" 
343 C "C1'" . DC B 7  ? 0.2422 0.2431 0.3088 -0.0150 -0.0053 -0.0034 7  DC B "C1'" 
344 N N1    . DC B 7  ? 0.2484 0.2500 0.3153 -0.0155 -0.0031 -0.0095 7  DC B N1    
345 C C2    . DC B 7  ? 0.2397 0.2405 0.2916 -0.0160 0.0014  -0.0103 7  DC B C2    
346 O O2    . DC B 7  ? 0.2481 0.2476 0.2869 -0.0158 0.0034  -0.0060 7  DC B O2    
347 N N3    . DC B 7  ? 0.2418 0.2429 0.2939 -0.0164 0.0033  -0.0158 7  DC B N3    
348 C C4    . DC B 7  ? 0.2176 0.2200 0.2840 -0.0165 0.0010  -0.0204 7  DC B C4    
349 N N4    . DC B 7  ? 0.2500 0.2529 0.3160 -0.0169 0.0032  -0.0258 7  DC B N4    
350 C C5    . DC B 7  ? 0.2141 0.2175 0.2959 -0.0161 -0.0036 -0.0197 7  DC B C5    
351 C C6    . DC B 7  ? 0.2368 0.2396 0.3181 -0.0156 -0.0055 -0.0142 7  DC B C6    
352 P P     . DC B 8  ? 0.2718 0.2707 0.3699 -0.0168 0.0132  -0.0055 8  DC B P     
353 O OP1   . DC B 8  ? 0.2920 0.2899 0.3951 -0.0167 0.0144  -0.0017 8  DC B OP1   
354 O OP2   . DC B 8  ? 0.2827 0.2825 0.3928 -0.0173 0.0151  -0.0123 8  DC B OP2   
355 O "O5'" . DC B 8  ? 0.2726 0.2701 0.3518 -0.0172 0.0186  -0.0046 8  DC B "O5'" 
356 C "C5'" . DC B 8  ? 0.2953 0.2923 0.3726 -0.0181 0.0262  -0.0097 8  DC B "C5'" 
357 C "C4'" . DC B 8  ? 0.3303 0.3263 0.3882 -0.0182 0.0287  -0.0083 8  DC B "C4'" 
358 O "O4'" . DC B 8  ? 0.2994 0.2964 0.3521 -0.0177 0.0226  -0.0090 8  DC B "O4'" 
359 C "C3'" . DC B 8  ? 0.2619 0.2569 0.3155 -0.0193 0.0378  -0.0127 8  DC B "C3'" 
360 O "O3'" . DC B 8  ? 0.2810 0.2744 0.3314 -0.0198 0.0442  -0.0103 8  DC B "O3'" 
361 C "C2'" . DC B 8  ? 0.2779 0.2725 0.3147 -0.0191 0.0366  -0.0120 8  DC B "C2'" 
362 C "C1'" . DC B 8  ? 0.3086 0.3047 0.3487 -0.0182 0.0271  -0.0115 8  DC B "C1'" 
363 N N1    . DC B 8  ? 0.2820 0.2794 0.3297 -0.0185 0.0263  -0.0176 8  DC B N1    
364 C C2    . DC B 8  ? 0.3033 0.3003 0.3400 -0.0189 0.0290  -0.0206 8  DC B C2    
365 O O2    . DC B 8  ? 0.3284 0.3241 0.3495 -0.0189 0.0320  -0.0180 8  DC B O2    
366 N N3    . DC B 8  ? 0.3541 0.3522 0.3977 -0.0191 0.0281  -0.0261 8  DC B N3    
367 C C4    . DC B 8  ? 0.3149 0.3145 0.3754 -0.0190 0.0249  -0.0288 8  DC B C4    
368 N N4    . DC B 8  ? 0.3537 0.3542 0.4203 -0.0193 0.0242  -0.0344 8  DC B N4    
369 C C5    . DC B 8  ? 0.2387 0.2386 0.3104 -0.0186 0.0221  -0.0259 8  DC B C5    
370 C C6    . DC B 8  ? 0.2712 0.2701 0.3360 -0.0184 0.0230  -0.0204 8  DC B C6    
371 P P     . DA B 9  ? 0.3015 0.2939 0.3554 -0.0209 0.0543  -0.0151 9  DA B P     
372 O OP1   . DA B 9  ? 0.3355 0.3264 0.3862 -0.0211 0.0590  -0.0112 9  DA B OP1   
373 O OP2   . DA B 9  ? 0.3560 0.3497 0.4272 -0.0212 0.0543  -0.0207 9  DA B OP2   
374 O "O5'" . DA B 9  ? 0.3091 0.3006 0.3475 -0.0212 0.0579  -0.0172 9  DA B "O5'" 
375 C "C5'" . DA B 9  ? 0.3247 0.3148 0.3449 -0.0210 0.0588  -0.0128 9  DA B "C5'" 
376 C "C4'" . DA B 9  ? 0.3304 0.3198 0.3385 -0.0215 0.0623  -0.0159 9  DA B "C4'" 
377 O "O4'" . DA B 9  ? 0.3269 0.3178 0.3348 -0.0209 0.0555  -0.0175 9  DA B "O4'" 
378 C "C3'" . DA B 9  ? 0.3332 0.3222 0.3473 -0.0225 0.0702  -0.0222 9  DA B "C3'" 
379 O "O3'" . DA B 9  ? 0.3366 0.3236 0.3443 -0.0231 0.0782  -0.0210 9  DA B "O3'" 
380 C "C2'" . DA B 9  ? 0.3041 0.2931 0.3093 -0.0225 0.0695  -0.0254 9  DA B "C2'" 
381 C "C1'" . DA B 9  ? 0.3112 0.3019 0.3179 -0.0216 0.0594  -0.0233 9  DA B "C1'" 
382 N N9    . DA B 9  ? 0.3070 0.2996 0.3296 -0.0215 0.0559  -0.0277 9  DA B N9    
383 C C8    . DA B 9  ? 0.3153 0.3091 0.3541 -0.0213 0.0524  -0.0276 9  DA B C8    
384 N N7    . DA B 9  ? 0.2688 0.2642 0.3191 -0.0212 0.0496  -0.0323 9  DA B N7    
385 C C5    . DA B 9  ? 0.2738 0.2688 0.3149 -0.0216 0.0514  -0.0356 9  DA B C5    
386 C C6    . DA B 9  ? 0.2997 0.2959 0.3458 -0.0218 0.0501  -0.0409 9  DA B C6    
387 N N6    . DA B 9  ? 0.3098 0.3075 0.3720 -0.0216 0.0464  -0.0441 9  DA B N6    
388 N N1    . DA B 9  ? 0.3467 0.3421 0.3803 -0.0221 0.0526  -0.0431 9  DA B N1    
389 C C2    . DA B 9  ? 0.3174 0.3109 0.3347 -0.0222 0.0563  -0.0399 9  DA B C2    
390 N N3    . DA B 9  ? 0.2966 0.2891 0.3078 -0.0220 0.0579  -0.0348 9  DA B N3    
391 C C4    . DA B 9  ? 0.2936 0.2869 0.3175 -0.0217 0.0553  -0.0329 9  DA B C4    
392 P P     . DC B 10 ? 0.3543 0.3407 0.3734 -0.0241 0.0866  -0.0258 10 DC B P     
393 O OP1   . DC B 10 ? 0.4217 0.4061 0.4327 -0.0246 0.0933  -0.0227 10 DC B OP1   
394 O OP2   . DC B 10 ? 0.3735 0.3617 0.4120 -0.0240 0.0833  -0.0278 10 DC B OP2   
395 O "O5'" . DC B 10 ? 0.3132 0.2994 0.3286 -0.0248 0.0908  -0.0318 10 DC B "O5'" 
396 C "C5'" . DC B 10 ? 0.3352 0.3196 0.3328 -0.0250 0.0946  -0.0313 10 DC B "C5'" 
397 C "C4'" . DC B 10 ? 0.3124 0.2970 0.3085 -0.0253 0.0961  -0.0370 10 DC B "C4'" 
398 O "O4'" . DC B 10 ? 0.3309 0.3174 0.3302 -0.0246 0.0874  -0.0373 10 DC B "O4'" 
399 C "C3'" . DC B 10 ? 0.3139 0.2988 0.3243 -0.0262 0.1015  -0.0432 10 DC B "C3'" 
400 O "O3'" . DC B 10 ? 0.3465 0.3294 0.3514 -0.0270 0.1110  -0.0446 10 DC B "O3'" 
401 C "C2'" . DC B 10 ? 0.3155 0.3013 0.3258 -0.0261 0.0987  -0.0477 10 DC B "C2'" 
402 C "C1'" . DC B 10 ? 0.3470 0.3343 0.3547 -0.0251 0.0887  -0.0438 10 DC B "C1'" 
403 N N1    . DC B 10 ? 0.2969 0.2865 0.3218 -0.0247 0.0825  -0.0451 10 DC B N1    
404 C C2    . DC B 10 ? 0.3379 0.3288 0.3691 -0.0246 0.0792  -0.0497 10 DC B C2    
405 O O2    . DC B 10 ? 0.3370 0.3273 0.3592 -0.0248 0.0814  -0.0526 10 DC B O2    
406 N N3    . DC B 10 ? 0.3025 0.2954 0.3493 -0.0242 0.0736  -0.0508 10 DC B N3    
407 C C4    . DC B 10 ? 0.2900 0.2835 0.3460 -0.0239 0.0714  -0.0476 10 DC B C4    
408 N N4    . DC B 10 ? 0.2853 0.2807 0.3566 -0.0235 0.0658  -0.0489 10 DC B N4    
409 C C5    . DC B 10 ? 0.2850 0.2770 0.3348 -0.0239 0.0747  -0.0428 10 DC B C5    
410 C C6    . DC B 10 ? 0.2889 0.2789 0.3232 -0.0244 0.0802  -0.0417 10 DC B C6    
# 
